data_7T76
#
_entry.id   7T76
#
loop_
_entity.id
_entity.type
_entity.pdbx_description
1 polymer 'HIV Envelope ApexGT3 gp120'
2 polymer 'HIV Envelope ApexGT3 gp41'
3 polymer 'PG9.iGL Fab Light Chain'
4 polymer 'PG9.iGL Fab Heavy Chain'
5 branched 2-acetamido-2-deoxy-beta-D-glucopyranose-(1-4)-2-acetamido-2-deoxy-beta-D-glucopyranose
6 branched alpha-D-mannopyranose-(1-3)-[alpha-D-mannopyranose-(1-6)]beta-D-mannopyranose-(1-4)-2-acetamido-2-deoxy-beta-D-glucopyranose-(1-4)-2-acetamido-2-deoxy-beta-D-glucopyranose
7 branched alpha-D-mannopyranose-(1-3)-beta-D-mannopyranose-(1-4)-2-acetamido-2-deoxy-beta-D-glucopyranose-(1-4)-2-acetamido-2-deoxy-beta-D-glucopyranose
8 branched alpha-D-mannopyranose-(1-6)-alpha-D-mannopyranose-(1-6)-[alpha-D-mannopyranose-(1-3)]beta-D-mannopyranose-(1-4)-2-acetamido-2-deoxy-beta-D-glucopyranose-(1-4)-2-acetamido-2-deoxy-beta-D-glucopyranose
9 branched alpha-D-mannopyranose-(1-3)-[alpha-D-mannopyranose-(1-6)]alpha-D-mannopyranose-(1-6)-[alpha-D-mannopyranose-(1-3)]beta-D-mannopyranose-(1-4)-2-acetamido-2-deoxy-beta-D-glucopyranose-(1-4)-2-acetamido-2-deoxy-beta-D-glucopyranose
10 non-polymer 2-acetamido-2-deoxy-beta-D-glucopyranose
#
loop_
_entity_poly.entity_id
_entity_poly.type
_entity_poly.pdbx_seq_one_letter_code
_entity_poly.pdbx_strand_id
1 'polypeptide(L)'
;MGILPSPGMPALLSLVSLLSVLLMGCVAETGAENLWVTVYYGVPVWKDAETTLFCASDAKAYETEKHNVWATHACVPTDP
NPQEIHLENVTEEFNMWKNNMVEQMHEDIISLWDQSLKPCVKLTPLCVTLQCTNVTNNITDDMRGELKNCSFNATTELRN
KRVKRYSLFYRLDIVQIDSNRAKSHYRLINCNTSAITQACPKVSFEPIPIHYCAPAGFAILKCKDKKFNGTGPCPSVSTV
QCTHGIKPVVSTQLLLNGSLAEEEVIIRSENITNNAKNILVQLNTPVQINCTRPNNNTVKSIRIGPGQAFYYTGDIIGDI
RQAHCNVSKATWNETLGKVVKQLRKHFGNNTIIRFAQSSGGDLEVTTHSFNCGGEFFYCNTSGLFNSTWISNTSVQGSNS
TGSNDSITLPCRIKQIINMWQRIGQAMYAPPIQGVIRCVSNITGLILTRDGGSTNSTTETFRPGGGDMRDNWRSELYKYK
VVKIEPLGVAPTRCKRRVVGRRRRRR
;
A,C,E
2 'polypeptide(L)'
;AVGIGAVSLGFLGAAGSTMGAASMTLTVQARNLLSGIVQQQSNLLRAPEPQQHLLKDTHWGIKQLQARVLAVEHYLRDQQ
LLGIWGCSGKLICCTNVPWNSSWSNRNLSEIWDNMTWLQWDKEISNYTQIIYGLLEESQNQQEKNEQDLLALDGTKHHHH
HH
;
D,F,B
3 'polypeptide(L)'
;MLNSTSLFRFLFCAVTDPSCDRRLPEINMYRMQLLSCIALSLALVTNSQSALTQPASVSGSPGQSITISCTGTSSDVGGY
NYVSWYQQHPGKAPKLMIYEVSNRPSGVSNRFSGSKSGNTASLTISGLQAEDEADYYCSSYTSSSTVVFGGGTKLTVLGQ
PKAAPSVTLFPPSSEELQANKATLVCLISDFYPGAVTVAWKADSSPVKAGVETTTPSKQSNNKYAASSYLSLTPEQWKSH
RSYSCQVTHEGSTVEKTVAPTECS
;
L
4 'polypeptide(L)'
;MYRMQLLSCIALSLALVTNSQVQLVESGGGVVQPGRSLRLSCAASGFTFSSYGMHWVRQAPGKGLEWVAVISYDGSNKYY
ADSVKGRFTISRDNSKNTLYLQMNSLRAEDTAVYYCAREAGGPDYRNG(TYS)NY(TYS)DFWSGYYYYYYMDVWGKGTT
VTVSSASTKGPSVFPLAPSSKSTSGGTAALGCLVKDYFPEPVTVSWNSGALTSGVHTFPAVLQSSGLYSLSSVVTVPSSS
LGTQTYICNVNHKPSNTKVDKKVEPKSC
;
H
#
loop_
_chem_comp.id
_chem_comp.type
_chem_comp.name
_chem_comp.formula
BMA D-saccharide, beta linking beta-D-mannopyranose 'C6 H12 O6'
MAN D-saccharide, alpha linking alpha-D-mannopyranose 'C6 H12 O6'
NAG D-saccharide, beta linking 2-acetamido-2-deoxy-beta-D-glucopyranose 'C8 H15 N O6'
#
# COMPACT_ATOMS: atom_id res chain seq x y z
N GLU A 33 39.73 41.11 34.52
CA GLU A 33 38.86 42.23 34.21
C GLU A 33 37.97 41.94 32.99
N ASN A 34 38.62 41.60 31.84
CA ASN A 34 37.99 41.32 30.55
C ASN A 34 37.12 40.11 30.60
N LEU A 35 35.96 40.20 29.97
CA LEU A 35 35.08 39.07 29.99
C LEU A 35 35.36 38.22 28.78
N TRP A 36 35.25 36.94 28.98
CA TRP A 36 35.44 35.94 27.98
C TRP A 36 34.16 35.29 27.55
N VAL A 37 34.17 34.78 26.34
CA VAL A 37 33.01 34.08 25.83
C VAL A 37 32.83 32.83 26.65
N THR A 38 31.63 32.59 27.12
CA THR A 38 31.36 31.38 27.88
C THR A 38 30.11 30.72 27.38
N VAL A 39 30.01 29.45 27.67
CA VAL A 39 28.90 28.66 27.17
C VAL A 39 28.08 28.01 28.24
N TYR A 40 26.79 28.23 28.15
CA TYR A 40 25.85 27.64 29.08
C TYR A 40 24.91 26.70 28.36
N TYR A 41 24.84 25.48 28.85
CA TYR A 41 23.95 24.51 28.25
C TYR A 41 22.91 24.09 29.26
N GLY A 42 21.66 24.16 28.85
CA GLY A 42 20.53 23.87 29.73
C GLY A 42 19.79 25.19 29.98
N VAL A 43 19.91 26.08 29.03
CA VAL A 43 19.30 27.39 29.04
C VAL A 43 17.81 27.38 28.70
N PRO A 44 16.93 28.00 29.50
CA PRO A 44 15.50 28.05 29.27
C PRO A 44 15.05 29.05 28.20
N VAL A 45 15.40 28.79 26.95
CA VAL A 45 15.05 29.67 25.81
C VAL A 45 14.17 29.05 24.72
N TRP A 46 13.14 29.80 24.37
CA TRP A 46 12.12 29.44 23.39
C TRP A 46 12.23 30.04 22.02
N LYS A 47 11.81 29.27 21.03
CA LYS A 47 11.69 29.78 19.68
C LYS A 47 10.34 29.43 19.09
N ASP A 48 9.82 30.35 18.30
CA ASP A 48 8.57 30.11 17.60
C ASP A 48 8.89 29.11 16.51
N ALA A 49 8.27 27.94 16.55
CA ALA A 49 8.61 26.89 15.62
C ALA A 49 7.44 25.98 15.35
N GLU A 50 7.44 25.36 14.18
CA GLU A 50 6.37 24.43 13.87
C GLU A 50 6.81 23.02 13.62
N THR A 51 6.19 22.13 14.35
CA THR A 51 6.39 20.70 14.26
C THR A 51 5.06 20.03 14.38
N THR A 52 5.02 18.71 14.30
CA THR A 52 3.73 18.07 14.46
C THR A 52 3.55 17.64 15.90
N LEU A 53 2.40 17.11 16.20
CA LEU A 53 2.05 16.73 17.55
C LEU A 53 1.61 15.29 17.65
N PHE A 54 1.79 14.72 18.82
CA PHE A 54 1.33 13.40 19.15
C PHE A 54 -0.12 13.41 19.55
N CYS A 55 -0.86 12.34 19.18
CA CYS A 55 -2.25 12.09 19.56
C CYS A 55 -2.27 11.28 20.83
N ALA A 56 -2.99 11.77 21.84
CA ALA A 56 -3.21 10.97 23.02
C ALA A 56 -4.72 10.92 23.24
N SER A 57 -5.23 9.75 23.57
CA SER A 57 -6.66 9.53 23.73
C SER A 57 -7.07 9.77 25.18
N ASP A 58 -8.35 9.48 25.52
CA ASP A 58 -8.98 9.70 26.83
C ASP A 58 -9.09 8.36 27.59
N HIS A 67 -14.45 0.48 18.11
CA HIS A 67 -13.68 1.69 18.33
C HIS A 67 -14.37 2.93 17.70
N ASN A 68 -13.73 4.11 17.87
CA ASN A 68 -14.20 5.40 17.37
C ASN A 68 -13.40 5.78 16.13
N VAL A 69 -13.79 6.89 15.52
CA VAL A 69 -13.03 7.47 14.40
C VAL A 69 -11.70 8.03 14.85
N TRP A 70 -11.69 8.68 15.99
CA TRP A 70 -10.48 9.32 16.46
C TRP A 70 -9.71 8.48 17.46
N ALA A 71 -10.43 7.80 18.34
CA ALA A 71 -9.75 6.99 19.34
C ALA A 71 -9.49 5.61 18.76
N THR A 72 -8.56 5.58 17.84
CA THR A 72 -8.17 4.43 17.09
C THR A 72 -6.96 3.88 17.78
N HIS A 73 -6.46 2.76 17.30
CA HIS A 73 -5.28 2.16 17.88
C HIS A 73 -4.04 3.04 17.66
N ALA A 74 -4.08 3.92 16.65
CA ALA A 74 -2.93 4.77 16.35
C ALA A 74 -2.99 6.07 17.16
N CYS A 75 -2.96 5.96 18.51
CA CYS A 75 -3.08 7.08 19.43
C CYS A 75 -2.57 6.61 20.82
N VAL A 76 -1.81 7.48 21.46
CA VAL A 76 -1.13 7.30 22.74
C VAL A 76 -2.07 7.29 23.96
N PRO A 77 -1.86 6.45 24.97
CA PRO A 77 -2.65 6.43 26.19
C PRO A 77 -2.66 7.81 26.85
N THR A 78 -3.75 8.09 27.54
CA THR A 78 -4.00 9.35 28.20
C THR A 78 -2.89 9.76 29.12
N ASP A 79 -2.49 11.03 29.03
CA ASP A 79 -1.44 11.55 29.88
C ASP A 79 -1.87 11.43 31.34
N PRO A 80 -1.22 10.60 32.17
CA PRO A 80 -1.57 10.39 33.56
C PRO A 80 -1.28 11.61 34.43
N ASN A 81 -0.46 12.52 33.93
CA ASN A 81 -0.10 13.68 34.71
C ASN A 81 0.13 14.91 33.87
N PRO A 82 -0.89 15.74 33.63
CA PRO A 82 -0.81 16.94 32.83
C PRO A 82 -0.15 17.99 33.72
N GLN A 83 1.15 17.81 33.90
CA GLN A 83 1.87 18.61 34.88
C GLN A 83 2.14 19.99 34.37
N GLU A 84 1.22 20.88 34.69
CA GLU A 84 1.31 22.26 34.28
C GLU A 84 2.22 23.05 35.18
N ILE A 85 3.15 23.79 34.57
CA ILE A 85 4.08 24.62 35.32
C ILE A 85 3.92 26.10 35.03
N HIS A 86 3.49 26.86 36.02
CA HIS A 86 3.29 28.29 35.82
C HIS A 86 4.60 29.02 35.74
N LEU A 87 4.70 29.99 34.84
CA LEU A 87 5.94 30.73 34.70
C LEU A 87 5.92 32.14 35.25
N GLU A 88 6.74 32.36 36.24
CA GLU A 88 6.83 33.66 36.85
C GLU A 88 7.57 34.61 35.92
N ASN A 89 7.13 35.89 35.84
CA ASN A 89 7.72 36.99 35.07
C ASN A 89 7.85 36.69 33.55
N VAL A 90 6.86 35.99 32.94
CA VAL A 90 6.86 35.69 31.50
C VAL A 90 5.65 36.22 30.78
N THR A 91 5.90 37.03 29.77
CA THR A 91 4.84 37.55 28.94
C THR A 91 5.18 37.23 27.51
N GLU A 92 4.22 36.66 26.79
CA GLU A 92 4.44 36.31 25.38
C GLU A 92 3.26 36.68 24.53
N GLU A 93 3.52 36.98 23.26
CA GLU A 93 2.46 37.29 22.31
C GLU A 93 2.01 36.07 21.57
N PHE A 94 0.71 35.83 21.61
CA PHE A 94 0.16 34.64 21.00
C PHE A 94 -0.84 34.97 19.97
N ASN A 95 -0.42 35.21 18.76
CA ASN A 95 -1.41 35.56 17.79
C ASN A 95 -2.01 34.30 17.22
N MET A 96 -3.32 34.18 17.33
CA MET A 96 -3.99 33.02 16.80
C MET A 96 -4.22 33.38 15.34
N TRP A 97 -4.73 32.44 14.56
CA TRP A 97 -4.89 32.60 13.11
C TRP A 97 -3.52 32.60 12.43
N LYS A 98 -2.51 32.24 13.19
CA LYS A 98 -1.11 32.10 12.81
C LYS A 98 -0.69 30.77 13.41
N ASN A 99 -1.61 30.25 14.19
CA ASN A 99 -1.43 29.05 14.98
C ASN A 99 -1.65 27.83 14.14
N ASN A 100 -0.59 27.13 13.82
CA ASN A 100 -0.73 26.05 12.88
C ASN A 100 -1.09 24.74 13.53
N MET A 101 -1.41 24.81 14.82
CA MET A 101 -1.91 23.64 15.51
C MET A 101 -3.28 23.36 14.91
N VAL A 102 -3.91 24.41 14.38
CA VAL A 102 -5.22 24.29 13.80
C VAL A 102 -5.13 23.48 12.57
N GLU A 103 -4.13 23.76 11.76
CA GLU A 103 -3.98 23.08 10.52
C GLU A 103 -3.66 21.64 10.77
N GLN A 104 -2.89 21.37 11.82
CA GLN A 104 -2.59 19.98 12.08
C GLN A 104 -3.84 19.24 12.52
N MET A 105 -4.68 19.88 13.34
CA MET A 105 -5.89 19.21 13.79
C MET A 105 -6.82 18.96 12.60
N HIS A 106 -6.85 19.92 11.66
CA HIS A 106 -7.67 19.86 10.47
C HIS A 106 -7.24 18.67 9.63
N GLU A 107 -5.95 18.53 9.41
CA GLU A 107 -5.52 17.41 8.61
C GLU A 107 -5.80 16.10 9.31
N ASP A 108 -5.66 16.06 10.64
CA ASP A 108 -5.90 14.80 11.32
C ASP A 108 -7.34 14.37 11.20
N ILE A 109 -8.29 15.29 11.30
CA ILE A 109 -9.65 14.80 11.21
C ILE A 109 -9.96 14.28 9.84
N ILE A 110 -9.41 14.91 8.82
CA ILE A 110 -9.72 14.46 7.51
C ILE A 110 -9.15 13.08 7.29
N SER A 111 -7.90 12.86 7.70
CA SER A 111 -7.30 11.57 7.51
C SER A 111 -8.02 10.49 8.29
N LEU A 112 -8.46 10.79 9.50
CA LEU A 112 -9.14 9.80 10.30
C LEU A 112 -10.45 9.40 9.69
N TRP A 113 -11.20 10.34 9.14
CA TRP A 113 -12.43 9.96 8.50
C TRP A 113 -12.16 9.05 7.35
N ASP A 114 -11.14 9.36 6.55
CA ASP A 114 -10.87 8.53 5.41
C ASP A 114 -10.42 7.15 5.83
N GLN A 115 -9.65 7.03 6.90
CA GLN A 115 -9.23 5.71 7.32
C GLN A 115 -10.41 4.88 7.76
N SER A 116 -11.37 5.51 8.45
CA SER A 116 -12.52 4.78 8.91
C SER A 116 -13.47 4.39 7.80
N LEU A 117 -13.67 5.26 6.80
CA LEU A 117 -14.60 4.93 5.73
C LEU A 117 -14.01 4.00 4.68
N LYS A 118 -12.70 4.06 4.48
CA LYS A 118 -12.02 3.27 3.47
C LYS A 118 -12.49 1.80 3.31
N PRO A 119 -12.62 0.97 4.36
CA PRO A 119 -13.02 -0.43 4.24
C PRO A 119 -14.54 -0.72 4.15
N CYS A 120 -15.40 0.32 4.03
CA CYS A 120 -16.85 0.23 4.07
C CYS A 120 -17.43 -0.09 2.69
N VAL A 121 -18.62 -0.64 2.71
CA VAL A 121 -19.37 -0.97 1.51
C VAL A 121 -19.77 0.30 0.75
N LYS A 122 -19.55 0.26 -0.54
CA LYS A 122 -19.82 1.34 -1.45
C LYS A 122 -21.26 1.29 -1.90
N LEU A 123 -21.79 2.40 -2.38
CA LEU A 123 -23.16 2.42 -2.86
C LEU A 123 -23.22 2.51 -4.38
N THR A 124 -22.14 2.11 -5.04
CA THR A 124 -22.15 2.15 -6.48
C THR A 124 -23.19 1.22 -7.11
N PRO A 125 -23.47 0.01 -6.58
CA PRO A 125 -24.47 -0.88 -7.13
C PRO A 125 -25.87 -0.33 -6.95
N LEU A 126 -26.01 0.73 -6.17
CA LEU A 126 -27.31 1.35 -5.98
C LEU A 126 -27.57 2.54 -6.93
N CYS A 127 -26.61 2.90 -7.82
CA CYS A 127 -26.73 4.01 -8.76
C CYS A 127 -27.49 3.56 -10.00
N VAL A 128 -28.78 3.42 -9.79
CA VAL A 128 -29.78 3.00 -10.76
C VAL A 128 -30.92 3.98 -10.69
N THR A 129 -31.83 3.97 -11.64
CA THR A 129 -32.94 4.86 -11.45
C THR A 129 -33.96 4.27 -10.51
N LEU A 130 -34.78 5.11 -9.94
CA LEU A 130 -35.81 4.68 -9.03
C LEU A 130 -37.20 5.17 -9.39
N GLN A 131 -38.16 4.33 -9.09
CA GLN A 131 -39.55 4.67 -9.26
C GLN A 131 -40.08 5.16 -7.92
N CYS A 132 -40.30 6.49 -7.78
CA CYS A 132 -40.67 7.12 -6.52
C CYS A 132 -42.05 7.75 -6.57
N THR A 133 -42.73 7.65 -5.43
CA THR A 133 -44.00 8.28 -5.15
C THR A 133 -43.96 8.88 -3.72
N ASN A 134 -45.01 9.63 -3.31
CA ASN A 134 -45.14 10.21 -1.97
C ASN A 134 -45.53 9.12 -0.96
N VAL A 135 -44.68 8.88 0.09
CA VAL A 135 -44.99 7.84 1.10
C VAL A 135 -46.04 8.45 2.01
N THR A 136 -47.05 7.70 2.41
CA THR A 136 -48.05 8.33 3.26
C THR A 136 -48.25 7.67 4.61
N ASN A 137 -48.15 8.48 5.65
CA ASN A 137 -48.40 8.10 7.04
C ASN A 137 -48.68 9.35 7.91
N ASN A 138 -49.89 9.96 7.74
CA ASN A 138 -50.37 11.17 8.44
C ASN A 138 -49.36 12.35 8.42
N ILE A 139 -48.85 12.66 7.21
CA ILE A 139 -47.87 13.71 6.92
C ILE A 139 -48.60 15.04 6.74
N THR A 140 -48.10 16.08 7.40
CA THR A 140 -48.69 17.40 7.33
C THR A 140 -48.28 18.08 6.03
N ASP A 141 -48.94 19.20 5.72
CA ASP A 141 -48.68 19.95 4.48
C ASP A 141 -47.29 20.54 4.39
N ASP A 142 -46.61 20.62 5.52
CA ASP A 142 -45.29 21.20 5.60
C ASP A 142 -44.24 20.21 5.16
N MET A 143 -44.51 18.93 5.36
CA MET A 143 -43.59 17.85 5.04
C MET A 143 -44.07 17.10 3.83
N ARG A 144 -45.12 17.59 3.23
CA ARG A 144 -45.72 16.86 2.16
C ARG A 144 -44.81 16.84 0.96
N GLY A 145 -44.51 15.64 0.49
CA GLY A 145 -43.63 15.41 -0.65
C GLY A 145 -42.15 15.38 -0.24
N GLU A 146 -41.86 15.56 1.04
CA GLU A 146 -40.49 15.58 1.54
C GLU A 146 -39.89 14.18 1.60
N LEU A 147 -40.71 13.19 1.92
CA LEU A 147 -40.21 11.85 2.07
C LEU A 147 -40.80 10.95 0.99
N LYS A 148 -39.92 10.26 0.27
CA LYS A 148 -40.38 9.42 -0.82
C LYS A 148 -40.30 7.92 -0.55
N ASN A 149 -41.27 7.19 -1.16
CA ASN A 149 -41.39 5.74 -1.24
C ASN A 149 -40.83 5.33 -2.61
N CYS A 150 -39.59 4.79 -2.63
CA CYS A 150 -38.87 4.50 -3.88
C CYS A 150 -38.54 3.03 -4.04
N SER A 151 -38.61 2.58 -5.29
CA SER A 151 -38.20 1.22 -5.60
C SER A 151 -37.17 1.17 -6.69
N PHE A 152 -36.38 0.12 -6.63
CA PHE A 152 -35.30 -0.08 -7.60
C PHE A 152 -35.00 -1.56 -7.79
N ASN A 153 -34.28 -1.90 -8.89
CA ASN A 153 -33.82 -3.26 -9.18
C ASN A 153 -32.42 -3.47 -8.59
N ALA A 154 -32.37 -4.25 -7.50
CA ALA A 154 -31.23 -4.55 -6.66
C ALA A 154 -30.47 -5.78 -7.10
N THR A 155 -29.18 -5.77 -6.88
CA THR A 155 -28.36 -6.94 -7.11
C THR A 155 -28.40 -7.76 -5.84
N THR A 156 -28.46 -9.08 -5.97
CA THR A 156 -28.46 -9.97 -4.81
C THR A 156 -27.10 -10.61 -4.64
N GLU A 157 -26.95 -11.49 -3.64
CA GLU A 157 -25.64 -12.08 -3.34
C GLU A 157 -25.03 -12.70 -4.57
N LEU A 158 -25.85 -13.31 -5.38
CA LEU A 158 -25.36 -13.88 -6.62
C LEU A 158 -25.66 -12.84 -7.66
N ARG A 159 -24.63 -12.48 -8.39
CA ARG A 159 -24.70 -11.37 -9.33
C ARG A 159 -25.63 -11.58 -10.50
N ASN A 160 -26.02 -12.82 -10.77
CA ASN A 160 -26.86 -13.06 -11.90
C ASN A 160 -28.34 -13.02 -11.54
N LYS A 161 -28.67 -12.59 -10.33
CA LYS A 161 -30.04 -12.47 -9.91
C LYS A 161 -30.36 -11.04 -9.50
N ARG A 162 -31.54 -10.57 -9.89
CA ARG A 162 -31.97 -9.22 -9.56
C ARG A 162 -33.34 -9.27 -8.92
N VAL A 163 -33.58 -8.37 -7.98
CA VAL A 163 -34.89 -8.29 -7.33
C VAL A 163 -35.38 -6.86 -7.21
N LYS A 164 -36.68 -6.68 -7.05
CA LYS A 164 -37.20 -5.34 -6.81
C LYS A 164 -37.27 -5.08 -5.32
N ARG A 165 -36.76 -3.94 -4.89
CA ARG A 165 -36.78 -3.57 -3.49
C ARG A 165 -37.26 -2.17 -3.24
N TYR A 166 -37.74 -1.94 -2.02
CA TYR A 166 -38.17 -0.63 -1.57
C TYR A 166 -37.39 -0.10 -0.40
N SER A 167 -37.26 1.22 -0.37
CA SER A 167 -36.63 1.96 0.72
C SER A 167 -37.13 3.40 0.76
N LEU A 168 -36.88 4.10 1.86
CA LEU A 168 -37.27 5.51 1.89
C LEU A 168 -36.11 6.45 1.73
N PHE A 169 -36.39 7.57 1.06
CA PHE A 169 -35.42 8.63 0.85
C PHE A 169 -35.94 10.00 1.17
N TYR A 170 -35.05 10.86 1.59
CA TYR A 170 -35.45 12.24 1.80
C TYR A 170 -35.28 12.96 0.49
N ARG A 171 -36.10 13.95 0.23
CA ARG A 171 -36.03 14.72 -0.99
C ARG A 171 -34.63 15.25 -1.28
N LEU A 172 -33.88 15.63 -0.27
CA LEU A 172 -32.56 16.22 -0.45
C LEU A 172 -31.49 15.25 -0.93
N ASP A 173 -31.80 13.96 -0.94
CA ASP A 173 -30.87 12.95 -1.35
C ASP A 173 -31.04 12.53 -2.80
N ILE A 174 -32.14 12.91 -3.41
CA ILE A 174 -32.46 12.40 -4.74
C ILE A 174 -32.84 13.47 -5.74
N VAL A 175 -32.63 13.17 -7.01
CA VAL A 175 -33.00 14.07 -8.07
C VAL A 175 -33.77 13.38 -9.18
N GLN A 176 -34.51 14.15 -9.95
CA GLN A 176 -35.31 13.61 -11.06
C GLN A 176 -34.72 13.83 -12.42
N ILE A 177 -35.43 13.29 -13.39
CA ILE A 177 -35.20 13.51 -14.80
C ILE A 177 -36.52 14.11 -15.26
N ASP A 178 -36.49 15.26 -15.91
CA ASP A 178 -37.73 15.91 -16.33
C ASP A 178 -38.28 15.52 -17.70
N SER A 179 -37.42 15.57 -18.70
CA SER A 179 -37.78 15.35 -20.09
C SER A 179 -37.90 13.91 -20.54
N ASN A 180 -37.31 12.97 -19.81
CA ASN A 180 -37.30 11.60 -20.27
C ASN A 180 -38.55 10.82 -19.90
N ARG A 181 -39.64 11.15 -20.56
CA ARG A 181 -40.96 10.50 -20.47
C ARG A 181 -41.76 10.76 -19.19
N ALA A 182 -41.16 10.51 -18.04
CA ALA A 182 -41.88 10.58 -16.79
C ALA A 182 -40.99 11.02 -15.65
N LYS A 183 -41.63 11.48 -14.58
CA LYS A 183 -40.89 11.98 -13.45
C LYS A 183 -40.42 10.93 -12.46
N SER A 184 -41.00 9.74 -12.46
CA SER A 184 -40.56 8.73 -11.49
C SER A 184 -39.35 7.95 -12.00
N HIS A 185 -38.27 8.68 -12.25
CA HIS A 185 -36.99 8.19 -12.73
C HIS A 185 -35.89 8.91 -11.98
N TYR A 186 -35.88 8.67 -10.70
CA TYR A 186 -35.02 9.32 -9.75
C TYR A 186 -33.68 8.68 -9.67
N ARG A 187 -32.70 9.43 -9.27
CA ARG A 187 -31.37 8.89 -9.08
C ARG A 187 -30.77 9.51 -7.84
N LEU A 188 -29.76 8.88 -7.28
CA LEU A 188 -29.18 9.49 -6.11
C LEU A 188 -28.47 10.74 -6.57
N ILE A 189 -28.56 11.78 -5.77
CA ILE A 189 -28.01 13.08 -6.09
C ILE A 189 -26.53 13.11 -6.40
N ASN A 190 -25.75 12.22 -5.81
CA ASN A 190 -24.32 12.20 -6.09
C ASN A 190 -23.73 11.05 -6.92
N CYS A 191 -24.55 10.33 -7.75
CA CYS A 191 -24.03 9.23 -8.62
C CYS A 191 -23.27 9.79 -9.82
N ASN A 192 -23.27 11.10 -9.95
CA ASN A 192 -22.53 11.78 -11.01
C ASN A 192 -21.11 12.18 -10.56
N THR A 193 -20.72 11.90 -9.29
CA THR A 193 -19.42 12.23 -8.72
C THR A 193 -18.88 11.01 -8.06
N SER A 194 -17.82 11.21 -7.34
CA SER A 194 -17.11 10.16 -6.68
C SER A 194 -18.07 9.31 -5.91
N ALA A 195 -17.83 8.01 -5.97
CA ALA A 195 -18.72 7.05 -5.38
C ALA A 195 -19.04 7.37 -3.96
N ILE A 196 -20.33 7.24 -3.69
CA ILE A 196 -20.87 7.47 -2.40
C ILE A 196 -20.53 6.23 -1.61
N THR A 197 -19.90 6.38 -0.46
CA THR A 197 -19.54 5.22 0.35
C THR A 197 -19.99 5.39 1.79
N GLN A 198 -20.51 4.32 2.39
CA GLN A 198 -20.81 4.29 3.82
C GLN A 198 -21.37 2.99 4.26
N ALA A 199 -20.83 2.51 5.35
CA ALA A 199 -21.30 1.35 6.04
C ALA A 199 -20.62 1.43 7.42
N CYS A 200 -20.03 0.31 7.90
CA CYS A 200 -19.27 0.19 9.14
C CYS A 200 -20.08 0.82 10.31
N PRO A 201 -21.33 0.39 10.54
CA PRO A 201 -22.26 0.93 11.51
C PRO A 201 -21.74 0.79 12.94
N LYS A 202 -20.77 -0.08 13.11
CA LYS A 202 -20.14 -0.36 14.37
C LYS A 202 -19.21 0.76 14.81
N VAL A 203 -18.82 1.64 13.89
CA VAL A 203 -17.89 2.71 14.17
C VAL A 203 -18.57 3.89 14.79
N SER A 204 -18.02 4.38 15.87
CA SER A 204 -18.58 5.54 16.52
C SER A 204 -18.02 6.87 16.05
N PHE A 205 -18.95 7.77 15.79
CA PHE A 205 -18.66 9.09 15.30
C PHE A 205 -18.86 10.13 16.37
N GLU A 206 -18.93 9.59 17.59
CA GLU A 206 -19.06 10.48 18.76
C GLU A 206 -17.75 11.25 18.90
N PRO A 207 -17.76 12.60 18.98
CA PRO A 207 -16.55 13.39 19.02
C PRO A 207 -15.81 13.32 20.34
N ILE A 208 -15.22 12.17 20.60
CA ILE A 208 -14.45 11.91 21.79
C ILE A 208 -13.25 12.85 21.78
N PRO A 209 -12.93 13.54 22.88
CA PRO A 209 -11.84 14.47 22.92
C PRO A 209 -10.50 13.81 22.77
N ILE A 210 -9.63 14.50 22.06
CA ILE A 210 -8.25 14.10 21.81
C ILE A 210 -7.29 15.15 22.35
N HIS A 211 -6.23 14.69 22.99
CA HIS A 211 -5.22 15.56 23.57
C HIS A 211 -4.04 15.67 22.61
N TYR A 212 -3.41 16.84 22.53
CA TYR A 212 -2.19 16.90 21.73
C TYR A 212 -0.98 17.04 22.63
N CYS A 213 0.13 16.32 22.29
CA CYS A 213 1.37 16.31 23.07
C CYS A 213 2.57 16.71 22.22
N ALA A 214 3.44 17.51 22.81
CA ALA A 214 4.65 17.94 22.14
C ALA A 214 5.63 16.79 21.99
N PRO A 215 6.43 16.76 20.92
CA PRO A 215 7.51 15.86 20.73
C PRO A 215 8.64 16.33 21.60
N ALA A 216 9.57 15.47 21.88
CA ALA A 216 10.71 15.90 22.66
C ALA A 216 11.39 17.04 21.94
N GLY A 217 11.89 17.99 22.73
CA GLY A 217 12.56 19.17 22.22
C GLY A 217 11.61 20.35 22.11
N PHE A 218 10.32 20.09 22.32
CA PHE A 218 9.26 21.07 22.24
C PHE A 218 8.39 21.15 23.48
N ALA A 219 7.73 22.28 23.63
CA ALA A 219 6.81 22.47 24.74
C ALA A 219 5.61 23.29 24.31
N ILE A 220 4.49 23.11 25.00
CA ILE A 220 3.33 23.87 24.63
C ILE A 220 3.05 24.90 25.70
N LEU A 221 3.03 26.14 25.29
CA LEU A 221 2.83 27.25 26.19
C LEU A 221 1.36 27.67 26.13
N LYS A 222 0.73 27.67 27.29
CA LYS A 222 -0.69 27.96 27.44
C LYS A 222 -0.91 29.34 28.07
N CYS A 223 -1.94 30.08 27.59
CA CYS A 223 -2.34 31.39 28.09
C CYS A 223 -3.36 31.25 29.23
N LYS A 224 -3.02 31.80 30.39
CA LYS A 224 -3.86 31.75 31.58
C LYS A 224 -4.74 32.98 31.74
N ASP A 225 -4.57 33.96 30.87
CA ASP A 225 -5.31 35.20 31.00
C ASP A 225 -6.71 35.04 30.48
N LYS A 226 -7.66 35.09 31.38
CA LYS A 226 -9.06 34.85 31.08
C LYS A 226 -9.64 35.90 30.16
N LYS A 227 -8.99 37.06 30.09
CA LYS A 227 -9.46 38.16 29.25
C LYS A 227 -8.81 38.13 27.87
N PHE A 228 -7.88 37.22 27.65
CA PHE A 228 -7.17 37.18 26.40
C PHE A 228 -8.08 36.78 25.26
N ASN A 229 -8.02 37.50 24.13
CA ASN A 229 -8.83 37.23 22.95
C ASN A 229 -8.10 36.33 21.94
N GLY A 230 -7.00 36.80 21.31
CA GLY A 230 -6.34 36.04 20.26
C GLY A 230 -5.19 36.80 19.75
N THR A 231 -5.04 38.01 20.22
CA THR A 231 -3.86 38.73 19.81
C THR A 231 -3.18 39.43 20.96
N GLY A 232 -1.93 39.77 20.72
CA GLY A 232 -1.19 40.56 21.68
C GLY A 232 -0.63 39.67 22.78
N PRO A 233 0.03 40.28 23.76
CA PRO A 233 0.67 39.65 24.87
C PRO A 233 -0.33 39.03 25.83
N CYS A 234 0.10 37.94 26.48
CA CYS A 234 -0.57 37.23 27.54
C CYS A 234 0.40 37.25 28.73
N PRO A 235 0.08 38.00 29.80
CA PRO A 235 0.89 38.25 30.98
C PRO A 235 1.01 37.08 31.94
N SER A 236 0.22 36.04 31.75
CA SER A 236 0.27 34.93 32.67
C SER A 236 0.22 33.67 31.87
N VAL A 237 1.32 32.95 31.86
CA VAL A 237 1.42 31.76 31.05
C VAL A 237 1.97 30.61 31.86
N SER A 238 1.79 29.42 31.33
CA SER A 238 2.31 28.19 31.91
C SER A 238 2.61 27.20 30.81
N THR A 239 3.44 26.20 31.07
CA THR A 239 3.63 25.21 30.04
C THR A 239 3.19 23.84 30.43
N VAL A 240 2.88 23.08 29.40
CA VAL A 240 2.51 21.70 29.53
C VAL A 240 3.25 20.87 28.51
N GLN A 241 3.30 19.58 28.75
CA GLN A 241 3.76 18.69 27.70
C GLN A 241 2.59 18.30 26.76
N CYS A 242 1.35 18.21 27.32
CA CYS A 242 0.11 17.82 26.66
C CYS A 242 -1.00 18.81 27.02
N THR A 243 -1.85 19.09 26.04
CA THR A 243 -3.00 19.93 26.21
C THR A 243 -4.11 19.08 26.76
N HIS A 244 -5.19 19.70 27.17
CA HIS A 244 -6.35 18.95 27.59
C HIS A 244 -7.00 18.42 26.34
N GLY A 245 -8.04 17.60 26.48
CA GLY A 245 -8.64 17.08 25.28
C GLY A 245 -9.54 18.11 24.64
N ILE A 246 -9.61 18.08 23.32
CA ILE A 246 -10.49 18.93 22.55
C ILE A 246 -11.43 18.06 21.74
N LYS A 247 -12.72 18.34 21.83
CA LYS A 247 -13.66 17.54 21.08
C LYS A 247 -13.73 18.00 19.63
N PRO A 248 -13.57 17.11 18.65
CA PRO A 248 -13.60 17.37 17.23
C PRO A 248 -15.02 17.54 16.75
N VAL A 249 -15.65 18.60 17.21
CA VAL A 249 -17.02 18.87 16.87
C VAL A 249 -17.09 19.57 15.53
N VAL A 250 -17.99 19.09 14.69
CA VAL A 250 -18.22 19.64 13.36
C VAL A 250 -19.45 20.52 13.41
N SER A 251 -19.32 21.77 12.97
CA SER A 251 -20.43 22.71 12.99
C SER A 251 -20.30 23.87 12.01
N THR A 252 -21.43 24.35 11.53
CA THR A 252 -21.40 25.52 10.64
C THR A 252 -21.83 26.88 11.20
N GLN A 253 -22.54 26.93 12.32
CA GLN A 253 -23.02 28.22 12.81
C GLN A 253 -22.90 28.37 14.31
N LEU A 254 -23.41 27.37 15.01
CA LEU A 254 -23.40 27.42 16.45
C LEU A 254 -22.39 26.39 16.91
N LEU A 255 -21.36 26.87 17.54
CA LEU A 255 -20.29 26.04 18.01
C LEU A 255 -20.82 25.33 19.21
N LEU A 256 -20.70 23.99 19.21
CA LEU A 256 -21.37 23.16 20.22
C LEU A 256 -20.33 22.49 21.12
N ASN A 257 -20.69 22.26 22.39
CA ASN A 257 -19.82 21.54 23.36
C ASN A 257 -18.38 22.02 23.24
N GLY A 258 -18.07 23.21 23.74
CA GLY A 258 -16.67 23.68 23.70
C GLY A 258 -16.26 24.38 24.99
N SER A 259 -15.09 25.01 25.01
CA SER A 259 -14.67 25.74 26.19
C SER A 259 -15.56 26.94 26.39
N LEU A 260 -15.90 27.20 27.63
CA LEU A 260 -16.74 28.33 27.94
C LEU A 260 -15.91 29.53 28.34
N ALA A 261 -16.31 30.73 27.94
CA ALA A 261 -15.59 31.90 28.41
C ALA A 261 -15.88 31.98 29.90
N GLU A 262 -14.91 32.40 30.71
CA GLU A 262 -15.19 32.37 32.14
C GLU A 262 -15.61 33.70 32.78
N GLU A 263 -15.13 34.81 32.26
CA GLU A 263 -15.45 36.07 32.91
C GLU A 263 -16.44 36.92 32.14
N GLU A 264 -16.35 36.87 30.83
CA GLU A 264 -17.12 37.73 29.94
C GLU A 264 -17.26 37.09 28.57
N VAL A 265 -18.24 37.53 27.82
CA VAL A 265 -18.37 37.09 26.44
C VAL A 265 -17.22 37.69 25.64
N ILE A 266 -16.53 36.87 24.86
CA ILE A 266 -15.38 37.39 24.12
C ILE A 266 -15.53 37.34 22.62
N ILE A 267 -15.33 38.49 22.00
CA ILE A 267 -15.42 38.55 20.56
C ILE A 267 -14.02 38.63 19.97
N ARG A 268 -13.71 37.66 19.11
CA ARG A 268 -12.39 37.54 18.51
C ARG A 268 -12.42 37.63 16.99
N SER A 269 -11.42 38.26 16.41
CA SER A 269 -11.28 38.25 14.96
C SER A 269 -9.90 38.58 14.54
N GLU A 270 -9.49 37.97 13.44
CA GLU A 270 -8.23 38.33 12.81
C GLU A 270 -8.20 39.83 12.40
N ASN A 271 -9.38 40.37 12.00
CA ASN A 271 -9.64 41.74 11.55
C ASN A 271 -11.06 42.13 11.98
N ILE A 272 -11.20 43.19 12.79
CA ILE A 272 -12.47 43.69 13.33
C ILE A 272 -12.95 44.95 12.62
N THR A 273 -12.32 45.31 11.50
CA THR A 273 -12.82 46.49 10.79
C THR A 273 -13.30 46.16 9.39
N ASN A 274 -12.87 45.02 8.83
CA ASN A 274 -13.31 44.69 7.47
C ASN A 274 -14.50 43.76 7.57
N ASN A 275 -15.03 43.35 6.42
CA ASN A 275 -16.13 42.40 6.35
C ASN A 275 -15.67 41.12 5.67
N ALA A 276 -14.35 40.92 5.63
CA ALA A 276 -13.78 39.76 4.97
C ALA A 276 -13.58 38.60 5.92
N LYS A 277 -13.32 38.93 7.17
CA LYS A 277 -13.05 37.91 8.17
C LYS A 277 -14.29 37.49 8.92
N ASN A 278 -14.27 36.28 9.46
CA ASN A 278 -15.36 35.82 10.28
C ASN A 278 -15.16 36.29 11.71
N ILE A 279 -16.25 36.45 12.42
CA ILE A 279 -16.25 36.86 13.81
C ILE A 279 -16.51 35.66 14.69
N LEU A 280 -15.59 35.40 15.59
CA LEU A 280 -15.73 34.27 16.47
C LEU A 280 -16.21 34.73 17.83
N VAL A 281 -17.38 34.29 18.26
CA VAL A 281 -17.87 34.77 19.54
C VAL A 281 -17.99 33.66 20.55
N GLN A 282 -17.29 33.79 21.66
CA GLN A 282 -17.34 32.79 22.72
C GLN A 282 -18.23 33.29 23.83
N LEU A 283 -19.20 32.49 24.18
CA LEU A 283 -20.16 32.86 25.20
C LEU A 283 -19.64 32.45 26.55
N ASN A 284 -20.10 33.11 27.60
CA ASN A 284 -19.76 32.74 28.97
C ASN A 284 -20.98 32.14 29.67
N THR A 285 -22.03 31.95 28.88
CA THR A 285 -23.31 31.44 29.31
C THR A 285 -23.75 30.32 28.38
N PRO A 286 -23.60 29.04 28.73
CA PRO A 286 -23.93 27.94 27.86
C PRO A 286 -25.39 28.06 27.50
N VAL A 287 -25.75 27.82 26.26
CA VAL A 287 -27.18 27.87 25.96
C VAL A 287 -27.66 26.48 25.63
N GLN A 288 -28.60 25.98 26.39
CA GLN A 288 -29.04 24.63 26.13
C GLN A 288 -29.97 24.58 24.94
N ILE A 289 -29.68 23.65 24.04
CA ILE A 289 -30.50 23.40 22.87
C ILE A 289 -30.87 21.89 22.79
N ASN A 290 -32.19 21.60 22.65
CA ASN A 290 -32.78 20.26 22.56
C ASN A 290 -33.25 19.94 21.14
N CYS A 291 -32.56 19.02 20.44
CA CYS A 291 -32.82 18.68 19.04
C CYS A 291 -33.43 17.29 18.91
N THR A 292 -34.33 17.15 17.97
CA THR A 292 -34.95 15.88 17.71
C THR A 292 -35.29 15.56 16.28
N ARG A 293 -35.30 14.26 16.04
CA ARG A 293 -35.79 13.68 14.82
C ARG A 293 -36.90 12.77 15.30
N PRO A 294 -38.12 13.29 15.46
CA PRO A 294 -39.26 12.67 16.10
C PRO A 294 -39.96 11.67 15.22
N ASN A 295 -39.22 10.70 14.76
CA ASN A 295 -39.70 9.67 13.85
C ASN A 295 -39.16 8.31 14.24
N ASN A 296 -40.06 7.38 14.62
CA ASN A 296 -39.70 6.05 15.11
C ASN A 296 -39.43 5.13 13.93
N ASN A 297 -38.26 5.34 13.29
CA ASN A 297 -37.82 4.65 12.08
C ASN A 297 -37.42 3.21 12.37
N THR A 298 -37.72 2.34 11.43
CA THR A 298 -37.31 0.95 11.47
C THR A 298 -36.23 0.73 10.44
N VAL A 299 -35.16 0.05 10.82
CA VAL A 299 -34.08 -0.18 9.89
C VAL A 299 -34.07 -1.56 9.28
N LYS A 300 -33.92 -1.59 7.97
CA LYS A 300 -33.87 -2.82 7.22
C LYS A 300 -32.53 -2.92 6.52
N SER A 301 -32.14 -4.13 6.18
CA SER A 301 -30.89 -4.28 5.48
C SER A 301 -30.93 -5.39 4.46
N ILE A 302 -30.05 -5.25 3.49
CA ILE A 302 -29.86 -6.20 2.41
C ILE A 302 -28.42 -6.53 2.18
N ARG A 303 -28.20 -7.57 1.40
CA ARG A 303 -26.86 -7.90 0.96
C ARG A 303 -26.89 -7.71 -0.54
N ILE A 304 -25.97 -6.90 -1.01
CA ILE A 304 -25.89 -6.57 -2.42
C ILE A 304 -24.84 -7.43 -3.08
N GLY A 305 -23.73 -7.55 -2.39
CA GLY A 305 -22.59 -8.28 -2.90
C GLY A 305 -22.00 -9.16 -1.79
N PRO A 306 -20.76 -9.61 -1.88
CA PRO A 306 -20.12 -10.56 -0.98
C PRO A 306 -19.86 -10.01 0.41
N GLY A 307 -20.91 -10.01 1.23
CA GLY A 307 -20.86 -9.49 2.59
C GLY A 307 -21.03 -7.99 2.52
N GLN A 308 -21.43 -7.54 1.36
CA GLN A 308 -21.56 -6.14 1.10
C GLN A 308 -22.92 -5.68 1.50
N ALA A 309 -23.04 -5.49 2.82
CA ALA A 309 -24.28 -5.10 3.47
C ALA A 309 -24.60 -3.64 3.25
N PHE A 310 -25.88 -3.38 3.10
CA PHE A 310 -26.41 -2.04 2.97
C PHE A 310 -27.58 -1.80 3.89
N TYR A 311 -27.59 -0.65 4.53
CA TYR A 311 -28.67 -0.32 5.44
C TYR A 311 -29.47 0.86 4.96
N TYR A 312 -30.78 0.76 5.17
CA TYR A 312 -31.72 1.79 4.80
C TYR A 312 -32.93 1.87 5.71
N THR A 313 -33.57 3.02 5.68
CA THR A 313 -34.79 3.19 6.43
C THR A 313 -35.88 2.43 5.71
N GLY A 314 -36.63 1.66 6.49
CA GLY A 314 -37.77 0.89 6.04
C GLY A 314 -38.97 1.71 6.41
N ASP A 315 -39.87 1.17 7.20
CA ASP A 315 -41.02 1.99 7.52
C ASP A 315 -40.76 2.87 8.71
N ILE A 316 -41.75 3.67 9.05
CA ILE A 316 -41.76 4.51 10.23
C ILE A 316 -43.01 4.11 10.98
N ILE A 317 -42.86 3.75 12.24
CA ILE A 317 -44.03 3.31 12.95
C ILE A 317 -44.61 4.49 13.70
N GLY A 318 -45.89 4.70 13.50
CA GLY A 318 -46.55 5.84 14.08
C GLY A 318 -46.47 6.91 13.01
N ASP A 319 -47.18 7.99 13.19
CA ASP A 319 -47.22 9.03 12.20
C ASP A 319 -45.97 9.88 12.17
N ILE A 320 -45.74 10.48 11.00
CA ILE A 320 -44.58 11.31 10.70
C ILE A 320 -44.59 12.72 11.27
N ARG A 321 -43.44 13.14 11.79
CA ARG A 321 -43.27 14.47 12.38
C ARG A 321 -42.05 15.23 11.87
N GLN A 322 -42.18 16.54 11.92
CA GLN A 322 -41.12 17.45 11.53
C GLN A 322 -40.02 17.61 12.56
N ALA A 323 -38.78 17.42 12.10
CA ALA A 323 -37.57 17.55 12.93
C ALA A 323 -37.40 18.98 13.37
N HIS A 324 -36.89 19.15 14.59
CA HIS A 324 -36.71 20.49 15.12
C HIS A 324 -35.73 20.59 16.29
N CYS A 325 -35.28 21.84 16.63
CA CYS A 325 -34.47 22.17 17.80
C CYS A 325 -35.12 23.26 18.66
N ASN A 326 -35.03 23.09 19.97
CA ASN A 326 -35.62 24.00 20.96
C ASN A 326 -34.55 24.72 21.81
N VAL A 327 -34.59 26.06 21.76
CA VAL A 327 -33.70 26.99 22.48
C VAL A 327 -34.52 27.80 23.48
N SER A 328 -34.09 27.88 24.73
CA SER A 328 -34.90 28.68 25.66
C SER A 328 -34.93 30.12 25.18
N LYS A 329 -36.12 30.72 25.08
CA LYS A 329 -36.18 32.06 24.55
C LYS A 329 -35.51 33.11 25.40
N ALA A 330 -35.72 33.07 26.70
CA ALA A 330 -35.13 34.10 27.53
C ALA A 330 -33.62 33.98 27.51
N THR A 331 -33.12 32.76 27.50
CA THR A 331 -31.69 32.55 27.53
C THR A 331 -31.09 33.13 26.28
N TRP A 332 -31.73 32.87 25.15
CA TRP A 332 -31.21 33.38 23.91
C TRP A 332 -31.20 34.90 23.89
N ASN A 333 -32.25 35.52 24.41
CA ASN A 333 -32.26 36.97 24.41
C ASN A 333 -31.13 37.51 25.27
N GLU A 334 -30.87 36.86 26.40
CA GLU A 334 -29.79 37.31 27.26
C GLU A 334 -28.47 37.14 26.56
N THR A 335 -28.34 36.05 25.82
CA THR A 335 -27.12 35.75 25.11
C THR A 335 -26.81 36.83 24.12
N LEU A 336 -27.80 37.21 23.34
CA LEU A 336 -27.53 38.23 22.36
C LEU A 336 -27.29 39.56 23.01
N GLY A 337 -27.98 39.86 24.10
CA GLY A 337 -27.77 41.14 24.74
C GLY A 337 -26.33 41.26 25.21
N LYS A 338 -25.77 40.16 25.72
CA LYS A 338 -24.39 40.17 26.18
C LYS A 338 -23.44 40.39 25.00
N VAL A 339 -23.76 39.80 23.86
CA VAL A 339 -22.93 39.97 22.68
C VAL A 339 -22.94 41.43 22.28
N VAL A 340 -24.10 42.06 22.32
CA VAL A 340 -24.22 43.46 21.96
C VAL A 340 -23.41 44.33 22.89
N LYS A 341 -23.45 44.06 24.18
CA LYS A 341 -22.65 44.86 25.09
C LYS A 341 -21.19 44.81 24.68
N GLN A 342 -20.74 43.64 24.21
CA GLN A 342 -19.37 43.51 23.76
C GLN A 342 -19.18 44.12 22.37
N LEU A 343 -20.19 44.09 21.51
CA LEU A 343 -20.00 44.69 20.20
C LEU A 343 -19.74 46.15 20.36
N ARG A 344 -20.40 46.76 21.31
CA ARG A 344 -20.26 48.19 21.55
C ARG A 344 -18.84 48.59 21.97
N LYS A 345 -17.97 47.63 22.27
CA LYS A 345 -16.60 47.97 22.64
C LYS A 345 -15.62 47.89 21.46
N HIS A 346 -16.12 47.47 20.29
CA HIS A 346 -15.33 47.36 19.07
C HIS A 346 -15.97 48.30 18.07
N PHE A 347 -17.23 48.54 18.35
CA PHE A 347 -18.11 49.38 17.58
C PHE A 347 -18.40 50.59 18.42
N GLY A 348 -19.17 51.52 17.91
CA GLY A 348 -19.45 52.69 18.71
C GLY A 348 -20.65 52.46 19.61
N ASN A 349 -21.00 53.49 20.40
CA ASN A 349 -22.13 53.50 21.31
C ASN A 349 -23.36 54.03 20.58
N ASN A 350 -24.55 53.79 21.15
CA ASN A 350 -25.87 54.22 20.69
C ASN A 350 -26.18 53.76 19.27
N THR A 351 -25.73 52.56 18.95
CA THR A 351 -25.90 51.98 17.64
C THR A 351 -26.96 50.91 17.64
N ILE A 352 -27.84 51.02 16.66
CA ILE A 352 -28.89 50.04 16.51
C ILE A 352 -28.28 48.83 15.87
N ILE A 353 -28.51 47.69 16.46
CA ILE A 353 -27.94 46.46 15.93
C ILE A 353 -28.99 45.48 15.53
N ARG A 354 -28.85 44.94 14.33
CA ARG A 354 -29.87 44.00 13.92
C ARG A 354 -29.27 42.68 13.52
N PHE A 355 -30.02 41.62 13.75
CA PHE A 355 -29.61 40.30 13.33
C PHE A 355 -30.53 39.76 12.26
N ALA A 356 -29.93 38.99 11.36
CA ALA A 356 -30.61 38.35 10.23
C ALA A 356 -30.02 36.99 9.96
N GLN A 357 -30.72 36.18 9.17
CA GLN A 357 -30.24 34.84 8.86
C GLN A 357 -29.27 34.78 7.70
N SER A 358 -28.77 33.59 7.40
CA SER A 358 -27.80 33.44 6.31
C SER A 358 -28.34 33.82 4.96
N SER A 359 -27.47 34.40 4.15
CA SER A 359 -27.78 34.85 2.81
C SER A 359 -28.07 33.72 1.83
N GLY A 360 -27.68 32.50 2.16
CA GLY A 360 -27.94 31.38 1.27
C GLY A 360 -26.72 30.73 0.66
N GLY A 361 -26.96 29.61 -0.01
CA GLY A 361 -25.95 28.75 -0.59
C GLY A 361 -26.50 27.36 -0.35
N ASP A 362 -25.65 26.35 -0.23
CA ASP A 362 -26.23 25.04 0.04
C ASP A 362 -26.61 25.08 1.50
N LEU A 363 -27.19 24.03 2.01
CA LEU A 363 -27.62 24.06 3.37
C LEU A 363 -26.44 24.20 4.30
N GLU A 364 -25.28 23.69 3.91
CA GLU A 364 -24.11 23.76 4.78
C GLU A 364 -23.70 25.19 5.14
N VAL A 365 -24.07 26.17 4.34
CA VAL A 365 -23.70 27.53 4.66
C VAL A 365 -24.92 28.39 4.94
N THR A 366 -26.07 27.77 5.01
CA THR A 366 -27.28 28.50 5.23
C THR A 366 -27.87 28.15 6.59
N THR A 367 -27.80 26.89 6.94
CA THR A 367 -28.36 26.34 8.16
C THR A 367 -27.30 25.97 9.14
N HIS A 368 -27.79 25.64 10.32
CA HIS A 368 -26.94 25.12 11.34
C HIS A 368 -26.82 23.65 11.13
N SER A 369 -25.66 23.28 10.65
CA SER A 369 -25.36 21.93 10.32
C SER A 369 -24.56 21.33 11.43
N PHE A 370 -25.05 20.21 11.90
CA PHE A 370 -24.39 19.48 12.96
C PHE A 370 -24.77 18.03 12.89
N ASN A 371 -23.98 17.21 13.54
CA ASN A 371 -24.30 15.80 13.62
C ASN A 371 -24.60 15.43 15.04
N CYS A 372 -25.50 14.46 15.22
CA CYS A 372 -25.77 13.91 16.57
C CYS A 372 -26.29 12.49 16.36
N GLY A 373 -25.62 11.51 16.96
CA GLY A 373 -26.14 10.13 16.86
C GLY A 373 -25.88 9.57 15.47
N GLY A 374 -25.14 10.31 14.65
CA GLY A 374 -24.82 9.85 13.33
C GLY A 374 -25.78 10.53 12.34
N GLU A 375 -26.82 11.21 12.84
CA GLU A 375 -27.75 11.89 11.95
C GLU A 375 -27.26 13.28 11.58
N PHE A 376 -27.52 13.68 10.35
CA PHE A 376 -27.14 15.01 9.89
C PHE A 376 -28.30 15.95 9.76
N PHE A 377 -28.26 16.98 10.61
CA PHE A 377 -29.31 17.97 10.74
C PHE A 377 -28.91 19.27 10.10
N TYR A 378 -29.87 19.90 9.45
CA TYR A 378 -29.75 21.20 8.81
C TYR A 378 -30.85 22.12 9.29
N CYS A 379 -30.62 22.80 10.41
CA CYS A 379 -31.65 23.55 11.15
C CYS A 379 -31.70 25.02 10.75
N ASN A 380 -32.92 25.49 10.59
CA ASN A 380 -33.17 26.87 10.21
C ASN A 380 -33.12 27.77 11.46
N THR A 381 -32.06 28.59 11.53
CA THR A 381 -31.73 29.46 12.64
C THR A 381 -32.25 30.85 12.44
N SER A 382 -33.10 31.07 11.45
CA SER A 382 -33.61 32.42 11.30
C SER A 382 -34.38 32.85 12.55
N GLY A 383 -34.95 31.90 13.28
CA GLY A 383 -35.69 32.19 14.50
C GLY A 383 -34.79 32.69 15.63
N LEU A 384 -33.48 32.52 15.47
CA LEU A 384 -32.52 32.97 16.45
C LEU A 384 -31.95 34.32 16.07
N PHE A 385 -32.13 34.72 14.83
CA PHE A 385 -31.54 35.93 14.30
C PHE A 385 -32.58 36.74 13.55
N ASN A 386 -33.64 37.17 14.27
CA ASN A 386 -34.77 37.95 13.76
C ASN A 386 -35.21 38.94 14.83
N SER A 387 -34.29 39.83 15.24
CA SER A 387 -34.50 40.81 16.30
C SER A 387 -33.53 41.95 16.17
N THR A 388 -33.84 43.01 16.89
CA THR A 388 -32.99 44.16 16.91
C THR A 388 -32.70 44.55 18.33
N TRP A 389 -31.62 45.28 18.48
CA TRP A 389 -31.16 45.81 19.71
C TRP A 389 -31.11 47.30 19.56
N ILE A 390 -31.32 48.00 20.64
CA ILE A 390 -31.37 49.43 20.57
C ILE A 390 -30.16 50.09 21.15
N SER A 391 -30.13 51.40 20.99
CA SER A 391 -29.09 52.28 21.45
C SER A 391 -28.90 52.35 22.98
N ASN A 392 -29.97 52.12 23.78
CA ASN A 392 -29.97 52.11 25.24
C ASN A 392 -29.86 50.67 25.71
N ASN A 404 -42.63 28.96 30.90
CA ASN A 404 -41.48 28.80 30.02
C ASN A 404 -41.94 29.10 28.58
N ASP A 405 -41.00 29.54 27.72
CA ASP A 405 -41.25 29.93 26.31
C ASP A 405 -40.05 29.53 25.46
N SER A 406 -40.24 28.57 24.55
CA SER A 406 -39.16 28.05 23.72
C SER A 406 -39.14 28.64 22.32
N ILE A 407 -37.99 28.58 21.69
CA ILE A 407 -37.83 28.94 20.30
C ILE A 407 -37.70 27.66 19.53
N THR A 408 -38.60 27.41 18.58
CA THR A 408 -38.50 26.16 17.83
C THR A 408 -37.96 26.43 16.44
N LEU A 409 -36.90 25.74 16.10
CA LEU A 409 -36.23 25.84 14.83
C LEU A 409 -36.57 24.59 14.02
N PRO A 410 -37.20 24.68 12.84
CA PRO A 410 -37.50 23.53 12.03
C PRO A 410 -36.17 23.08 11.45
N CYS A 411 -36.00 21.76 11.18
CA CYS A 411 -34.79 21.17 10.61
C CYS A 411 -35.04 20.25 9.41
N ARG A 412 -34.04 20.15 8.56
CA ARG A 412 -34.07 19.19 7.48
C ARG A 412 -33.09 18.08 7.75
N ILE A 413 -33.37 16.93 7.18
CA ILE A 413 -32.54 15.76 7.31
C ILE A 413 -31.92 15.37 5.99
N LYS A 414 -30.61 15.12 5.97
CA LYS A 414 -29.95 14.71 4.72
C LYS A 414 -29.16 13.43 4.97
N GLN A 415 -29.15 12.49 4.01
CA GLN A 415 -28.41 11.24 4.18
C GLN A 415 -27.15 11.19 3.33
N ILE A 416 -27.16 11.88 2.20
CA ILE A 416 -25.95 11.86 1.38
C ILE A 416 -25.24 13.18 1.60
N ILE A 417 -24.01 13.09 2.07
CA ILE A 417 -23.22 14.22 2.47
C ILE A 417 -21.85 14.24 1.78
N ASN A 418 -21.16 15.37 1.80
CA ASN A 418 -19.81 15.41 1.26
C ASN A 418 -18.75 15.75 2.31
N MET A 419 -19.12 15.61 3.58
CA MET A 419 -18.27 15.84 4.76
C MET A 419 -17.69 17.21 4.98
N TRP A 420 -16.86 17.65 4.07
CA TRP A 420 -16.17 18.90 4.29
C TRP A 420 -16.60 19.88 3.21
N GLN A 421 -15.66 20.31 2.37
CA GLN A 421 -15.93 21.19 1.24
C GLN A 421 -15.32 20.62 -0.03
N ARG A 422 -14.87 19.39 0.06
CA ARG A 422 -14.27 18.73 -1.09
C ARG A 422 -15.38 18.03 -1.80
N ILE A 423 -15.27 17.91 -3.11
CA ILE A 423 -16.29 17.22 -3.88
C ILE A 423 -15.77 16.01 -4.62
N GLY A 424 -14.59 15.55 -4.22
CA GLY A 424 -13.94 14.38 -4.83
C GLY A 424 -14.30 13.09 -4.11
N GLN A 425 -15.13 13.21 -3.08
CA GLN A 425 -15.61 12.13 -2.22
C GLN A 425 -17.07 12.34 -1.86
N ALA A 426 -17.78 11.27 -1.63
CA ALA A 426 -19.14 11.40 -1.14
C ALA A 426 -19.41 10.30 -0.14
N MET A 427 -20.24 10.60 0.84
CA MET A 427 -20.60 9.62 1.83
C MET A 427 -22.08 9.50 2.04
N TYR A 428 -22.48 8.33 2.41
CA TYR A 428 -23.86 8.12 2.77
C TYR A 428 -23.94 8.13 4.27
N ALA A 429 -25.11 7.99 4.81
CA ALA A 429 -25.26 7.95 6.23
C ALA A 429 -26.18 6.81 6.54
N PRO A 430 -25.95 6.08 7.60
CA PRO A 430 -26.75 4.96 7.93
C PRO A 430 -28.05 5.49 8.41
N PRO A 431 -29.10 4.73 8.34
CA PRO A 431 -30.35 5.02 8.94
C PRO A 431 -30.14 4.76 10.40
N ILE A 432 -30.93 5.39 11.23
CA ILE A 432 -30.90 5.13 12.65
C ILE A 432 -32.23 4.61 13.10
N GLN A 433 -32.22 3.48 13.78
CA GLN A 433 -33.48 2.94 14.25
C GLN A 433 -33.94 3.65 15.52
N GLY A 434 -35.23 3.96 15.57
CA GLY A 434 -35.84 4.61 16.72
C GLY A 434 -35.85 6.14 16.61
N VAL A 435 -36.30 6.78 17.69
CA VAL A 435 -36.44 8.23 17.76
C VAL A 435 -35.16 8.84 18.30
N ILE A 436 -34.70 9.93 17.69
CA ILE A 436 -33.48 10.58 18.16
C ILE A 436 -33.75 11.81 18.97
N ARG A 437 -33.19 11.84 20.18
CA ARG A 437 -33.28 12.98 21.06
C ARG A 437 -31.85 13.35 21.46
N CYS A 438 -31.45 14.63 21.23
CA CYS A 438 -30.12 15.17 21.47
C CYS A 438 -30.13 16.44 22.29
N VAL A 439 -29.21 16.50 23.24
CA VAL A 439 -29.08 17.73 24.09
C VAL A 439 -27.63 18.25 23.99
N SER A 440 -27.45 19.50 23.55
CA SER A 440 -26.09 20.09 23.48
C SER A 440 -26.10 21.51 24.07
N ASN A 441 -24.91 22.07 24.25
CA ASN A 441 -24.66 23.42 24.75
C ASN A 441 -24.03 24.31 23.67
N ILE A 442 -24.69 25.46 23.35
CA ILE A 442 -24.15 26.44 22.40
C ILE A 442 -23.08 27.15 23.17
N THR A 443 -21.89 27.11 22.63
CA THR A 443 -20.71 27.66 23.25
C THR A 443 -20.31 28.92 22.55
N GLY A 444 -20.64 29.00 21.28
CA GLY A 444 -20.25 30.17 20.55
C GLY A 444 -20.91 30.30 19.22
N LEU A 445 -20.72 31.46 18.61
CA LEU A 445 -21.35 31.77 17.35
C LEU A 445 -20.33 32.04 16.27
N ILE A 446 -20.65 31.69 15.03
CA ILE A 446 -19.78 32.12 13.95
C ILE A 446 -20.57 33.17 13.20
N LEU A 447 -20.15 34.41 13.33
CA LEU A 447 -20.91 35.50 12.75
C LEU A 447 -20.14 36.25 11.70
N THR A 448 -20.85 36.89 10.81
CA THR A 448 -20.24 37.75 9.85
C THR A 448 -20.92 39.10 9.98
N ARG A 449 -20.28 40.14 9.47
CA ARG A 449 -20.90 41.45 9.51
C ARG A 449 -21.29 41.80 8.11
N ASP A 450 -22.40 42.49 7.96
CA ASP A 450 -22.82 42.91 6.64
C ASP A 450 -21.86 43.94 6.07
N GLY A 451 -21.69 43.88 4.75
CA GLY A 451 -20.73 44.70 4.00
C GLY A 451 -20.95 46.20 3.86
N GLY A 452 -21.00 46.90 4.99
CA GLY A 452 -21.11 48.36 4.99
C GLY A 452 -22.50 48.88 5.28
N SER A 453 -22.56 50.14 5.70
CA SER A 453 -23.83 50.78 6.01
C SER A 453 -23.78 52.29 5.78
N THR A 454 -24.95 52.88 5.59
CA THR A 454 -25.06 54.31 5.45
C THR A 454 -24.64 54.95 6.74
N ASN A 455 -23.73 55.91 6.62
CA ASN A 455 -23.16 56.71 7.71
C ASN A 455 -22.49 55.85 8.77
N SER A 456 -22.07 54.64 8.38
CA SER A 456 -21.41 53.72 9.28
C SER A 456 -22.20 53.51 10.58
N THR A 457 -23.52 53.44 10.48
CA THR A 457 -24.37 53.18 11.64
C THR A 457 -25.27 52.00 11.37
N THR A 458 -26.15 51.70 12.29
CA THR A 458 -27.01 50.52 12.18
C THR A 458 -26.21 49.30 11.71
N GLU A 459 -25.34 48.80 12.56
CA GLU A 459 -24.55 47.64 12.19
C GLU A 459 -25.45 46.43 12.18
N THR A 460 -25.24 45.55 11.23
CA THR A 460 -26.04 44.34 11.24
C THR A 460 -25.15 43.13 11.07
N PHE A 461 -25.62 42.03 11.65
CA PHE A 461 -24.87 40.78 11.69
C PHE A 461 -25.69 39.60 11.25
N ARG A 462 -24.99 38.59 10.77
CA ARG A 462 -25.62 37.41 10.25
C ARG A 462 -24.77 36.16 10.57
N PRO A 463 -25.34 34.98 10.83
CA PRO A 463 -24.57 33.77 11.02
C PRO A 463 -24.02 33.35 9.67
N GLY A 464 -22.90 32.65 9.68
CA GLY A 464 -22.36 32.08 8.45
C GLY A 464 -20.86 31.96 8.50
N GLY A 465 -20.21 31.55 7.40
CA GLY A 465 -18.76 31.39 7.41
C GLY A 465 -18.30 30.11 8.13
N GLY A 466 -19.09 29.05 8.04
CA GLY A 466 -18.82 27.78 8.73
C GLY A 466 -17.67 26.90 8.19
N ASP A 467 -16.45 27.44 8.22
CA ASP A 467 -15.23 26.69 7.86
C ASP A 467 -14.77 25.93 9.09
N MET A 468 -14.37 24.68 8.91
CA MET A 468 -13.92 23.87 10.02
C MET A 468 -12.74 24.48 10.73
N ARG A 469 -11.92 25.13 9.95
CA ARG A 469 -10.74 25.72 10.51
C ARG A 469 -11.10 26.76 11.55
N ASP A 470 -12.22 27.47 11.38
CA ASP A 470 -12.57 28.53 12.31
C ASP A 470 -13.32 28.03 13.51
N ASN A 471 -13.61 26.74 13.58
CA ASN A 471 -14.32 26.27 14.72
C ASN A 471 -13.30 25.96 15.77
N TRP A 472 -12.22 25.34 15.32
CA TRP A 472 -11.19 24.85 16.21
C TRP A 472 -10.30 25.92 16.74
N ARG A 473 -10.46 27.11 16.19
CA ARG A 473 -9.74 28.26 16.64
C ARG A 473 -10.20 28.56 18.06
N SER A 474 -11.47 28.29 18.36
CA SER A 474 -12.01 28.59 19.68
C SER A 474 -11.43 27.71 20.77
N GLU A 475 -10.76 26.62 20.39
CA GLU A 475 -10.19 25.73 21.36
C GLU A 475 -8.68 25.85 21.39
N LEU A 476 -8.09 26.08 20.23
CA LEU A 476 -6.66 26.15 20.13
C LEU A 476 -6.03 27.51 20.35
N TYR A 477 -6.83 28.57 20.47
CA TYR A 477 -6.26 29.91 20.69
C TYR A 477 -5.45 30.00 21.97
N LYS A 478 -5.71 29.12 22.91
CA LYS A 478 -5.00 29.15 24.17
C LYS A 478 -3.58 28.64 24.07
N TYR A 479 -3.23 27.97 22.97
CA TYR A 479 -1.93 27.34 22.91
C TYR A 479 -0.97 27.85 21.85
N LYS A 480 0.31 27.83 22.21
CA LYS A 480 1.41 28.15 21.32
C LYS A 480 2.49 27.08 21.43
N VAL A 481 3.04 26.64 20.32
CA VAL A 481 4.07 25.62 20.42
C VAL A 481 5.43 26.21 20.15
N VAL A 482 6.36 25.96 21.05
CA VAL A 482 7.70 26.48 20.85
C VAL A 482 8.75 25.41 20.94
N LYS A 483 9.88 25.69 20.33
CA LYS A 483 11.03 24.80 20.37
C LYS A 483 11.93 25.23 21.49
N ILE A 484 12.59 24.28 22.10
CA ILE A 484 13.54 24.57 23.15
C ILE A 484 14.94 24.61 22.60
N GLU A 485 15.64 25.72 22.86
CA GLU A 485 16.99 25.93 22.41
C GLU A 485 17.91 26.06 23.62
N PRO A 486 18.45 24.96 24.14
CA PRO A 486 19.17 24.85 25.39
C PRO A 486 20.56 25.45 25.36
N LEU A 487 21.06 25.81 24.20
CA LEU A 487 22.42 26.28 24.16
C LEU A 487 22.57 27.75 23.87
N GLY A 488 23.43 28.42 24.64
CA GLY A 488 23.69 29.83 24.35
C GLY A 488 24.94 30.39 25.02
N VAL A 489 25.23 31.62 24.68
CA VAL A 489 26.41 32.33 25.14
C VAL A 489 26.11 33.56 25.94
N ALA A 490 26.81 33.67 27.06
CA ALA A 490 26.68 34.77 28.02
C ALA A 490 28.03 35.07 28.68
N PRO A 491 28.88 35.92 28.10
CA PRO A 491 30.25 36.15 28.53
C PRO A 491 30.37 36.58 29.98
N THR A 492 31.46 36.14 30.62
CA THR A 492 31.77 36.44 32.02
C THR A 492 33.26 36.33 32.35
N ARG A 493 33.61 36.40 33.63
CA ARG A 493 35.02 36.31 34.02
C ARG A 493 35.44 34.85 34.29
N CYS A 494 36.47 34.36 33.55
CA CYS A 494 37.00 33.01 33.62
C CYS A 494 38.35 32.90 32.92
N LYS A 495 38.94 31.71 32.97
CA LYS A 495 40.19 31.38 32.28
C LYS A 495 40.05 29.99 31.63
N GLU B 33 62.50 6.80 20.12
CA GLU B 33 62.47 5.61 19.26
C GLU B 33 61.24 4.71 19.50
N ASN B 34 60.77 4.62 20.78
CA ASN B 34 59.60 3.85 21.19
C ASN B 34 58.39 4.76 21.09
N LEU B 35 57.69 4.60 20.01
CA LEU B 35 56.58 5.45 19.63
C LEU B 35 55.26 4.78 19.86
N TRP B 36 54.24 5.56 20.16
CA TRP B 36 52.91 5.03 20.46
C TRP B 36 51.79 5.47 19.52
N VAL B 37 50.62 4.87 19.73
CA VAL B 37 49.43 5.12 18.95
C VAL B 37 48.54 6.29 19.36
N THR B 38 48.15 7.07 18.34
CA THR B 38 47.16 8.13 18.49
C THR B 38 45.99 7.88 17.57
N VAL B 39 44.89 8.50 17.95
CA VAL B 39 43.66 8.37 17.21
C VAL B 39 43.23 9.71 16.70
N TYR B 40 42.86 9.76 15.44
CA TYR B 40 42.47 10.99 14.82
C TYR B 40 41.03 10.96 14.38
N TYR B 41 40.27 11.97 14.79
CA TYR B 41 38.89 12.02 14.39
C TYR B 41 38.65 13.21 13.50
N GLY B 42 38.04 12.96 12.36
CA GLY B 42 37.81 13.99 11.36
C GLY B 42 38.78 13.75 10.21
N VAL B 43 39.24 12.52 10.10
CA VAL B 43 40.17 12.10 9.07
C VAL B 43 39.51 12.05 7.68
N PRO B 44 40.12 12.63 6.64
CA PRO B 44 39.61 12.64 5.28
C PRO B 44 39.78 11.32 4.53
N VAL B 45 39.01 10.31 4.93
CA VAL B 45 39.07 8.98 4.30
C VAL B 45 37.78 8.48 3.66
N TRP B 46 37.94 7.96 2.45
CA TRP B 46 36.84 7.47 1.63
C TRP B 46 36.70 5.97 1.49
N LYS B 47 35.45 5.52 1.47
CA LYS B 47 35.13 4.13 1.13
C LYS B 47 34.01 4.10 0.09
N ASP B 48 34.06 3.15 -0.81
CA ASP B 48 32.95 3.03 -1.77
C ASP B 48 31.71 2.69 -0.97
N ALA B 49 30.54 3.23 -1.33
CA ALA B 49 29.37 2.83 -0.57
C ALA B 49 28.07 2.80 -1.34
N GLU B 50 27.16 1.96 -0.86
CA GLU B 50 25.85 1.86 -1.46
C GLU B 50 24.75 2.34 -0.53
N THR B 51 24.29 3.53 -0.78
CA THR B 51 23.23 4.12 0.02
C THR B 51 22.27 4.77 -0.91
N THR B 52 21.18 5.31 -0.38
CA THR B 52 20.26 5.94 -1.31
C THR B 52 20.46 7.44 -1.33
N LEU B 53 19.71 8.09 -2.20
CA LEU B 53 19.78 9.51 -2.47
C LEU B 53 18.43 10.15 -2.29
N PHE B 54 18.39 11.46 -2.15
CA PHE B 54 17.12 12.17 -1.97
C PHE B 54 16.40 12.56 -3.31
N CYS B 55 15.91 13.83 -3.45
CA CYS B 55 15.08 14.32 -4.55
C CYS B 55 15.33 15.82 -4.66
N ALA B 56 14.64 16.49 -5.57
CA ALA B 56 14.84 17.92 -5.73
C ALA B 56 13.58 18.62 -6.21
N SER B 57 13.19 19.66 -5.51
CA SER B 57 12.01 20.43 -5.84
C SER B 57 12.27 21.95 -5.79
N ASP B 58 11.66 22.68 -6.74
CA ASP B 58 11.74 24.14 -6.88
C ASP B 58 10.55 24.58 -7.73
N HIS B 67 0.78 19.33 -11.32
CA HIS B 67 1.82 18.45 -10.81
C HIS B 67 2.37 17.63 -12.00
N ASN B 68 3.36 16.76 -11.72
CA ASN B 68 4.07 15.93 -12.71
C ASN B 68 4.47 14.65 -12.01
N VAL B 69 5.07 13.75 -12.77
CA VAL B 69 5.52 12.46 -12.27
C VAL B 69 6.68 12.51 -11.28
N TRP B 70 7.66 13.39 -11.48
CA TRP B 70 8.84 13.31 -10.64
C TRP B 70 8.99 14.41 -9.59
N ALA B 71 8.88 15.67 -9.99
CA ALA B 71 9.02 16.77 -9.03
C ALA B 71 7.65 17.01 -8.45
N THR B 72 7.22 16.03 -7.66
CA THR B 72 5.90 15.89 -7.08
C THR B 72 5.73 16.72 -5.83
N HIS B 73 4.52 16.66 -5.30
CA HIS B 73 4.09 17.34 -4.08
C HIS B 73 4.74 16.75 -2.84
N ALA B 74 5.46 15.64 -3.02
CA ALA B 74 6.16 14.94 -1.97
C ALA B 74 7.60 14.65 -2.44
N CYS B 75 8.38 15.73 -2.69
CA CYS B 75 9.74 15.78 -3.20
C CYS B 75 10.48 16.85 -2.42
N VAL B 76 11.70 16.51 -2.10
CA VAL B 76 12.63 17.29 -1.29
C VAL B 76 13.07 18.59 -1.98
N PRO B 77 13.01 19.76 -1.32
CA PRO B 77 13.47 21.03 -1.84
C PRO B 77 14.93 20.92 -2.24
N THR B 78 15.28 21.56 -3.34
CA THR B 78 16.66 21.47 -3.82
C THR B 78 17.59 22.40 -3.08
N ASP B 79 18.88 22.23 -3.36
CA ASP B 79 19.92 23.04 -2.76
C ASP B 79 20.20 24.26 -3.64
N PRO B 80 19.88 25.50 -3.20
CA PRO B 80 20.06 26.71 -3.98
C PRO B 80 21.53 27.07 -4.20
N ASN B 81 22.44 26.47 -3.43
CA ASN B 81 23.85 26.81 -3.57
C ASN B 81 24.78 25.68 -3.16
N PRO B 82 24.88 24.59 -3.94
CA PRO B 82 25.69 23.44 -3.64
C PRO B 82 27.12 23.88 -3.75
N GLN B 83 28.03 23.29 -2.98
CA GLN B 83 29.40 23.73 -3.07
C GLN B 83 30.34 22.68 -3.60
N GLU B 84 30.87 22.95 -4.77
CA GLU B 84 31.79 22.02 -5.36
C GLU B 84 33.18 22.32 -4.83
N ILE B 85 33.85 21.29 -4.34
CA ILE B 85 35.17 21.51 -3.80
C ILE B 85 36.24 20.76 -4.55
N HIS B 86 37.15 21.51 -5.16
CA HIS B 86 38.24 20.91 -5.92
C HIS B 86 39.19 20.19 -5.01
N LEU B 87 39.57 18.98 -5.39
CA LEU B 87 40.52 18.31 -4.55
C LEU B 87 41.91 18.31 -5.13
N GLU B 88 42.79 19.06 -4.47
CA GLU B 88 44.24 19.07 -4.81
C GLU B 88 44.73 17.62 -4.88
N ASN B 89 45.46 17.28 -5.92
CA ASN B 89 46.03 15.92 -6.12
C ASN B 89 45.20 14.88 -5.39
N VAL B 90 43.95 14.70 -5.79
CA VAL B 90 43.25 13.39 -5.64
C VAL B 90 43.01 12.82 -7.04
N THR B 91 43.44 11.58 -7.27
CA THR B 91 43.09 10.83 -8.46
C THR B 91 42.19 9.70 -8.02
N GLU B 92 41.02 9.60 -8.62
CA GLU B 92 40.08 8.58 -8.19
C GLU B 92 39.68 7.64 -9.29
N GLU B 93 39.79 6.36 -9.04
CA GLU B 93 39.39 5.36 -10.02
C GLU B 93 38.00 4.82 -9.77
N PHE B 94 37.18 4.86 -10.80
CA PHE B 94 35.82 4.40 -10.70
C PHE B 94 35.29 3.86 -12.02
N ASN B 95 34.13 3.20 -11.96
CA ASN B 95 33.58 2.60 -13.17
C ASN B 95 32.08 2.79 -13.42
N MET B 96 31.79 3.09 -14.66
CA MET B 96 30.44 3.11 -15.13
C MET B 96 30.00 1.70 -15.15
N TRP B 97 28.70 1.49 -15.08
CA TRP B 97 28.12 0.16 -15.13
C TRP B 97 28.28 -0.58 -13.80
N LYS B 98 29.08 -0.03 -12.87
CA LYS B 98 29.23 -0.56 -11.53
C LYS B 98 28.60 0.44 -10.59
N ASN B 99 28.00 1.45 -11.19
CA ASN B 99 27.42 2.58 -10.51
C ASN B 99 25.98 2.33 -10.11
N ASN B 100 25.74 2.12 -8.83
CA ASN B 100 24.42 1.74 -8.36
C ASN B 100 23.44 2.90 -8.33
N MET B 101 23.91 4.08 -8.69
CA MET B 101 23.06 5.25 -8.75
C MET B 101 22.08 5.05 -9.88
N VAL B 102 22.47 4.23 -10.86
CA VAL B 102 21.63 4.00 -12.01
C VAL B 102 20.47 3.16 -11.58
N GLU B 103 20.73 2.15 -10.78
CA GLU B 103 19.68 1.28 -10.34
C GLU B 103 18.74 2.03 -9.42
N GLN B 104 19.26 2.94 -8.62
CA GLN B 104 18.38 3.68 -7.75
C GLN B 104 17.47 4.56 -8.59
N MET B 105 18.02 5.16 -9.65
CA MET B 105 17.19 5.99 -10.51
C MET B 105 16.10 5.16 -11.14
N HIS B 106 16.44 3.95 -11.55
CA HIS B 106 15.47 3.08 -12.20
C HIS B 106 14.33 2.78 -11.26
N GLU B 107 14.64 2.37 -10.04
CA GLU B 107 13.58 2.00 -9.15
C GLU B 107 12.72 3.18 -8.77
N ASP B 108 13.32 4.36 -8.61
CA ASP B 108 12.49 5.49 -8.24
C ASP B 108 11.58 5.89 -9.36
N ILE B 109 12.04 5.80 -10.58
CA ILE B 109 11.18 6.19 -11.66
C ILE B 109 10.00 5.26 -11.74
N ILE B 110 10.23 3.96 -11.57
CA ILE B 110 9.12 3.05 -11.64
C ILE B 110 8.12 3.36 -10.54
N SER B 111 8.63 3.63 -9.34
CA SER B 111 7.76 3.92 -8.23
C SER B 111 6.92 5.14 -8.50
N LEU B 112 7.55 6.18 -9.04
CA LEU B 112 6.85 7.42 -9.33
C LEU B 112 5.79 7.24 -10.38
N TRP B 113 6.06 6.43 -11.40
CA TRP B 113 5.03 6.19 -12.38
C TRP B 113 3.85 5.52 -11.73
N ASP B 114 4.11 4.56 -10.86
CA ASP B 114 3.00 3.88 -10.23
C ASP B 114 2.25 4.79 -9.27
N GLN B 115 2.95 5.68 -8.57
CA GLN B 115 2.21 6.55 -7.67
C GLN B 115 1.30 7.46 -8.48
N SER B 116 1.79 7.94 -9.61
CA SER B 116 1.04 8.83 -10.46
C SER B 116 -0.15 8.13 -11.08
N LEU B 117 0.06 6.91 -11.55
CA LEU B 117 -0.94 6.09 -12.19
C LEU B 117 -2.01 5.53 -11.28
N LYS B 118 -1.63 5.11 -10.09
CA LYS B 118 -2.56 4.51 -9.17
C LYS B 118 -3.92 5.21 -9.07
N PRO B 119 -4.05 6.51 -8.70
CA PRO B 119 -5.33 7.18 -8.54
C PRO B 119 -5.98 7.68 -9.85
N CYS B 120 -6.13 6.79 -10.84
CA CYS B 120 -6.67 7.05 -12.18
C CYS B 120 -7.86 6.15 -12.46
N VAL B 121 -8.69 6.57 -13.40
CA VAL B 121 -9.82 5.79 -13.85
C VAL B 121 -9.31 4.63 -14.70
N LYS B 122 -9.79 3.43 -14.37
CA LYS B 122 -9.43 2.21 -15.08
C LYS B 122 -10.26 2.15 -16.33
N LEU B 123 -9.73 1.57 -17.38
CA LEU B 123 -10.49 1.51 -18.61
C LEU B 123 -11.08 0.15 -18.87
N THR B 124 -11.07 -0.70 -17.86
CA THR B 124 -11.66 -2.02 -17.97
C THR B 124 -13.09 -1.96 -18.51
N PRO B 125 -13.98 -1.05 -18.07
CA PRO B 125 -15.33 -0.94 -18.55
C PRO B 125 -15.42 -0.72 -20.06
N LEU B 126 -14.34 -0.27 -20.68
CA LEU B 126 -14.33 -0.04 -22.12
C LEU B 126 -13.83 -1.24 -22.95
N CYS B 127 -13.45 -2.37 -22.30
CA CYS B 127 -12.99 -3.59 -22.96
C CYS B 127 -14.18 -4.36 -23.50
N VAL B 128 -14.71 -3.84 -24.57
CA VAL B 128 -15.87 -4.40 -25.22
C VAL B 128 -15.61 -4.60 -26.68
N THR B 129 -16.50 -5.36 -27.29
CA THR B 129 -16.37 -5.59 -28.74
C THR B 129 -16.55 -4.25 -29.44
N LEU B 130 -15.67 -3.92 -30.36
CA LEU B 130 -15.73 -2.70 -31.12
C LEU B 130 -16.16 -3.01 -32.54
N GLN B 131 -17.15 -2.27 -33.03
CA GLN B 131 -17.62 -2.40 -34.40
C GLN B 131 -16.94 -1.33 -35.21
N CYS B 132 -16.02 -1.74 -36.06
CA CYS B 132 -15.18 -0.80 -36.74
C CYS B 132 -15.48 -0.56 -38.19
N THR B 133 -15.45 0.72 -38.53
CA THR B 133 -15.64 1.22 -39.87
C THR B 133 -14.49 2.19 -40.18
N ASN B 134 -14.52 2.81 -41.38
CA ASN B 134 -13.48 3.69 -41.90
C ASN B 134 -13.62 5.13 -41.39
N VAL B 135 -12.64 5.98 -41.75
CA VAL B 135 -12.59 7.40 -41.36
C VAL B 135 -13.04 8.30 -42.50
N THR B 136 -14.10 9.04 -42.26
CA THR B 136 -14.71 9.91 -43.25
C THR B 136 -14.00 11.24 -43.37
N ASN B 137 -12.79 11.19 -43.90
CA ASN B 137 -11.95 12.35 -44.05
C ASN B 137 -11.02 12.16 -45.26
N ASN B 138 -10.20 13.15 -45.52
CA ASN B 138 -9.23 13.07 -46.59
C ASN B 138 -8.01 12.42 -46.00
N ILE B 139 -7.74 11.21 -46.45
CA ILE B 139 -6.68 10.44 -45.86
C ILE B 139 -5.52 10.40 -46.84
N THR B 140 -4.33 10.71 -46.38
CA THR B 140 -3.20 10.63 -47.30
C THR B 140 -2.80 9.19 -47.53
N ASP B 141 -1.89 8.97 -48.46
CA ASP B 141 -1.54 7.60 -48.81
C ASP B 141 -0.98 6.78 -47.68
N ASP B 142 -0.20 7.42 -46.84
CA ASP B 142 0.48 6.71 -45.80
C ASP B 142 -0.36 6.56 -44.56
N MET B 143 -1.58 7.09 -44.59
CA MET B 143 -2.47 6.98 -43.48
C MET B 143 -3.60 6.02 -43.74
N ARG B 144 -3.61 5.37 -44.90
CA ARG B 144 -4.75 4.50 -45.08
C ARG B 144 -4.53 3.23 -44.33
N GLY B 145 -5.49 2.91 -43.48
CA GLY B 145 -5.40 1.75 -42.62
C GLY B 145 -4.83 2.10 -41.25
N GLU B 146 -4.36 3.35 -41.08
CA GLU B 146 -3.78 3.76 -39.79
C GLU B 146 -4.80 4.07 -38.72
N LEU B 147 -6.00 4.50 -39.11
CA LEU B 147 -7.01 4.83 -38.13
C LEU B 147 -8.25 4.01 -38.36
N LYS B 148 -8.95 3.70 -37.28
CA LYS B 148 -10.26 3.06 -37.40
C LYS B 148 -11.28 3.80 -36.53
N ASN B 149 -12.55 3.84 -37.00
CA ASN B 149 -13.69 4.42 -36.29
C ASN B 149 -14.47 3.29 -35.59
N CYS B 150 -14.27 3.17 -34.25
CA CYS B 150 -14.78 2.08 -33.44
C CYS B 150 -16.03 2.48 -32.70
N SER B 151 -17.09 1.70 -32.80
CA SER B 151 -18.29 2.01 -32.05
C SER B 151 -18.55 0.88 -31.07
N PHE B 152 -19.17 1.22 -29.95
CA PHE B 152 -19.37 0.24 -28.90
C PHE B 152 -20.49 0.54 -27.90
N ASN B 153 -20.79 -0.50 -27.18
CA ASN B 153 -21.75 -0.31 -26.10
C ASN B 153 -20.91 0.20 -24.95
N ALA B 154 -21.34 1.26 -24.31
CA ALA B 154 -20.71 1.92 -23.17
C ALA B 154 -21.65 2.12 -21.99
N THR B 155 -21.10 2.08 -20.79
CA THR B 155 -21.91 2.34 -19.61
C THR B 155 -22.12 3.82 -19.45
N THR B 156 -23.05 4.15 -18.56
CA THR B 156 -23.40 5.52 -18.24
C THR B 156 -23.35 5.69 -16.73
N GLU B 157 -23.75 6.85 -16.25
CA GLU B 157 -23.70 7.13 -14.83
C GLU B 157 -24.54 6.12 -14.03
N LEU B 158 -25.66 5.66 -14.60
CA LEU B 158 -26.49 4.72 -13.87
C LEU B 158 -26.44 3.33 -14.48
N ARG B 159 -26.41 2.32 -13.62
CA ARG B 159 -26.27 0.93 -14.01
C ARG B 159 -27.54 0.26 -14.50
N ASN B 160 -28.13 0.83 -15.53
CA ASN B 160 -29.30 0.28 -16.16
C ASN B 160 -29.49 0.98 -17.47
N LYS B 161 -28.64 1.96 -17.70
CA LYS B 161 -28.67 2.73 -18.92
C LYS B 161 -27.38 2.53 -19.66
N ARG B 162 -27.49 2.13 -20.92
CA ARG B 162 -26.32 1.88 -21.74
C ARG B 162 -26.52 2.56 -23.07
N VAL B 163 -25.45 3.13 -23.60
CA VAL B 163 -25.51 3.87 -24.85
C VAL B 163 -24.45 3.47 -25.85
N LYS B 164 -24.70 3.79 -27.11
CA LYS B 164 -23.68 3.54 -28.11
C LYS B 164 -22.82 4.79 -28.29
N ARG B 165 -21.52 4.58 -28.25
CA ARG B 165 -20.50 5.60 -28.35
C ARG B 165 -19.48 5.22 -29.40
N TYR B 166 -18.74 6.20 -29.87
CA TYR B 166 -17.68 5.89 -30.79
C TYR B 166 -16.45 6.74 -30.54
N SER B 167 -15.32 6.22 -30.97
CA SER B 167 -14.02 6.86 -30.83
C SER B 167 -13.05 6.47 -31.93
N LEU B 168 -12.12 7.36 -32.27
CA LEU B 168 -11.14 6.99 -33.27
C LEU B 168 -9.90 6.46 -32.58
N PHE B 169 -9.35 5.41 -33.15
CA PHE B 169 -8.15 4.79 -32.61
C PHE B 169 -7.09 4.57 -33.65
N TYR B 170 -5.87 4.51 -33.17
CA TYR B 170 -4.77 4.21 -34.05
C TYR B 170 -4.72 2.71 -34.25
N ARG B 171 -4.33 2.29 -35.43
CA ARG B 171 -4.27 0.90 -35.80
C ARG B 171 -3.51 0.02 -34.81
N LEU B 172 -2.45 0.55 -34.23
CA LEU B 172 -1.62 -0.23 -33.33
C LEU B 172 -2.28 -0.54 -32.01
N ASP B 173 -3.38 0.13 -31.71
CA ASP B 173 -4.10 -0.03 -30.46
C ASP B 173 -5.21 -1.07 -30.59
N ILE B 174 -5.54 -1.46 -31.83
CA ILE B 174 -6.70 -2.29 -32.09
C ILE B 174 -6.38 -3.66 -32.68
N VAL B 175 -6.96 -4.70 -32.13
CA VAL B 175 -6.73 -6.05 -32.64
C VAL B 175 -7.98 -6.76 -33.16
N GLN B 176 -7.81 -7.40 -34.32
CA GLN B 176 -8.85 -8.19 -34.98
C GLN B 176 -9.16 -9.46 -34.22
N ILE B 177 -10.44 -9.63 -33.84
CA ILE B 177 -10.86 -10.83 -33.05
C ILE B 177 -11.24 -11.96 -33.99
N ASP B 178 -12.29 -11.77 -34.79
CA ASP B 178 -12.71 -12.82 -35.75
C ASP B 178 -12.68 -12.24 -37.16
N SER B 179 -11.55 -12.39 -37.87
CA SER B 179 -11.52 -11.96 -39.29
C SER B 179 -12.55 -12.81 -40.01
N ASN B 180 -12.60 -14.10 -39.69
CA ASN B 180 -13.67 -14.97 -40.25
C ASN B 180 -14.97 -14.56 -39.56
N ARG B 181 -16.01 -14.27 -40.35
CA ARG B 181 -17.35 -13.86 -39.83
C ARG B 181 -17.25 -12.46 -39.24
N ALA B 182 -18.37 -11.73 -39.21
CA ALA B 182 -18.38 -10.40 -38.59
C ALA B 182 -17.56 -9.43 -39.46
N LYS B 183 -16.30 -9.79 -39.74
CA LYS B 183 -15.40 -8.87 -40.50
C LYS B 183 -15.52 -7.50 -39.86
N SER B 184 -15.73 -7.48 -38.54
CA SER B 184 -15.97 -6.18 -37.86
C SER B 184 -15.73 -6.31 -36.36
N HIS B 185 -15.31 -7.50 -35.89
CA HIS B 185 -15.11 -7.73 -34.43
C HIS B 185 -13.69 -7.32 -34.02
N TYR B 186 -13.56 -6.34 -33.13
CA TYR B 186 -12.22 -5.81 -32.75
C TYR B 186 -12.20 -5.50 -31.25
N ARG B 187 -11.02 -5.52 -30.63
CA ARG B 187 -10.91 -5.13 -29.22
C ARG B 187 -9.62 -4.38 -29.01
N LEU B 188 -9.45 -3.78 -27.84
CA LEU B 188 -8.21 -3.09 -27.59
C LEU B 188 -7.15 -4.16 -27.39
N ILE B 189 -5.93 -3.86 -27.83
CA ILE B 189 -4.84 -4.85 -27.77
C ILE B 189 -4.47 -5.42 -26.42
N ASN B 190 -4.68 -4.69 -25.34
CA ASN B 190 -4.30 -5.28 -24.06
C ASN B 190 -5.43 -5.69 -23.10
N CYS B 191 -6.68 -5.87 -23.57
CA CYS B 191 -7.81 -6.25 -22.70
C CYS B 191 -7.74 -7.70 -22.25
N ASN B 192 -6.90 -8.50 -22.88
CA ASN B 192 -6.77 -9.88 -22.43
C ASN B 192 -5.59 -10.10 -21.46
N THR B 193 -4.91 -9.01 -21.03
CA THR B 193 -3.80 -8.98 -20.09
C THR B 193 -4.11 -7.92 -19.07
N SER B 194 -3.12 -7.58 -18.28
CA SER B 194 -3.37 -6.65 -17.19
C SER B 194 -4.06 -5.40 -17.70
N ALA B 195 -5.00 -4.94 -16.89
CA ALA B 195 -5.85 -3.83 -17.24
C ALA B 195 -5.09 -2.59 -17.62
N ILE B 196 -5.69 -1.92 -18.57
CA ILE B 196 -5.23 -0.67 -19.09
C ILE B 196 -5.84 0.38 -18.18
N THR B 197 -5.01 1.19 -17.57
CA THR B 197 -5.49 2.22 -16.66
C THR B 197 -4.87 3.53 -17.01
N GLN B 198 -5.64 4.61 -17.08
CA GLN B 198 -5.02 5.92 -17.25
C GLN B 198 -6.05 7.01 -17.33
N ALA B 199 -5.84 8.00 -16.52
CA ALA B 199 -6.61 9.20 -16.55
C ALA B 199 -5.61 10.30 -16.15
N CYS B 200 -5.79 10.91 -14.95
CA CYS B 200 -4.91 11.88 -14.31
C CYS B 200 -4.36 12.94 -15.31
N PRO B 201 -5.23 13.61 -16.07
CA PRO B 201 -4.89 14.56 -17.13
C PRO B 201 -4.19 15.79 -16.62
N LYS B 202 -4.31 16.01 -15.32
CA LYS B 202 -3.72 17.15 -14.64
C LYS B 202 -2.23 16.96 -14.41
N VAL B 203 -1.73 15.73 -14.56
CA VAL B 203 -0.34 15.43 -14.30
C VAL B 203 0.46 15.42 -15.58
N SER B 204 1.50 16.23 -15.63
CA SER B 204 2.33 16.31 -16.80
C SER B 204 3.41 15.26 -16.78
N PHE B 205 4.05 15.09 -17.92
CA PHE B 205 5.14 14.15 -18.05
C PHE B 205 6.43 14.84 -18.37
N GLU B 206 6.48 16.12 -18.06
CA GLU B 206 7.67 16.88 -18.30
C GLU B 206 8.81 16.30 -17.49
N PRO B 207 9.95 15.96 -18.09
CA PRO B 207 11.10 15.37 -17.44
C PRO B 207 11.87 16.43 -16.70
N ILE B 208 11.28 16.93 -15.63
CA ILE B 208 11.87 17.97 -14.82
C ILE B 208 13.09 17.39 -14.16
N PRO B 209 14.25 18.02 -14.28
CA PRO B 209 15.47 17.51 -13.74
C PRO B 209 15.46 17.38 -12.25
N ILE B 210 15.96 16.27 -11.77
CA ILE B 210 16.08 16.03 -10.35
C ILE B 210 17.53 15.96 -9.95
N HIS B 211 17.88 16.70 -8.93
CA HIS B 211 19.23 16.69 -8.40
C HIS B 211 19.26 15.61 -7.36
N TYR B 212 20.30 14.81 -7.31
CA TYR B 212 20.35 13.83 -6.25
C TYR B 212 21.28 14.34 -5.19
N CYS B 213 20.93 14.15 -3.90
CA CYS B 213 21.73 14.58 -2.76
C CYS B 213 22.03 13.40 -1.85
N ALA B 214 23.23 13.43 -1.28
CA ALA B 214 23.66 12.42 -0.32
C ALA B 214 23.25 12.78 1.11
N PRO B 215 22.99 11.80 1.98
CA PRO B 215 22.74 11.96 3.39
C PRO B 215 24.01 12.29 4.14
N ALA B 216 23.86 12.88 5.31
CA ALA B 216 25.03 13.19 6.11
C ALA B 216 25.80 11.91 6.36
N GLY B 217 27.12 12.01 6.30
CA GLY B 217 27.98 10.85 6.48
C GLY B 217 28.45 10.34 5.12
N PHE B 218 27.87 10.90 4.05
CA PHE B 218 28.18 10.54 2.69
C PHE B 218 28.53 11.74 1.82
N ALA B 219 29.26 11.46 0.75
CA ALA B 219 29.64 12.49 -0.21
C ALA B 219 29.57 11.96 -1.63
N ILE B 220 29.37 12.87 -2.57
CA ILE B 220 29.34 12.46 -3.96
C ILE B 220 30.57 13.00 -4.65
N LEU B 221 31.25 12.13 -5.34
CA LEU B 221 32.45 12.50 -6.04
C LEU B 221 32.16 12.70 -7.50
N LYS B 222 32.53 13.86 -8.01
CA LYS B 222 32.29 14.21 -9.40
C LYS B 222 33.61 14.23 -10.17
N CYS B 223 33.64 13.60 -11.36
CA CYS B 223 34.79 13.56 -12.25
C CYS B 223 34.71 14.68 -13.27
N LYS B 224 35.74 15.52 -13.31
CA LYS B 224 35.80 16.65 -14.21
C LYS B 224 36.62 16.38 -15.46
N ASP B 225 37.18 15.18 -15.55
CA ASP B 225 37.99 14.81 -16.68
C ASP B 225 37.17 14.79 -17.96
N LYS B 226 37.75 15.25 -19.07
CA LYS B 226 37.02 15.29 -20.33
C LYS B 226 37.44 14.25 -21.36
N LYS B 227 38.31 13.34 -21.00
CA LYS B 227 38.74 12.30 -21.93
C LYS B 227 38.28 10.94 -21.50
N PHE B 228 38.06 10.75 -20.21
CA PHE B 228 37.79 9.44 -19.71
C PHE B 228 36.52 8.86 -20.33
N ASN B 229 36.56 7.54 -20.63
CA ASN B 229 35.44 6.77 -21.19
C ASN B 229 34.75 5.86 -20.14
N GLY B 230 34.92 6.19 -18.83
CA GLY B 230 34.21 5.55 -17.70
C GLY B 230 34.82 4.35 -17.02
N THR B 231 36.06 3.97 -17.33
CA THR B 231 36.63 2.80 -16.66
C THR B 231 38.08 3.06 -16.26
N GLY B 232 38.30 3.74 -15.13
CA GLY B 232 39.67 4.05 -14.76
C GLY B 232 39.81 5.32 -13.94
N PRO B 233 41.07 5.71 -13.61
CA PRO B 233 41.47 6.88 -12.83
C PRO B 233 41.01 8.17 -13.48
N CYS B 234 40.58 9.13 -12.64
CA CYS B 234 40.16 10.48 -12.97
C CYS B 234 41.06 11.45 -12.19
N PRO B 235 42.09 12.02 -12.84
CA PRO B 235 43.06 12.94 -12.29
C PRO B 235 42.49 14.27 -11.79
N SER B 236 41.28 14.61 -12.19
CA SER B 236 40.72 15.87 -11.74
C SER B 236 39.33 15.66 -11.21
N VAL B 237 39.23 15.72 -9.90
CA VAL B 237 37.97 15.47 -9.22
C VAL B 237 37.65 16.55 -8.23
N SER B 238 36.40 16.59 -7.87
CA SER B 238 35.86 17.47 -6.87
C SER B 238 34.72 16.78 -6.20
N THR B 239 34.30 17.26 -5.05
CA THR B 239 33.13 16.63 -4.46
C THR B 239 32.03 17.61 -4.29
N VAL B 240 30.84 17.06 -4.27
CA VAL B 240 29.61 17.80 -4.11
C VAL B 240 28.74 17.14 -3.07
N GLN B 241 27.75 17.87 -2.63
CA GLN B 241 26.75 17.30 -1.74
C GLN B 241 25.54 16.76 -2.56
N CYS B 242 25.26 17.43 -3.71
CA CYS B 242 24.17 17.22 -4.64
C CYS B 242 24.73 17.30 -6.04
N THR B 243 24.18 16.52 -6.93
CA THR B 243 24.53 16.52 -8.35
C THR B 243 23.72 17.61 -9.01
N HIS B 244 24.04 17.90 -10.26
CA HIS B 244 23.21 18.82 -11.01
C HIS B 244 21.95 18.07 -11.32
N GLY B 245 20.97 18.72 -11.91
CA GLY B 245 19.77 17.97 -12.14
C GLY B 245 19.92 17.06 -13.34
N ILE B 246 19.28 15.89 -13.28
CA ILE B 246 19.23 14.93 -14.37
C ILE B 246 17.80 14.74 -14.83
N LYS B 247 17.59 14.88 -16.13
CA LYS B 247 16.26 14.76 -16.69
C LYS B 247 15.93 13.31 -17.07
N PRO B 248 14.84 12.72 -16.56
CA PRO B 248 14.43 11.36 -16.80
C PRO B 248 13.74 11.23 -18.14
N VAL B 249 14.48 11.47 -19.18
CA VAL B 249 13.93 11.45 -20.52
C VAL B 249 13.81 10.03 -21.01
N VAL B 250 12.65 9.69 -21.55
CA VAL B 250 12.40 8.37 -22.09
C VAL B 250 13.02 8.25 -23.45
N SER B 251 13.74 7.17 -23.70
CA SER B 251 14.39 7.00 -24.99
C SER B 251 14.69 5.56 -25.33
N THR B 252 15.00 5.33 -26.60
CA THR B 252 15.48 4.05 -27.10
C THR B 252 16.79 4.22 -27.88
N GLN B 253 16.67 4.36 -29.18
CA GLN B 253 17.81 4.42 -30.09
C GLN B 253 18.62 5.71 -30.02
N LEU B 254 17.93 6.82 -29.80
CA LEU B 254 18.60 8.10 -29.74
C LEU B 254 18.36 8.69 -28.39
N LEU B 255 19.37 9.37 -27.88
CA LEU B 255 19.32 9.99 -26.58
C LEU B 255 19.04 11.45 -26.69
N LEU B 256 17.90 11.87 -26.18
CA LEU B 256 17.49 13.26 -26.27
C LEU B 256 17.68 14.01 -24.97
N ASN B 257 18.04 15.28 -25.09
CA ASN B 257 17.98 16.30 -24.02
C ASN B 257 19.00 16.03 -22.91
N GLY B 258 20.06 15.25 -23.18
CA GLY B 258 21.10 14.91 -22.21
C GLY B 258 22.20 15.95 -22.23
N SER B 259 23.05 15.92 -21.22
CA SER B 259 24.18 16.81 -21.16
C SER B 259 25.16 16.46 -22.27
N LEU B 260 25.64 17.47 -22.95
CA LEU B 260 26.52 17.33 -24.10
C LEU B 260 27.98 17.19 -23.70
N ALA B 261 28.76 16.42 -24.46
CA ALA B 261 30.19 16.33 -24.21
C ALA B 261 30.77 17.71 -24.49
N GLU B 262 31.77 18.13 -23.74
CA GLU B 262 32.30 19.47 -24.00
C GLU B 262 33.48 19.56 -24.96
N GLU B 263 34.31 18.54 -25.04
CA GLU B 263 35.49 18.67 -25.90
C GLU B 263 35.51 17.78 -27.13
N GLU B 264 35.03 16.56 -26.99
CA GLU B 264 35.12 15.56 -28.05
C GLU B 264 34.02 14.53 -27.91
N VAL B 265 33.71 13.84 -29.00
CA VAL B 265 32.72 12.78 -28.94
C VAL B 265 33.34 11.59 -28.20
N ILE B 266 32.63 11.09 -27.21
CA ILE B 266 33.19 9.96 -26.46
C ILE B 266 32.36 8.72 -26.62
N ILE B 267 33.02 7.65 -27.01
CA ILE B 267 32.30 6.41 -27.18
C ILE B 267 32.66 5.46 -26.06
N ARG B 268 31.65 5.09 -25.28
CA ARG B 268 31.87 4.31 -24.09
C ARG B 268 31.19 2.94 -24.13
N SER B 269 31.90 1.91 -23.73
CA SER B 269 31.29 0.59 -23.66
C SER B 269 31.94 -0.23 -22.58
N GLU B 270 31.21 -1.23 -22.09
CA GLU B 270 31.76 -2.12 -21.06
C GLU B 270 32.95 -2.99 -21.55
N ASN B 271 32.88 -3.45 -22.82
CA ASN B 271 33.86 -4.29 -23.50
C ASN B 271 33.72 -4.05 -25.01
N ILE B 272 34.75 -3.44 -25.65
CA ILE B 272 34.70 -3.07 -27.09
C ILE B 272 34.54 -4.26 -28.03
N THR B 273 35.03 -5.43 -27.64
CA THR B 273 34.92 -6.59 -28.49
C THR B 273 33.66 -7.39 -28.21
N ASN B 274 32.85 -6.95 -27.25
CA ASN B 274 31.65 -7.70 -26.92
C ASN B 274 30.46 -7.08 -27.64
N ASN B 275 30.00 -7.73 -28.69
CA ASN B 275 28.94 -7.17 -29.52
C ASN B 275 27.57 -7.31 -28.90
N ALA B 276 27.50 -7.92 -27.73
CA ALA B 276 26.23 -8.07 -27.04
C ALA B 276 25.96 -6.85 -26.17
N LYS B 277 26.94 -5.95 -26.08
CA LYS B 277 26.80 -4.78 -25.24
C LYS B 277 26.34 -3.60 -26.03
N ASN B 278 25.67 -2.68 -25.35
CA ASN B 278 25.30 -1.42 -25.98
C ASN B 278 26.46 -0.46 -25.99
N ILE B 279 26.57 0.33 -27.04
CA ILE B 279 27.62 1.33 -27.14
C ILE B 279 27.06 2.71 -26.98
N LEU B 280 27.57 3.45 -26.01
CA LEU B 280 27.08 4.80 -25.77
C LEU B 280 27.92 5.85 -26.45
N VAL B 281 27.29 6.61 -27.35
CA VAL B 281 28.00 7.66 -28.05
C VAL B 281 27.54 9.01 -27.58
N GLN B 282 28.42 9.76 -26.92
CA GLN B 282 28.04 11.08 -26.44
C GLN B 282 28.64 12.13 -27.33
N LEU B 283 27.78 12.90 -27.96
CA LEU B 283 28.20 13.89 -28.92
C LEU B 283 28.69 15.13 -28.24
N ASN B 284 29.58 15.87 -28.91
CA ASN B 284 30.05 17.15 -28.44
C ASN B 284 29.41 18.30 -29.23
N THR B 285 28.36 17.97 -29.95
CA THR B 285 27.60 18.93 -30.73
C THR B 285 26.17 18.43 -30.72
N PRO B 286 25.15 19.25 -30.48
CA PRO B 286 23.77 18.83 -30.48
C PRO B 286 23.27 18.70 -31.89
N VAL B 287 22.32 17.83 -32.12
CA VAL B 287 21.66 17.82 -33.42
C VAL B 287 20.22 18.17 -33.20
N GLN B 288 19.73 19.19 -33.87
CA GLN B 288 18.35 19.58 -33.64
C GLN B 288 17.38 18.71 -34.38
N ILE B 289 16.34 18.29 -33.67
CA ILE B 289 15.24 17.53 -34.24
C ILE B 289 13.87 18.21 -33.93
N ASN B 290 13.01 18.34 -34.96
CA ASN B 290 11.66 18.95 -34.90
C ASN B 290 10.59 17.95 -35.30
N CYS B 291 9.70 17.55 -34.37
CA CYS B 291 8.65 16.55 -34.63
C CYS B 291 7.27 17.19 -34.60
N THR B 292 6.36 16.61 -35.36
CA THR B 292 5.00 17.09 -35.37
C THR B 292 3.93 16.06 -35.62
N ARG B 293 2.76 16.39 -35.12
CA ARG B 293 1.55 15.65 -35.38
C ARG B 293 0.60 16.65 -35.99
N PRO B 294 0.61 16.85 -37.30
CA PRO B 294 -0.05 17.93 -38.01
C PRO B 294 -1.54 17.66 -38.22
N ASN B 295 -2.24 17.37 -37.13
CA ASN B 295 -3.63 17.00 -37.17
C ASN B 295 -4.37 17.69 -36.03
N ASN B 296 -5.36 18.56 -36.35
CA ASN B 296 -6.09 19.35 -35.34
C ASN B 296 -7.20 18.49 -34.71
N ASN B 297 -6.76 17.50 -33.90
CA ASN B 297 -7.57 16.50 -33.22
C ASN B 297 -8.42 17.11 -32.11
N THR B 298 -9.68 16.69 -32.03
CA THR B 298 -10.58 17.16 -30.99
C THR B 298 -10.92 16.09 -30.00
N VAL B 299 -10.73 16.43 -28.75
CA VAL B 299 -10.98 15.52 -27.67
C VAL B 299 -12.40 15.59 -27.19
N LYS B 300 -13.01 14.42 -27.12
CA LYS B 300 -14.35 14.25 -26.65
C LYS B 300 -14.28 13.41 -25.41
N SER B 301 -15.34 13.42 -24.62
CA SER B 301 -15.30 12.62 -23.42
C SER B 301 -16.62 12.04 -23.08
N ILE B 302 -16.56 10.98 -22.29
CA ILE B 302 -17.73 10.32 -21.76
C ILE B 302 -17.62 10.10 -20.28
N ARG B 303 -18.77 9.99 -19.65
CA ARG B 303 -18.84 9.66 -18.26
C ARG B 303 -19.18 8.18 -18.24
N ILE B 304 -18.31 7.41 -17.62
CA ILE B 304 -18.41 5.97 -17.55
C ILE B 304 -19.15 5.53 -16.32
N GLY B 305 -18.90 6.25 -15.24
CA GLY B 305 -19.46 5.87 -13.95
C GLY B 305 -19.32 6.99 -12.91
N PRO B 306 -19.31 6.67 -11.62
CA PRO B 306 -19.35 7.61 -10.50
C PRO B 306 -18.07 8.40 -10.34
N GLY B 307 -17.95 9.45 -11.15
CA GLY B 307 -16.78 10.31 -11.19
C GLY B 307 -15.71 9.70 -12.07
N GLN B 308 -16.14 8.74 -12.87
CA GLN B 308 -15.24 8.03 -13.74
C GLN B 308 -15.38 8.53 -15.16
N ALA B 309 -14.35 9.22 -15.66
CA ALA B 309 -14.42 9.81 -17.00
C ALA B 309 -13.28 9.37 -17.88
N PHE B 310 -13.57 9.33 -19.18
CA PHE B 310 -12.63 8.95 -20.22
C PHE B 310 -12.56 9.92 -21.36
N TYR B 311 -11.34 10.17 -21.83
CA TYR B 311 -11.10 11.11 -22.89
C TYR B 311 -10.52 10.40 -24.10
N TYR B 312 -10.98 10.80 -25.28
CA TYR B 312 -10.55 10.19 -26.53
C TYR B 312 -10.64 11.11 -27.72
N THR B 313 -9.95 10.78 -28.80
CA THR B 313 -10.11 11.60 -29.99
C THR B 313 -11.41 11.26 -30.67
N GLY B 314 -12.18 12.28 -30.96
CA GLY B 314 -13.44 12.17 -31.64
C GLY B 314 -13.24 12.66 -33.05
N ASP B 315 -13.59 13.91 -33.27
CA ASP B 315 -13.47 14.50 -34.57
C ASP B 315 -12.03 14.89 -34.84
N ILE B 316 -11.68 14.95 -36.10
CA ILE B 316 -10.40 15.49 -36.51
C ILE B 316 -10.70 16.62 -37.45
N ILE B 317 -10.10 17.77 -37.17
CA ILE B 317 -10.30 18.93 -38.00
C ILE B 317 -9.21 18.99 -39.03
N GLY B 318 -9.61 19.04 -40.28
CA GLY B 318 -8.67 19.05 -41.39
C GLY B 318 -8.29 17.65 -41.83
N ASP B 319 -7.38 17.61 -42.78
CA ASP B 319 -6.92 16.38 -43.43
C ASP B 319 -6.11 15.53 -42.48
N ILE B 320 -6.06 14.23 -42.75
CA ILE B 320 -5.27 13.33 -41.92
C ILE B 320 -3.95 12.94 -42.54
N ARG B 321 -2.89 13.31 -41.82
CA ARG B 321 -1.51 13.13 -42.26
C ARG B 321 -0.67 12.42 -41.24
N GLN B 322 0.38 11.78 -41.72
CA GLN B 322 1.29 11.08 -40.83
C GLN B 322 2.22 12.02 -40.08
N ALA B 323 2.41 11.71 -38.80
CA ALA B 323 3.31 12.41 -37.91
C ALA B 323 4.72 12.16 -38.39
N HIS B 324 5.59 13.12 -38.20
CA HIS B 324 6.95 12.98 -38.67
C HIS B 324 7.95 13.84 -37.91
N CYS B 325 9.27 13.55 -38.08
CA CYS B 325 10.38 14.33 -37.50
C CYS B 325 11.40 14.76 -38.55
N ASN B 326 11.88 15.98 -38.40
CA ASN B 326 12.94 16.50 -39.25
C ASN B 326 14.26 16.61 -38.49
N VAL B 327 15.33 16.12 -39.12
CA VAL B 327 16.72 16.19 -38.67
C VAL B 327 17.53 16.91 -39.73
N SER B 328 18.30 17.93 -39.36
CA SER B 328 19.07 18.62 -40.40
C SER B 328 19.95 17.64 -41.09
N LYS B 329 19.91 17.61 -42.41
CA LYS B 329 20.68 16.60 -43.11
C LYS B 329 22.14 16.89 -43.00
N ALA B 330 22.50 18.15 -43.17
CA ALA B 330 23.90 18.48 -43.13
C ALA B 330 24.47 18.24 -41.76
N THR B 331 23.71 18.57 -40.72
CA THR B 331 24.24 18.40 -39.40
C THR B 331 24.42 16.95 -39.12
N TRP B 332 23.44 16.12 -39.47
CA TRP B 332 23.54 14.72 -39.20
C TRP B 332 24.75 14.15 -39.89
N ASN B 333 24.96 14.50 -41.17
CA ASN B 333 26.08 13.93 -41.88
C ASN B 333 27.39 14.28 -41.19
N GLU B 334 27.58 15.55 -40.81
CA GLU B 334 28.83 15.90 -40.18
C GLU B 334 28.97 15.25 -38.81
N THR B 335 27.88 15.18 -38.08
CA THR B 335 27.89 14.63 -36.75
C THR B 335 28.23 13.18 -36.80
N LEU B 336 27.64 12.47 -37.74
CA LEU B 336 27.90 11.07 -37.84
C LEU B 336 29.34 10.89 -38.23
N GLY B 337 29.85 11.74 -39.13
CA GLY B 337 31.24 11.63 -39.54
C GLY B 337 32.16 11.77 -38.33
N LYS B 338 31.78 12.61 -37.36
CA LYS B 338 32.57 12.78 -36.13
C LYS B 338 32.54 11.49 -35.30
N VAL B 339 31.39 10.82 -35.29
CA VAL B 339 31.27 9.57 -34.56
C VAL B 339 32.20 8.57 -35.17
N VAL B 340 32.22 8.53 -36.49
CA VAL B 340 33.05 7.63 -37.24
C VAL B 340 34.52 7.95 -36.99
N LYS B 341 34.86 9.23 -36.98
CA LYS B 341 36.23 9.63 -36.72
C LYS B 341 36.70 9.02 -35.39
N GLN B 342 35.84 9.06 -34.38
CA GLN B 342 36.20 8.44 -33.12
C GLN B 342 36.14 6.91 -33.19
N LEU B 343 35.23 6.34 -33.96
CA LEU B 343 35.19 4.88 -34.04
C LEU B 343 36.50 4.38 -34.57
N ARG B 344 37.10 5.12 -35.49
CA ARG B 344 38.38 4.76 -36.10
C ARG B 344 39.55 4.77 -35.12
N LYS B 345 39.35 5.35 -33.93
CA LYS B 345 40.37 5.37 -32.90
C LYS B 345 40.14 4.24 -31.92
N HIS B 346 38.87 3.87 -31.75
CA HIS B 346 38.49 2.81 -30.83
C HIS B 346 38.72 1.45 -31.48
N PHE B 347 38.55 1.42 -32.79
CA PHE B 347 38.71 0.29 -33.68
C PHE B 347 39.93 0.56 -34.52
N GLY B 348 40.28 -0.33 -35.44
CA GLY B 348 41.48 -0.07 -36.22
C GLY B 348 41.22 0.86 -37.41
N ASN B 349 42.31 1.20 -38.14
CA ASN B 349 42.31 2.09 -39.30
C ASN B 349 42.02 1.28 -40.57
N ASN B 350 41.62 2.01 -41.66
CA ASN B 350 41.30 1.51 -43.00
C ASN B 350 40.20 0.46 -42.98
N THR B 351 39.25 0.69 -42.11
CA THR B 351 38.10 -0.15 -41.96
C THR B 351 36.92 0.66 -42.43
N ILE B 352 36.15 0.08 -43.30
CA ILE B 352 34.97 0.76 -43.78
C ILE B 352 33.92 0.66 -42.73
N ILE B 353 33.31 1.78 -42.40
CA ILE B 353 32.30 1.80 -41.37
C ILE B 353 30.94 2.06 -41.96
N ARG B 354 30.00 1.21 -41.62
CA ARG B 354 28.66 1.35 -42.17
C ARG B 354 27.59 1.45 -41.12
N PHE B 355 26.51 2.09 -41.49
CA PHE B 355 25.34 2.18 -40.65
C PHE B 355 24.14 1.61 -41.35
N ALA B 356 23.33 0.92 -40.57
CA ALA B 356 22.13 0.25 -41.02
C ALA B 356 21.04 0.30 -39.97
N GLN B 357 19.83 0.00 -40.39
CA GLN B 357 18.64 -0.03 -39.57
C GLN B 357 18.64 -1.25 -38.69
N SER B 358 17.90 -1.20 -37.59
CA SER B 358 17.88 -2.35 -36.71
C SER B 358 17.18 -3.50 -37.42
N SER B 359 17.47 -4.72 -36.95
CA SER B 359 16.97 -5.93 -37.57
C SER B 359 15.54 -6.37 -37.23
N GLY B 360 14.96 -5.93 -36.13
CA GLY B 360 13.63 -6.42 -35.82
C GLY B 360 13.28 -6.37 -34.34
N GLY B 361 12.18 -7.02 -33.99
CA GLY B 361 11.65 -7.00 -32.64
C GLY B 361 10.40 -6.17 -32.67
N ASP B 362 9.82 -5.87 -31.51
CA ASP B 362 8.57 -5.13 -31.55
C ASP B 362 8.88 -3.66 -31.75
N LEU B 363 7.86 -2.84 -31.82
CA LEU B 363 8.01 -1.42 -32.11
C LEU B 363 8.98 -0.72 -31.15
N GLU B 364 8.92 -1.10 -29.90
CA GLU B 364 9.71 -0.49 -28.84
C GLU B 364 11.21 -0.66 -29.01
N VAL B 365 11.64 -1.59 -29.87
CA VAL B 365 13.05 -1.76 -30.11
C VAL B 365 13.42 -1.50 -31.56
N THR B 366 12.47 -1.07 -32.40
CA THR B 366 12.81 -0.84 -33.79
C THR B 366 12.75 0.62 -34.15
N THR B 367 12.03 1.40 -33.37
CA THR B 367 11.89 2.83 -33.60
C THR B 367 12.56 3.67 -32.54
N HIS B 368 12.60 4.94 -32.81
CA HIS B 368 13.02 5.91 -31.83
C HIS B 368 11.81 6.35 -31.05
N SER B 369 11.80 5.96 -29.79
CA SER B 369 10.69 6.26 -28.94
C SER B 369 10.96 7.44 -28.06
N PHE B 370 9.99 8.32 -27.95
CA PHE B 370 10.11 9.45 -27.06
C PHE B 370 8.77 9.98 -26.58
N ASN B 371 8.81 10.70 -25.47
CA ASN B 371 7.62 11.36 -24.97
C ASN B 371 7.62 12.82 -25.40
N CYS B 372 6.45 13.34 -25.82
CA CYS B 372 6.27 14.75 -26.15
C CYS B 372 4.83 15.17 -25.82
N GLY B 373 4.71 16.00 -24.80
CA GLY B 373 3.41 16.49 -24.39
C GLY B 373 2.62 15.45 -23.62
N GLY B 374 3.27 14.34 -23.25
CA GLY B 374 2.58 13.26 -22.58
C GLY B 374 2.23 12.19 -23.60
N GLU B 375 2.41 12.51 -24.87
CA GLU B 375 2.13 11.55 -25.92
C GLU B 375 3.37 10.74 -26.24
N PHE B 376 3.18 9.54 -26.75
CA PHE B 376 4.29 8.68 -27.10
C PHE B 376 4.44 8.44 -28.59
N PHE B 377 5.62 8.73 -29.08
CA PHE B 377 5.93 8.62 -30.50
C PHE B 377 6.89 7.50 -30.75
N TYR B 378 6.70 6.82 -31.88
CA TYR B 378 7.57 5.71 -32.34
C TYR B 378 8.03 5.94 -33.77
N CYS B 379 9.15 6.68 -33.96
CA CYS B 379 9.60 7.18 -35.26
C CYS B 379 10.60 6.27 -35.95
N ASN B 380 10.44 6.16 -37.25
CA ASN B 380 11.35 5.40 -38.08
C ASN B 380 12.68 6.15 -38.15
N THR B 381 13.83 5.44 -38.07
CA THR B 381 15.19 5.98 -38.09
C THR B 381 15.98 5.53 -39.31
N SER B 382 15.28 5.01 -40.30
CA SER B 382 15.95 4.53 -41.50
C SER B 382 16.69 5.57 -42.28
N GLY B 383 16.26 6.83 -42.18
CA GLY B 383 16.91 7.91 -42.90
C GLY B 383 18.14 8.40 -42.17
N LEU B 384 18.37 7.88 -40.97
CA LEU B 384 19.51 8.31 -40.20
C LEU B 384 20.61 7.27 -40.26
N PHE B 385 20.26 6.03 -40.03
CA PHE B 385 21.28 4.98 -40.00
C PHE B 385 21.44 4.29 -41.33
N ASN B 386 21.85 5.06 -42.35
CA ASN B 386 22.02 4.62 -43.74
C ASN B 386 23.24 5.31 -44.36
N SER B 387 24.44 4.71 -44.20
CA SER B 387 25.70 5.31 -44.68
C SER B 387 26.85 4.34 -44.78
N THR B 388 27.83 4.71 -45.61
CA THR B 388 29.12 4.04 -45.69
C THR B 388 30.21 5.09 -45.60
N TRP B 389 31.17 4.86 -44.73
CA TRP B 389 32.26 5.77 -44.56
C TRP B 389 33.55 5.06 -44.89
N ILE B 390 34.43 5.73 -45.61
CA ILE B 390 35.69 5.11 -45.98
C ILE B 390 36.83 5.99 -45.49
N SER B 391 38.02 5.42 -45.41
CA SER B 391 39.18 6.18 -44.91
C SER B 391 39.75 7.28 -45.82
N ASN B 392 39.44 7.29 -47.15
CA ASN B 392 39.91 8.29 -48.12
C ASN B 392 39.43 9.69 -47.71
N ASN B 404 20.44 24.35 -47.63
CA ASN B 404 20.45 23.23 -46.71
C ASN B 404 19.46 22.16 -47.22
N ASP B 405 19.32 21.05 -46.44
CA ASP B 405 18.41 19.93 -46.73
C ASP B 405 17.99 19.29 -45.41
N SER B 406 17.13 18.30 -45.48
CA SER B 406 16.65 17.65 -44.26
C SER B 406 16.27 16.20 -44.44
N ILE B 407 16.25 15.51 -43.33
CA ILE B 407 15.87 14.13 -43.29
C ILE B 407 14.50 14.04 -42.67
N THR B 408 13.52 13.52 -43.40
CA THR B 408 12.19 13.43 -42.83
C THR B 408 11.94 12.00 -42.45
N LEU B 409 11.58 11.79 -41.21
CA LEU B 409 11.31 10.50 -40.66
C LEU B 409 9.82 10.33 -40.39
N PRO B 410 9.13 9.35 -40.98
CA PRO B 410 7.73 9.10 -40.73
C PRO B 410 7.65 8.54 -39.33
N CYS B 411 6.56 8.83 -38.59
CA CYS B 411 6.32 8.34 -37.23
C CYS B 411 4.99 7.61 -37.05
N ARG B 412 5.01 6.67 -36.10
CA ARG B 412 3.81 5.96 -35.72
C ARG B 412 3.34 6.38 -34.34
N ILE B 413 2.04 6.20 -34.13
CA ILE B 413 1.43 6.57 -32.88
C ILE B 413 0.83 5.39 -32.17
N LYS B 414 1.18 5.22 -30.91
CA LYS B 414 0.61 4.14 -30.11
C LYS B 414 0.05 4.74 -28.85
N GLN B 415 -1.23 4.51 -28.60
CA GLN B 415 -1.88 5.09 -27.46
C GLN B 415 -1.93 4.11 -26.29
N ILE B 416 -2.02 2.80 -26.59
CA ILE B 416 -2.03 1.84 -25.48
C ILE B 416 -0.62 1.33 -25.32
N ILE B 417 -0.05 1.71 -24.20
CA ILE B 417 1.34 1.55 -23.92
C ILE B 417 1.71 0.63 -22.79
N ASN B 418 2.65 -0.24 -23.10
CA ASN B 418 3.19 -1.18 -22.14
C ASN B 418 4.58 -0.68 -21.80
N MET B 419 4.61 0.32 -20.94
CA MET B 419 5.83 1.00 -20.58
C MET B 419 6.74 0.15 -19.72
N TRP B 420 8.04 0.43 -19.79
CA TRP B 420 9.09 -0.21 -18.97
C TRP B 420 9.19 -1.70 -19.18
N GLN B 421 8.61 -2.19 -20.26
CA GLN B 421 8.61 -3.59 -20.60
C GLN B 421 8.04 -4.40 -19.47
N ARG B 422 7.10 -3.81 -18.74
CA ARG B 422 6.46 -4.46 -17.64
C ARG B 422 5.15 -5.03 -18.16
N ILE B 423 4.84 -6.25 -17.82
CA ILE B 423 3.61 -6.86 -18.32
C ILE B 423 2.54 -6.93 -17.26
N GLY B 424 2.78 -6.27 -16.15
CA GLY B 424 1.85 -6.23 -15.04
C GLY B 424 0.85 -5.07 -15.14
N GLN B 425 0.96 -4.25 -16.18
CA GLN B 425 0.06 -3.11 -16.33
C GLN B 425 0.17 -2.49 -17.70
N ALA B 426 -0.84 -1.71 -18.08
CA ALA B 426 -0.76 -0.93 -19.31
C ALA B 426 -1.44 0.41 -19.08
N MET B 427 -1.08 1.40 -19.88
CA MET B 427 -1.71 2.71 -19.79
C MET B 427 -2.21 3.22 -21.13
N TYR B 428 -3.27 4.01 -21.09
CA TYR B 428 -3.80 4.67 -22.27
C TYR B 428 -3.42 6.11 -22.29
N ALA B 429 -2.54 6.51 -23.18
CA ALA B 429 -2.17 7.89 -23.11
C ALA B 429 -3.42 8.67 -23.48
N PRO B 430 -3.75 9.76 -22.81
CA PRO B 430 -4.88 10.57 -23.13
C PRO B 430 -4.53 11.24 -24.43
N PRO B 431 -5.51 11.66 -25.21
CA PRO B 431 -5.33 12.39 -26.44
C PRO B 431 -4.93 13.81 -26.11
N ILE B 432 -4.29 14.47 -27.05
CA ILE B 432 -3.95 15.87 -26.87
C ILE B 432 -4.75 16.69 -27.85
N GLN B 433 -5.41 17.71 -27.33
CA GLN B 433 -6.21 18.61 -28.15
C GLN B 433 -5.34 19.50 -29.02
N GLY B 434 -5.65 19.55 -30.32
CA GLY B 434 -4.96 20.40 -31.26
C GLY B 434 -3.68 19.80 -31.83
N VAL B 435 -2.95 20.64 -32.55
CA VAL B 435 -1.73 20.27 -33.25
C VAL B 435 -0.54 20.57 -32.38
N ILE B 436 0.38 19.62 -32.27
CA ILE B 436 1.55 19.91 -31.47
C ILE B 436 2.84 19.75 -32.24
N ARG B 437 3.86 20.41 -31.68
CA ARG B 437 5.22 20.41 -32.18
C ARG B 437 6.12 20.04 -31.03
N CYS B 438 7.26 19.40 -31.33
CA CYS B 438 8.27 19.00 -30.36
C CYS B 438 9.60 19.49 -30.87
N VAL B 439 10.37 20.12 -30.01
CA VAL B 439 11.72 20.49 -30.39
C VAL B 439 12.64 19.93 -29.34
N SER B 440 13.62 19.19 -29.77
CA SER B 440 14.54 18.58 -28.84
C SER B 440 15.94 18.46 -29.43
N ASN B 441 16.94 18.21 -28.56
CA ASN B 441 18.34 18.02 -28.94
C ASN B 441 18.73 16.55 -28.86
N ILE B 442 19.44 16.07 -29.90
CA ILE B 442 20.06 14.75 -29.91
C ILE B 442 21.42 14.95 -29.31
N THR B 443 21.66 14.25 -28.21
CA THR B 443 22.88 14.38 -27.46
C THR B 443 23.75 13.17 -27.65
N GLY B 444 23.14 12.08 -28.00
CA GLY B 444 23.92 10.88 -28.17
C GLY B 444 23.13 9.77 -28.78
N LEU B 445 23.82 8.71 -29.10
CA LEU B 445 23.23 7.55 -29.75
C LEU B 445 23.54 6.26 -29.03
N ILE B 446 22.65 5.29 -29.11
CA ILE B 446 23.06 3.97 -28.65
C ILE B 446 23.24 3.10 -29.86
N LEU B 447 24.44 2.62 -30.05
CA LEU B 447 24.76 1.80 -31.18
C LEU B 447 24.97 0.36 -30.79
N THR B 448 24.71 -0.51 -31.72
CA THR B 448 24.98 -1.92 -31.58
C THR B 448 25.97 -2.29 -32.66
N ARG B 449 27.09 -2.87 -32.29
CA ARG B 449 28.01 -3.26 -33.33
C ARG B 449 27.58 -4.64 -33.77
N ASP B 450 27.61 -4.87 -35.07
CA ASP B 450 27.25 -6.17 -35.57
C ASP B 450 28.52 -7.00 -35.50
N GLY B 451 28.63 -7.87 -34.51
CA GLY B 451 29.87 -8.62 -34.34
C GLY B 451 29.93 -9.80 -35.29
N GLY B 452 31.15 -10.11 -35.73
CA GLY B 452 31.42 -11.25 -36.60
C GLY B 452 31.60 -10.78 -38.04
N SER B 453 32.76 -11.04 -38.62
CA SER B 453 33.00 -10.61 -39.99
C SER B 453 34.07 -11.40 -40.67
N THR B 454 33.86 -11.73 -41.94
CA THR B 454 34.86 -12.44 -42.69
C THR B 454 36.04 -11.51 -42.84
N ASN B 455 37.21 -12.00 -42.45
CA ASN B 455 38.46 -11.25 -42.47
C ASN B 455 38.43 -10.02 -41.56
N SER B 456 37.54 -10.02 -40.56
CA SER B 456 37.47 -8.96 -39.56
C SER B 456 37.41 -7.56 -40.16
N THR B 457 36.54 -7.34 -41.13
CA THR B 457 36.46 -6.04 -41.77
C THR B 457 35.06 -5.45 -41.85
N THR B 458 34.99 -4.25 -42.40
CA THR B 458 33.75 -3.50 -42.62
C THR B 458 32.80 -3.50 -41.42
N GLU B 459 33.17 -2.84 -40.34
CA GLU B 459 32.29 -2.85 -39.18
C GLU B 459 31.00 -2.14 -39.54
N THR B 460 29.88 -2.72 -39.13
CA THR B 460 28.56 -2.15 -39.36
C THR B 460 27.85 -2.00 -38.04
N PHE B 461 27.23 -0.84 -37.87
CA PHE B 461 26.49 -0.54 -36.67
C PHE B 461 25.03 -0.31 -36.94
N ARG B 462 24.21 -0.70 -35.98
CA ARG B 462 22.77 -0.49 -36.04
C ARG B 462 22.34 0.22 -34.77
N PRO B 463 21.27 0.98 -34.77
CA PRO B 463 20.79 1.61 -33.57
C PRO B 463 20.27 0.52 -32.65
N GLY B 464 20.46 0.71 -31.35
CA GLY B 464 19.99 -0.22 -30.32
C GLY B 464 19.31 0.51 -29.19
N GLY B 465 19.80 0.32 -27.97
CA GLY B 465 19.27 1.04 -26.82
C GLY B 465 18.01 0.50 -26.18
N GLY B 466 17.71 -0.78 -26.35
CA GLY B 466 16.50 -1.35 -25.75
C GLY B 466 16.60 -1.67 -24.23
N ASP B 467 17.04 -0.68 -23.45
CA ASP B 467 17.18 -0.75 -21.99
C ASP B 467 17.11 0.65 -21.42
N MET B 468 16.11 0.91 -20.62
CA MET B 468 15.90 2.25 -20.08
C MET B 468 17.06 2.69 -19.20
N ARG B 469 17.74 1.74 -18.60
CA ARG B 469 18.85 2.03 -17.71
C ARG B 469 20.01 2.62 -18.46
N ASP B 470 20.08 2.39 -19.76
CA ASP B 470 21.22 2.85 -20.50
C ASP B 470 21.11 4.29 -20.93
N ASN B 471 19.96 4.91 -20.70
CA ASN B 471 19.83 6.30 -21.07
C ASN B 471 20.50 7.17 -20.03
N TRP B 472 20.33 6.77 -18.78
CA TRP B 472 20.74 7.53 -17.62
C TRP B 472 22.22 7.48 -17.40
N ARG B 473 22.84 6.57 -18.11
CA ARG B 473 24.26 6.38 -18.00
C ARG B 473 24.92 7.65 -18.46
N SER B 474 24.30 8.33 -19.42
CA SER B 474 24.88 9.50 -20.00
C SER B 474 25.04 10.65 -19.04
N GLU B 475 24.35 10.63 -17.90
CA GLU B 475 24.55 11.71 -16.95
C GLU B 475 25.13 11.20 -15.64
N LEU B 476 24.85 9.95 -15.30
CA LEU B 476 25.31 9.41 -14.04
C LEU B 476 26.76 8.94 -14.08
N TYR B 477 27.33 8.78 -15.27
CA TYR B 477 28.72 8.33 -15.42
C TYR B 477 29.75 9.17 -14.71
N LYS B 478 29.41 10.41 -14.41
CA LYS B 478 30.33 11.33 -13.76
C LYS B 478 30.34 11.22 -12.25
N TYR B 479 29.44 10.43 -11.67
CA TYR B 479 29.35 10.43 -10.21
C TYR B 479 29.58 9.11 -9.50
N LYS B 480 30.18 9.21 -8.31
CA LYS B 480 30.36 8.08 -7.41
C LYS B 480 29.94 8.41 -5.97
N VAL B 481 29.35 7.44 -5.27
CA VAL B 481 28.97 7.69 -3.88
C VAL B 481 29.93 7.06 -2.89
N VAL B 482 30.38 7.90 -1.96
CA VAL B 482 31.35 7.58 -0.92
C VAL B 482 30.92 7.79 0.53
N LYS B 483 31.25 6.79 1.34
CA LYS B 483 31.03 6.87 2.77
C LYS B 483 32.23 7.55 3.37
N ILE B 484 31.97 8.45 4.28
CA ILE B 484 33.01 9.17 4.98
C ILE B 484 33.42 8.39 6.21
N GLU B 485 34.72 8.15 6.37
CA GLU B 485 35.22 7.43 7.52
C GLU B 485 36.14 8.29 8.34
N PRO B 486 35.61 9.07 9.30
CA PRO B 486 36.32 10.07 10.07
C PRO B 486 37.33 9.49 11.05
N LEU B 487 37.32 8.19 11.28
CA LEU B 487 38.30 7.65 12.20
C LEU B 487 39.48 7.06 11.52
N GLY B 488 40.63 7.25 12.13
CA GLY B 488 41.83 6.61 11.65
C GLY B 488 42.88 6.63 12.73
N VAL B 489 43.90 5.84 12.52
CA VAL B 489 44.98 5.67 13.47
C VAL B 489 46.30 5.87 12.81
N ALA B 490 47.22 6.52 13.51
CA ALA B 490 48.55 6.74 13.00
C ALA B 490 49.53 6.82 14.19
N PRO B 491 50.82 6.51 13.97
CA PRO B 491 51.92 6.57 14.94
C PRO B 491 52.44 7.97 15.29
N THR B 492 52.92 8.14 16.53
CA THR B 492 53.61 9.37 16.95
C THR B 492 54.47 9.25 18.23
N ARG B 493 55.00 10.39 18.68
CA ARG B 493 55.87 10.47 19.86
C ARG B 493 55.25 10.74 21.25
N CYS B 494 53.92 10.92 21.36
CA CYS B 494 53.23 11.25 22.62
C CYS B 494 53.05 10.02 23.51
N LYS B 495 52.73 10.29 24.77
CA LYS B 495 52.46 9.25 25.75
C LYS B 495 51.34 9.70 26.70
N LEU C 9 39.44 25.61 5.57
CA LEU C 9 39.07 25.13 4.24
C LEU C 9 37.64 24.59 4.32
N GLY C 10 37.12 24.02 3.20
CA GLY C 10 35.81 23.38 3.11
C GLY C 10 35.99 21.88 3.30
N PHE C 11 34.90 21.13 3.18
CA PHE C 11 34.97 19.70 3.35
C PHE C 11 35.92 19.07 2.36
N LEU C 12 36.82 18.22 2.85
CA LEU C 12 37.85 17.53 2.10
C LEU C 12 38.88 18.44 1.47
N GLY C 13 38.99 19.65 1.97
CA GLY C 13 39.95 20.61 1.46
C GLY C 13 41.38 20.11 1.47
N ALA C 14 41.75 19.29 2.46
CA ALA C 14 43.10 18.77 2.52
C ALA C 14 43.11 17.29 2.26
N ALA C 15 42.08 16.77 1.64
CA ALA C 15 41.99 15.34 1.42
C ALA C 15 43.14 14.79 0.62
N GLY C 16 43.66 15.55 -0.33
CA GLY C 16 44.76 15.05 -1.14
C GLY C 16 46.10 15.48 -0.58
N SER C 17 46.10 16.11 0.57
CA SER C 17 47.33 16.61 1.12
C SER C 17 47.90 15.58 2.03
N THR C 18 48.96 15.94 2.70
CA THR C 18 49.62 14.97 3.53
C THR C 18 48.86 14.78 4.81
N MET C 19 49.18 13.72 5.51
CA MET C 19 48.52 13.41 6.76
C MET C 19 48.72 14.50 7.78
N GLY C 20 49.92 15.07 7.79
CA GLY C 20 50.25 16.15 8.70
C GLY C 20 49.44 17.39 8.37
N ALA C 21 49.42 17.79 7.11
CA ALA C 21 48.69 18.99 6.72
C ALA C 21 47.22 18.88 7.03
N ALA C 22 46.71 17.69 6.86
CA ALA C 22 45.31 17.36 7.04
C ALA C 22 44.88 17.46 8.47
N SER C 23 45.82 17.56 9.39
CA SER C 23 45.46 17.64 10.78
C SER C 23 44.73 18.95 11.04
N MET C 24 44.85 19.91 10.13
CA MET C 24 44.20 21.20 10.29
C MET C 24 42.77 21.21 9.79
N THR C 25 42.32 20.11 9.20
CA THR C 25 40.97 20.06 8.69
C THR C 25 40.13 19.11 9.50
N LEU C 26 40.65 18.60 10.57
CA LEU C 26 39.90 17.61 11.31
C LEU C 26 38.61 18.25 11.86
N THR C 27 38.70 19.54 12.20
CA THR C 27 37.60 20.31 12.75
C THR C 27 36.59 20.64 11.67
N VAL C 28 36.96 20.41 10.43
CA VAL C 28 36.16 20.70 9.27
C VAL C 28 35.42 19.45 8.87
N GLN C 29 36.13 18.34 8.83
CA GLN C 29 35.57 17.08 8.38
C GLN C 29 34.48 16.59 9.29
N ALA C 30 34.58 16.91 10.56
CA ALA C 30 33.58 16.49 11.52
C ALA C 30 32.24 17.23 11.37
N ARG C 31 32.25 18.39 10.73
CA ARG C 31 31.09 19.25 10.71
C ARG C 31 29.89 18.67 9.98
N ASN C 32 30.12 17.92 8.93
CA ASN C 32 29.02 17.39 8.15
C ASN C 32 28.80 15.92 8.40
N LEU C 33 29.17 15.45 9.57
CA LEU C 33 28.85 14.07 9.86
C LEU C 33 27.37 13.99 10.22
N LEU C 34 26.82 15.07 10.76
CA LEU C 34 25.41 15.13 11.08
C LEU C 34 24.70 16.11 10.15
N SER C 35 23.38 15.89 9.94
CA SER C 35 22.47 16.74 9.16
C SER C 35 22.59 18.22 9.54
N GLY C 61 8.82 9.19 2.16
CA GLY C 61 8.72 9.25 3.60
C GLY C 61 9.71 8.28 4.26
N ILE C 62 9.60 6.98 3.90
CA ILE C 62 10.40 5.88 4.46
C ILE C 62 11.84 5.91 4.00
N LYS C 63 12.11 6.19 2.72
CA LYS C 63 13.52 6.20 2.35
C LYS C 63 14.26 7.29 3.10
N GLN C 64 13.59 8.41 3.33
CA GLN C 64 14.24 9.49 4.01
C GLN C 64 14.50 9.09 5.46
N LEU C 65 13.57 8.36 6.09
CA LEU C 65 13.87 7.90 7.44
C LEU C 65 15.00 6.91 7.41
N GLN C 66 15.06 6.04 6.41
CA GLN C 66 16.13 5.07 6.43
C GLN C 66 17.46 5.78 6.31
N ALA C 67 17.53 6.81 5.47
CA ALA C 67 18.77 7.53 5.31
C ALA C 67 19.18 8.28 6.57
N ARG C 68 18.21 8.87 7.26
CA ARG C 68 18.51 9.64 8.45
C ARG C 68 18.88 8.76 9.62
N VAL C 69 18.18 7.65 9.77
CA VAL C 69 18.46 6.75 10.87
C VAL C 69 19.82 6.15 10.66
N LEU C 70 20.13 5.76 9.43
CA LEU C 70 21.41 5.18 9.16
C LEU C 70 22.53 6.17 9.45
N ALA C 71 22.37 7.43 9.05
CA ALA C 71 23.42 8.39 9.32
C ALA C 71 23.66 8.51 10.81
N VAL C 72 22.59 8.50 11.58
CA VAL C 72 22.73 8.58 13.01
C VAL C 72 23.46 7.39 13.55
N GLU C 73 23.11 6.21 13.08
CA GLU C 73 23.80 5.04 13.57
C GLU C 73 25.27 5.06 13.28
N HIS C 74 25.67 5.54 12.10
CA HIS C 74 27.10 5.55 11.84
C HIS C 74 27.80 6.51 12.78
N TYR C 75 27.17 7.65 12.99
CA TYR C 75 27.73 8.63 13.88
C TYR C 75 27.92 8.06 15.26
N LEU C 76 26.89 7.42 15.78
CA LEU C 76 26.97 6.90 17.12
C LEU C 76 27.95 5.77 17.26
N ARG C 77 28.12 4.92 16.24
CA ARG C 77 29.10 3.86 16.40
C ARG C 77 30.47 4.46 16.62
N ASP C 78 30.77 5.53 15.89
CA ASP C 78 32.06 6.15 16.05
C ASP C 78 32.19 6.78 17.43
N GLN C 79 31.11 7.37 17.92
CA GLN C 79 31.19 7.99 19.22
C GLN C 79 31.41 6.95 20.28
N GLN C 80 30.78 5.78 20.13
CA GLN C 80 30.97 4.74 21.11
C GLN C 80 32.41 4.30 21.16
N LEU C 81 33.04 4.13 19.99
CA LEU C 81 34.42 3.69 20.01
C LEU C 81 35.29 4.72 20.64
N LEU C 82 35.03 5.98 20.35
CA LEU C 82 35.84 7.01 20.92
C LEU C 82 35.68 7.06 22.43
N GLY C 83 34.46 6.89 22.92
CA GLY C 83 34.25 6.90 24.34
C GLY C 83 35.04 5.78 25.01
N ILE C 84 34.97 4.58 24.45
CA ILE C 84 35.66 3.45 25.06
C ILE C 84 37.16 3.70 25.03
N TRP C 85 37.67 4.23 23.96
CA TRP C 85 39.11 4.47 23.84
C TRP C 85 39.61 5.60 24.73
N GLY C 86 38.73 6.29 25.45
CA GLY C 86 39.18 7.41 26.27
C GLY C 86 39.27 8.76 25.52
N CYS C 87 38.46 8.92 24.44
CA CYS C 87 38.39 10.08 23.57
C CYS C 87 37.10 10.86 23.85
N SER C 88 37.07 11.59 24.95
CA SER C 88 35.86 12.31 25.36
C SER C 88 35.71 13.63 24.64
N GLY C 89 35.49 13.54 23.34
CA GLY C 89 35.36 14.71 22.48
C GLY C 89 36.72 15.19 21.98
N LYS C 90 37.75 14.43 22.30
CA LYS C 90 39.09 14.77 21.88
C LYS C 90 39.19 14.67 20.38
N LEU C 91 39.81 15.65 19.75
CA LEU C 91 39.98 15.59 18.32
C LEU C 91 41.14 14.65 18.02
N ILE C 92 42.15 14.77 18.86
CA ILE C 92 43.36 13.94 18.79
C ILE C 92 43.44 13.23 20.13
N CYS C 93 43.59 11.89 20.14
CA CYS C 93 43.70 11.10 21.38
C CYS C 93 45.08 10.53 21.43
N CYS C 94 45.60 10.37 22.63
CA CYS C 94 46.88 9.73 22.77
C CYS C 94 46.66 8.63 23.78
N THR C 95 47.08 7.44 23.42
CA THR C 95 46.87 6.27 24.25
C THR C 95 48.14 5.82 24.88
N ASN C 96 48.03 4.79 25.68
CA ASN C 96 49.19 4.22 26.35
C ASN C 96 49.60 2.92 25.66
N VAL C 97 49.17 2.77 24.42
CA VAL C 97 49.39 1.57 23.66
C VAL C 97 50.35 1.76 22.47
N PRO C 98 51.45 1.00 22.36
CA PRO C 98 52.41 0.98 21.27
C PRO C 98 51.78 0.26 20.12
N TRP C 99 52.21 0.50 18.89
CA TRP C 99 51.68 -0.33 17.80
C TRP C 99 52.71 -1.42 17.48
N ASN C 100 52.26 -2.53 16.84
CA ASN C 100 53.10 -3.63 16.38
C ASN C 100 54.03 -3.18 15.25
N SER C 101 55.35 -3.48 15.38
CA SER C 101 56.40 -3.12 14.43
C SER C 101 56.24 -3.82 13.08
N SER C 102 55.42 -4.87 13.05
CA SER C 102 55.18 -5.58 11.83
C SER C 102 54.18 -4.86 10.92
N TRP C 103 53.47 -3.87 11.46
CA TRP C 103 52.45 -3.19 10.65
C TRP C 103 53.01 -2.14 9.70
N SER C 104 54.15 -1.58 10.04
CA SER C 104 54.76 -0.56 9.19
C SER C 104 56.25 -0.48 9.42
N ASN C 105 56.99 -0.33 8.33
CA ASN C 105 58.43 -0.18 8.42
C ASN C 105 58.87 1.22 8.07
N ARG C 106 57.96 2.17 8.20
CA ARG C 106 58.28 3.54 7.85
C ARG C 106 58.53 4.39 9.10
N ASN C 107 59.32 5.47 8.95
CA ASN C 107 59.56 6.48 9.96
C ASN C 107 58.46 7.55 9.90
N LEU C 108 58.32 8.34 11.00
CA LEU C 108 57.27 9.36 11.16
C LEU C 108 57.34 10.45 10.11
N SER C 109 58.54 10.75 9.62
CA SER C 109 58.68 11.75 8.59
C SER C 109 58.02 11.31 7.29
N GLU C 110 57.93 10.01 7.04
CA GLU C 110 57.27 9.63 5.81
C GLU C 110 55.80 9.61 6.05
N ILE C 111 55.42 9.16 7.24
CA ILE C 111 54.01 9.03 7.52
C ILE C 111 53.33 10.38 7.51
N TRP C 112 53.94 11.36 8.13
CA TRP C 112 53.26 12.62 8.18
C TRP C 112 53.50 13.57 7.00
N ASP C 113 54.68 13.54 6.37
CA ASP C 113 54.97 14.45 5.27
C ASP C 113 54.86 13.90 3.85
N ASN C 114 55.02 12.59 3.64
CA ASN C 114 55.03 12.05 2.29
C ASN C 114 53.91 11.08 2.03
N MET C 115 52.88 11.15 2.85
CA MET C 115 51.76 10.26 2.73
C MET C 115 50.47 10.99 2.99
N THR C 116 49.40 10.57 2.33
CA THR C 116 48.07 11.13 2.54
C THR C 116 47.26 10.14 3.38
N TRP C 117 46.11 10.56 3.92
CA TRP C 117 45.31 9.64 4.72
C TRP C 117 44.67 8.55 3.91
N LEU C 118 44.38 8.80 2.63
CA LEU C 118 43.79 7.74 1.84
C LEU C 118 44.82 6.64 1.65
N GLN C 119 46.07 7.02 1.43
CA GLN C 119 47.10 6.04 1.21
C GLN C 119 47.37 5.23 2.45
N TRP C 120 47.38 5.92 3.58
CA TRP C 120 47.65 5.28 4.85
C TRP C 120 46.57 4.29 5.18
N ASP C 121 45.32 4.68 4.95
CA ASP C 121 44.25 3.77 5.27
C ASP C 121 44.43 2.48 4.51
N LYS C 122 44.81 2.55 3.23
CA LYS C 122 45.01 1.30 2.53
C LYS C 122 46.18 0.52 3.11
N GLU C 123 47.26 1.22 3.43
CA GLU C 123 48.48 0.60 3.91
C GLU C 123 48.31 -0.22 5.17
N ILE C 124 47.45 0.23 6.08
CA ILE C 124 47.24 -0.52 7.32
C ILE C 124 45.83 -1.06 7.46
N SER C 125 45.13 -1.22 6.35
CA SER C 125 43.74 -1.64 6.42
C SER C 125 43.45 -2.92 7.21
N ASN C 126 44.29 -3.97 7.06
CA ASN C 126 44.08 -5.30 7.64
C ASN C 126 44.30 -5.36 9.16
N TYR C 127 44.79 -4.28 9.80
CA TYR C 127 45.10 -4.27 11.22
C TYR C 127 44.08 -3.45 11.97
N THR C 128 43.07 -2.92 11.29
CA THR C 128 42.15 -2.03 11.99
C THR C 128 41.49 -2.71 13.17
N GLN C 129 41.03 -3.93 12.98
CA GLN C 129 40.34 -4.62 14.05
C GLN C 129 41.26 -4.94 15.21
N ILE C 130 42.52 -5.24 14.90
CA ILE C 130 43.46 -5.61 15.93
C ILE C 130 43.75 -4.40 16.77
N ILE C 131 43.96 -3.29 16.09
CA ILE C 131 44.27 -2.06 16.74
C ILE C 131 43.16 -1.67 17.62
N TYR C 132 41.93 -1.74 17.13
CA TYR C 132 40.81 -1.34 17.95
C TYR C 132 40.69 -2.22 19.16
N GLY C 133 40.89 -3.54 19.03
CA GLY C 133 40.79 -4.37 20.20
C GLY C 133 41.80 -3.94 21.25
N LEU C 134 43.02 -3.62 20.82
CA LEU C 134 44.03 -3.19 21.75
C LEU C 134 43.67 -1.85 22.35
N LEU C 135 43.13 -0.94 21.55
CA LEU C 135 42.79 0.38 22.06
C LEU C 135 41.74 0.29 23.15
N GLU C 136 40.80 -0.64 23.04
CA GLU C 136 39.78 -0.73 24.06
C GLU C 136 40.27 -1.47 25.31
N GLU C 137 40.78 -2.67 25.12
CA GLU C 137 41.11 -3.48 26.28
C GLU C 137 42.36 -3.06 27.02
N SER C 138 43.39 -2.66 26.30
CA SER C 138 44.65 -2.34 26.94
C SER C 138 44.60 -0.98 27.53
N GLN C 139 43.58 -0.22 27.18
CA GLN C 139 43.49 1.08 27.73
C GLN C 139 42.61 1.03 28.96
N ASN C 140 41.39 0.48 28.86
CA ASN C 140 40.51 0.55 30.02
C ASN C 140 40.76 -0.38 31.14
N GLN C 141 41.22 -1.60 30.88
CA GLN C 141 41.36 -2.44 32.03
C GLN C 141 42.50 -1.91 32.86
N GLN C 142 43.55 -1.47 32.19
CA GLN C 142 44.68 -0.95 32.91
C GLN C 142 44.33 0.37 33.58
N GLU C 143 43.57 1.24 32.91
CA GLU C 143 43.25 2.50 33.54
C GLU C 143 42.44 2.35 34.77
N LYS C 144 41.48 1.44 34.80
CA LYS C 144 40.69 1.38 36.00
C LYS C 144 41.37 0.61 37.09
N ASN C 145 42.21 -0.35 36.72
CA ASN C 145 42.89 -1.07 37.77
C ASN C 145 43.77 -0.09 38.53
N GLU C 146 44.32 0.89 37.81
CA GLU C 146 45.16 1.89 38.44
C GLU C 146 44.36 3.03 39.08
N GLN C 147 43.39 3.56 38.37
CA GLN C 147 42.65 4.74 38.82
C GLN C 147 41.87 4.53 40.08
N ASP C 148 41.31 3.35 40.25
CA ASP C 148 40.53 3.12 41.45
C ASP C 148 41.40 3.15 42.70
N LEU C 149 42.71 3.00 42.54
CA LEU C 149 43.60 2.99 43.67
C LEU C 149 44.24 4.34 43.91
N LEU C 150 43.98 5.32 43.04
CA LEU C 150 44.56 6.65 43.18
C LEU C 150 43.57 7.52 43.90
N ALA C 151 42.42 6.91 44.14
CA ALA C 151 41.26 7.47 44.77
C ALA C 151 41.11 7.07 46.25
N LEU C 152 42.20 6.59 46.91
CA LEU C 152 42.24 6.12 48.29
C LEU C 152 43.25 6.95 49.12
N GLU D 33 35.11 9.63 56.69
CA GLU D 33 35.34 8.27 56.19
C GLU D 33 34.00 7.50 56.06
N ASN D 34 33.04 8.12 55.36
CA ASN D 34 31.71 7.61 55.02
C ASN D 34 31.79 7.00 53.63
N LEU D 35 30.70 6.48 53.13
CA LEU D 35 30.69 5.89 51.79
C LEU D 35 30.15 6.86 50.77
N TRP D 36 30.56 6.66 49.52
CA TRP D 36 30.07 7.50 48.43
C TRP D 36 29.53 6.69 47.27
N VAL D 37 28.65 7.33 46.53
CA VAL D 37 28.06 6.74 45.35
C VAL D 37 29.08 6.55 44.23
N THR D 38 29.06 5.37 43.64
CA THR D 38 29.91 5.10 42.49
C THR D 38 29.08 4.55 41.34
N VAL D 39 29.30 5.13 40.18
CA VAL D 39 28.56 4.77 39.00
C VAL D 39 29.34 3.83 38.11
N TYR D 40 28.70 2.73 37.72
CA TYR D 40 29.33 1.76 36.83
C TYR D 40 28.51 1.62 35.56
N TYR D 41 29.14 1.78 34.41
CA TYR D 41 28.40 1.64 33.18
C TYR D 41 28.88 0.45 32.39
N GLY D 42 27.95 -0.39 31.99
CA GLY D 42 28.26 -1.62 31.29
C GLY D 42 27.96 -2.80 32.21
N VAL D 43 27.08 -2.59 33.16
CA VAL D 43 26.65 -3.57 34.12
C VAL D 43 25.74 -4.63 33.51
N PRO D 44 26.00 -5.93 33.69
CA PRO D 44 25.23 -7.03 33.13
C PRO D 44 23.90 -7.31 33.83
N VAL D 45 22.97 -6.37 33.72
CA VAL D 45 21.64 -6.48 34.37
C VAL D 45 20.46 -6.47 33.41
N TRP D 46 19.54 -7.41 33.67
CA TRP D 46 18.33 -7.66 32.89
C TRP D 46 17.05 -7.15 33.48
N LYS D 47 16.13 -6.73 32.62
CA LYS D 47 14.76 -6.44 33.03
C LYS D 47 13.78 -7.12 32.09
N ASP D 48 12.67 -7.59 32.61
CA ASP D 48 11.70 -8.19 31.72
C ASP D 48 11.28 -7.14 30.72
N ALA D 49 11.17 -7.48 29.45
CA ALA D 49 10.77 -6.45 28.53
C ALA D 49 10.08 -6.97 27.30
N GLU D 50 9.28 -6.12 26.70
CA GLU D 50 8.65 -6.46 25.46
C GLU D 50 9.01 -5.45 24.39
N THR D 51 9.61 -5.94 23.33
CA THR D 51 10.02 -5.11 22.23
C THR D 51 9.72 -5.84 20.94
N THR D 52 9.99 -5.20 19.82
CA THR D 52 9.79 -5.88 18.58
C THR D 52 11.01 -6.67 18.23
N LEU D 53 10.83 -7.68 17.42
CA LEU D 53 11.93 -8.50 16.96
C LEU D 53 12.09 -8.45 15.47
N PHE D 54 13.30 -8.66 15.01
CA PHE D 54 13.60 -8.71 13.61
C PHE D 54 13.38 -10.09 13.03
N CYS D 55 12.93 -10.13 11.75
CA CYS D 55 12.77 -11.34 10.95
C CYS D 55 14.11 -11.70 10.33
N ALA D 56 14.53 -12.94 10.51
CA ALA D 56 15.75 -13.30 9.85
C ALA D 56 15.63 -14.66 9.16
N SER D 57 16.22 -14.69 8.00
CA SER D 57 16.27 -15.81 7.08
C SER D 57 17.53 -16.67 7.27
N ASP D 58 17.59 -17.84 6.58
CA ASP D 58 18.72 -18.78 6.62
C ASP D 58 19.84 -18.29 5.70
N HIS D 67 6.99 -16.51 -5.33
CA HIS D 67 8.05 -16.37 -4.34
C HIS D 67 7.67 -17.29 -3.12
N ASN D 68 7.50 -16.71 -1.91
CA ASN D 68 7.16 -17.38 -0.64
C ASN D 68 6.45 -16.40 0.27
N VAL D 69 5.40 -16.87 0.92
CA VAL D 69 4.65 -16.02 1.83
C VAL D 69 5.41 -15.51 3.06
N TRP D 70 6.38 -16.26 3.61
CA TRP D 70 7.05 -15.75 4.80
C TRP D 70 8.47 -15.28 4.54
N ALA D 71 9.21 -15.99 3.70
CA ALA D 71 10.61 -15.66 3.46
C ALA D 71 10.70 -14.56 2.41
N THR D 72 10.27 -13.40 2.84
CA THR D 72 10.04 -12.25 1.99
C THR D 72 11.23 -11.31 1.85
N HIS D 73 10.98 -10.21 1.14
CA HIS D 73 11.92 -9.16 0.71
C HIS D 73 12.41 -8.26 1.83
N ALA D 74 11.78 -8.37 2.98
CA ALA D 74 12.07 -7.56 4.15
C ALA D 74 12.30 -8.44 5.38
N CYS D 75 13.28 -9.36 5.27
CA CYS D 75 13.70 -10.37 6.24
C CYS D 75 15.17 -10.56 5.85
N VAL D 76 16.08 -10.65 6.82
CA VAL D 76 17.50 -10.70 6.46
C VAL D 76 18.21 -11.94 6.96
N PRO D 77 19.27 -12.42 6.32
CA PRO D 77 19.96 -13.62 6.75
C PRO D 77 20.64 -13.46 8.09
N THR D 78 20.66 -14.54 8.85
CA THR D 78 21.33 -14.59 10.14
C THR D 78 22.81 -14.86 10.07
N ASP D 79 23.45 -14.56 11.19
CA ASP D 79 24.82 -14.92 11.47
C ASP D 79 24.75 -16.28 12.15
N PRO D 80 25.28 -17.37 11.57
CA PRO D 80 25.17 -18.72 12.10
C PRO D 80 26.11 -19.06 13.24
N ASN D 81 26.57 -18.07 14.02
CA ASN D 81 27.45 -18.34 15.14
C ASN D 81 26.97 -17.68 16.45
N PRO D 82 25.92 -18.20 17.12
CA PRO D 82 25.33 -17.62 18.31
C PRO D 82 26.36 -17.46 19.40
N GLN D 83 26.38 -16.30 20.02
CA GLN D 83 27.34 -16.07 21.07
C GLN D 83 26.77 -16.40 22.43
N GLU D 84 26.76 -17.69 22.72
CA GLU D 84 26.22 -18.25 23.95
C GLU D 84 27.20 -18.07 25.11
N ILE D 85 26.70 -18.12 26.34
CA ILE D 85 27.57 -17.96 27.52
C ILE D 85 27.88 -19.28 28.19
N HIS D 86 27.46 -20.36 27.58
CA HIS D 86 27.72 -21.71 28.06
C HIS D 86 27.27 -22.00 29.48
N LEU D 87 26.10 -21.50 29.82
CA LEU D 87 25.45 -21.73 31.11
C LEU D 87 26.18 -21.31 32.38
N GLU D 88 26.40 -20.03 32.54
CA GLU D 88 27.02 -19.54 33.77
C GLU D 88 25.96 -19.67 34.86
N ASN D 89 26.37 -19.66 36.15
CA ASN D 89 25.49 -19.91 37.30
C ASN D 89 24.57 -18.72 37.62
N VAL D 90 23.58 -18.57 36.73
CA VAL D 90 22.51 -17.59 36.71
C VAL D 90 21.22 -18.37 36.67
N THR D 91 20.29 -18.09 37.55
CA THR D 91 19.02 -18.82 37.52
C THR D 91 17.93 -17.83 37.20
N GLU D 92 17.06 -18.17 36.26
CA GLU D 92 16.01 -17.24 35.86
C GLU D 92 14.66 -17.93 35.73
N GLU D 93 13.63 -17.33 36.32
CA GLU D 93 12.28 -17.89 36.27
C GLU D 93 11.44 -17.24 35.22
N PHE D 94 10.88 -18.09 34.37
CA PHE D 94 10.06 -17.62 33.27
C PHE D 94 9.11 -18.65 32.78
N ASN D 95 8.11 -18.20 32.02
CA ASN D 95 7.15 -19.15 31.57
C ASN D 95 6.49 -18.94 30.23
N MET D 96 5.74 -19.97 29.91
CA MET D 96 4.89 -20.04 28.77
C MET D 96 3.58 -19.37 29.04
N TRP D 97 2.89 -19.03 27.97
CA TRP D 97 1.54 -18.47 28.00
C TRP D 97 1.51 -16.98 28.37
N LYS D 98 2.59 -16.48 28.97
CA LYS D 98 2.72 -15.06 29.29
C LYS D 98 3.81 -14.44 28.44
N ASN D 99 4.36 -15.22 27.53
CA ASN D 99 5.44 -14.74 26.68
C ASN D 99 4.85 -14.02 25.49
N ASN D 100 4.92 -12.71 25.49
CA ASN D 100 4.25 -11.91 24.48
C ASN D 100 4.91 -11.94 23.12
N MET D 101 6.03 -12.66 23.04
CA MET D 101 6.69 -12.86 21.78
C MET D 101 5.75 -13.61 20.87
N VAL D 102 4.93 -14.46 21.47
CA VAL D 102 4.01 -15.27 20.74
C VAL D 102 2.97 -14.40 20.10
N GLU D 103 2.51 -13.40 20.81
CA GLU D 103 1.46 -12.58 20.26
C GLU D 103 2.01 -11.75 19.11
N GLN D 104 3.23 -11.27 19.23
CA GLN D 104 3.79 -10.47 18.17
C GLN D 104 3.96 -11.31 16.93
N MET D 105 4.48 -12.49 17.13
CA MET D 105 4.69 -13.45 16.08
C MET D 105 3.38 -13.79 15.39
N HIS D 106 2.32 -14.01 16.17
CA HIS D 106 1.04 -14.34 15.60
C HIS D 106 0.59 -13.24 14.68
N GLU D 107 0.71 -11.99 15.14
CA GLU D 107 0.27 -10.88 14.31
C GLU D 107 1.10 -10.79 13.04
N ASP D 108 2.39 -11.07 13.12
CA ASP D 108 3.19 -11.00 11.91
C ASP D 108 2.76 -12.02 10.89
N ILE D 109 2.36 -13.20 11.35
CA ILE D 109 1.94 -14.22 10.43
C ILE D 109 0.70 -13.78 9.71
N ILE D 110 -0.23 -13.18 10.45
CA ILE D 110 -1.44 -12.75 9.80
C ILE D 110 -1.10 -11.69 8.78
N SER D 111 -0.22 -10.76 9.12
CA SER D 111 0.13 -9.72 8.19
C SER D 111 0.79 -10.26 6.95
N LEU D 112 1.66 -11.25 7.07
CA LEU D 112 2.32 -11.82 5.91
C LEU D 112 1.32 -12.52 5.02
N TRP D 113 0.34 -13.19 5.61
CA TRP D 113 -0.64 -13.81 4.75
C TRP D 113 -1.40 -12.76 4.00
N ASP D 114 -1.77 -11.67 4.64
CA ASP D 114 -2.52 -10.71 3.87
C ASP D 114 -1.65 -10.04 2.84
N GLN D 115 -0.41 -9.71 3.17
CA GLN D 115 0.39 -8.98 2.22
C GLN D 115 0.58 -9.76 0.93
N SER D 116 0.78 -11.06 1.03
CA SER D 116 0.97 -11.86 -0.17
C SER D 116 -0.32 -12.10 -0.94
N LEU D 117 -1.46 -11.89 -0.30
CA LEU D 117 -2.75 -12.14 -0.93
C LEU D 117 -3.38 -10.88 -1.48
N LYS D 118 -2.97 -9.72 -1.02
CA LYS D 118 -3.56 -8.51 -1.54
C LYS D 118 -3.47 -8.38 -3.06
N PRO D 119 -2.30 -8.52 -3.73
CA PRO D 119 -2.18 -8.39 -5.17
C PRO D 119 -2.55 -9.67 -5.92
N CYS D 120 -3.77 -10.20 -5.68
CA CYS D 120 -4.28 -11.45 -6.25
C CYS D 120 -5.70 -11.24 -6.78
N VAL D 121 -6.11 -12.06 -7.73
CA VAL D 121 -7.41 -11.95 -8.38
C VAL D 121 -8.60 -12.24 -7.49
N LYS D 122 -9.58 -11.33 -7.51
CA LYS D 122 -10.77 -11.52 -6.71
C LYS D 122 -11.63 -12.54 -7.40
N LEU D 123 -12.27 -13.43 -6.65
CA LEU D 123 -13.13 -14.40 -7.29
C LEU D 123 -14.57 -13.98 -7.19
N THR D 124 -14.80 -12.77 -6.72
CA THR D 124 -16.12 -12.21 -6.59
C THR D 124 -16.95 -12.40 -7.85
N PRO D 125 -16.43 -12.15 -9.06
CA PRO D 125 -17.15 -12.27 -10.29
C PRO D 125 -17.77 -13.65 -10.52
N LEU D 126 -17.28 -14.68 -9.82
CA LEU D 126 -17.77 -16.05 -9.94
C LEU D 126 -18.96 -16.41 -9.04
N CYS D 127 -19.45 -15.47 -8.20
CA CYS D 127 -20.59 -15.68 -7.32
C CYS D 127 -21.89 -15.59 -8.09
N VAL D 128 -22.16 -16.68 -8.79
CA VAL D 128 -23.31 -16.85 -9.64
C VAL D 128 -24.01 -18.13 -9.29
N THR D 129 -25.22 -18.24 -9.76
CA THR D 129 -25.95 -19.48 -9.60
C THR D 129 -25.21 -20.57 -10.32
N LEU D 130 -25.01 -21.69 -9.66
CA LEU D 130 -24.32 -22.81 -10.25
C LEU D 130 -25.29 -23.97 -10.50
N GLN D 131 -25.11 -24.74 -11.57
CA GLN D 131 -25.93 -25.93 -11.86
C GLN D 131 -25.20 -27.25 -11.71
N CYS D 132 -25.31 -27.96 -10.55
CA CYS D 132 -24.59 -29.23 -10.34
C CYS D 132 -25.42 -30.46 -10.59
N THR D 133 -24.66 -31.42 -11.08
CA THR D 133 -25.05 -32.77 -11.33
C THR D 133 -23.98 -33.69 -10.70
N ASN D 134 -24.25 -35.00 -10.73
CA ASN D 134 -23.36 -36.06 -10.27
C ASN D 134 -22.16 -36.19 -11.22
N VAL D 135 -20.97 -36.36 -10.65
CA VAL D 135 -19.69 -36.53 -11.34
C VAL D 135 -19.60 -37.97 -11.82
N THR D 136 -19.23 -38.19 -13.07
CA THR D 136 -19.19 -39.55 -13.58
C THR D 136 -17.83 -39.99 -14.12
N ASN D 137 -16.94 -40.36 -13.21
CA ASN D 137 -15.60 -40.80 -13.51
C ASN D 137 -15.14 -41.98 -12.62
N ASN D 138 -15.92 -43.05 -12.58
CA ASN D 138 -15.57 -44.22 -11.77
C ASN D 138 -15.35 -43.94 -10.27
N ILE D 139 -16.27 -43.20 -9.68
CA ILE D 139 -16.21 -42.91 -8.27
C ILE D 139 -16.59 -44.12 -7.46
N THR D 140 -15.79 -44.46 -6.45
CA THR D 140 -16.14 -45.61 -5.64
C THR D 140 -17.22 -45.27 -4.63
N ASP D 141 -17.76 -46.28 -3.96
CA ASP D 141 -18.85 -46.05 -3.03
C ASP D 141 -18.52 -45.13 -1.87
N ASP D 142 -17.30 -45.21 -1.40
CA ASP D 142 -16.83 -44.43 -0.27
C ASP D 142 -16.75 -42.94 -0.59
N MET D 143 -16.72 -42.62 -1.88
CA MET D 143 -16.59 -41.27 -2.37
C MET D 143 -17.86 -40.72 -2.98
N ARG D 144 -18.98 -41.43 -2.82
CA ARG D 144 -20.16 -40.91 -3.47
C ARG D 144 -20.57 -39.65 -2.76
N GLY D 145 -20.87 -38.62 -3.52
CA GLY D 145 -21.33 -37.37 -2.95
C GLY D 145 -20.19 -36.40 -2.59
N GLU D 146 -18.94 -36.84 -2.74
CA GLU D 146 -17.82 -35.97 -2.40
C GLU D 146 -17.52 -34.92 -3.45
N LEU D 147 -17.78 -35.23 -4.71
CA LEU D 147 -17.51 -34.30 -5.79
C LEU D 147 -18.79 -33.90 -6.48
N LYS D 148 -18.86 -32.66 -6.93
CA LYS D 148 -20.01 -32.17 -7.70
C LYS D 148 -19.54 -31.39 -8.95
N ASN D 149 -20.26 -31.58 -10.05
CA ASN D 149 -19.89 -30.92 -11.33
C ASN D 149 -20.92 -29.84 -11.64
N CYS D 150 -20.51 -28.58 -11.65
CA CYS D 150 -21.40 -27.44 -11.95
C CYS D 150 -21.07 -26.72 -13.24
N SER D 151 -22.12 -26.32 -13.92
CA SER D 151 -21.98 -25.42 -15.04
C SER D 151 -22.40 -24.07 -14.51
N PHE D 152 -21.87 -23.02 -15.08
CA PHE D 152 -22.18 -21.68 -14.66
C PHE D 152 -21.87 -20.68 -15.75
N ASN D 153 -22.27 -19.44 -15.51
CA ASN D 153 -21.98 -18.38 -16.49
C ASN D 153 -20.91 -17.52 -15.84
N ALA D 154 -19.98 -16.97 -16.61
CA ALA D 154 -18.89 -16.13 -16.12
C ALA D 154 -18.49 -15.10 -17.13
N THR D 155 -17.87 -14.06 -16.64
CA THR D 155 -17.36 -13.01 -17.48
C THR D 155 -16.09 -13.46 -18.09
N THR D 156 -15.64 -12.71 -19.07
CA THR D 156 -14.42 -13.04 -19.74
C THR D 156 -13.66 -11.79 -20.13
N GLU D 157 -12.82 -11.90 -21.15
CA GLU D 157 -11.95 -10.82 -21.56
C GLU D 157 -12.73 -9.55 -21.92
N LEU D 158 -13.90 -9.69 -22.52
CA LEU D 158 -14.68 -8.51 -22.83
C LEU D 158 -15.85 -8.42 -21.88
N ARG D 159 -16.10 -7.21 -21.40
CA ARG D 159 -17.15 -6.95 -20.41
C ARG D 159 -18.56 -7.33 -20.82
N ASN D 160 -18.91 -7.15 -22.08
CA ASN D 160 -20.30 -7.39 -22.46
C ASN D 160 -20.56 -8.85 -22.81
N LYS D 161 -19.48 -9.64 -22.80
CA LYS D 161 -19.61 -11.05 -23.22
C LYS D 161 -19.55 -11.96 -22.00
N ARG D 162 -20.38 -13.00 -21.97
CA ARG D 162 -20.32 -13.98 -20.87
C ARG D 162 -20.31 -15.37 -21.48
N VAL D 163 -19.45 -16.26 -20.98
CA VAL D 163 -19.32 -17.60 -21.62
C VAL D 163 -19.77 -18.67 -20.65
N LYS D 164 -20.56 -19.62 -21.13
CA LYS D 164 -20.92 -20.77 -20.27
C LYS D 164 -19.62 -21.48 -19.96
N ARG D 165 -19.51 -22.08 -18.79
CA ARG D 165 -18.27 -22.68 -18.37
C ARG D 165 -18.55 -23.73 -17.31
N TYR D 166 -17.67 -24.69 -17.11
CA TYR D 166 -17.92 -25.62 -16.03
C TYR D 166 -16.66 -25.90 -15.28
N SER D 167 -16.83 -26.36 -14.04
CA SER D 167 -15.72 -26.74 -13.20
C SER D 167 -16.11 -27.78 -12.16
N LEU D 168 -15.11 -28.47 -11.65
CA LEU D 168 -15.36 -29.48 -10.65
C LEU D 168 -15.05 -28.96 -9.25
N PHE D 169 -15.96 -29.20 -8.32
CA PHE D 169 -15.82 -28.76 -6.94
C PHE D 169 -15.96 -29.88 -5.95
N TYR D 170 -15.38 -29.69 -4.78
CA TYR D 170 -15.62 -30.66 -3.73
C TYR D 170 -16.93 -30.23 -3.12
N ARG D 171 -17.70 -31.16 -2.62
CA ARG D 171 -18.98 -30.85 -2.04
C ARG D 171 -18.92 -29.81 -0.93
N LEU D 172 -17.83 -29.77 -0.18
CA LEU D 172 -17.71 -28.86 0.94
C LEU D 172 -17.53 -27.41 0.53
N ASP D 173 -17.31 -27.15 -0.74
CA ASP D 173 -17.11 -25.81 -1.23
C ASP D 173 -18.40 -25.14 -1.66
N ILE D 174 -19.50 -25.88 -1.72
CA ILE D 174 -20.76 -25.31 -2.20
C ILE D 174 -21.94 -25.59 -1.29
N VAL D 175 -22.99 -24.82 -1.47
CA VAL D 175 -24.22 -25.09 -0.77
C VAL D 175 -25.35 -25.11 -1.73
N GLN D 176 -26.41 -25.79 -1.35
CA GLN D 176 -27.63 -25.79 -2.14
C GLN D 176 -28.34 -24.50 -1.85
N ILE D 177 -28.85 -23.83 -2.87
CA ILE D 177 -29.52 -22.56 -2.59
C ILE D 177 -31.02 -22.57 -2.72
N ASP D 178 -31.64 -23.63 -3.23
CA ASP D 178 -33.13 -23.58 -3.22
C ASP D 178 -33.79 -24.87 -3.66
N SER D 179 -34.33 -25.61 -2.71
CA SER D 179 -35.10 -26.82 -3.06
C SER D 179 -36.35 -26.39 -3.82
N ASN D 180 -36.93 -25.24 -3.46
CA ASN D 180 -38.21 -24.82 -4.06
C ASN D 180 -38.10 -24.62 -5.56
N ARG D 181 -37.08 -23.91 -6.02
CA ARG D 181 -37.00 -23.61 -7.48
C ARG D 181 -36.72 -24.88 -8.28
N ALA D 182 -35.86 -25.76 -7.78
CA ALA D 182 -35.51 -27.03 -8.46
C ALA D 182 -34.54 -27.81 -7.57
N LYS D 183 -33.82 -28.76 -8.14
CA LYS D 183 -32.85 -29.51 -7.32
C LYS D 183 -31.50 -29.53 -8.04
N SER D 184 -30.98 -28.37 -8.44
CA SER D 184 -29.69 -28.37 -9.06
C SER D 184 -28.96 -27.07 -8.74
N HIS D 185 -29.66 -26.16 -8.06
CA HIS D 185 -29.11 -24.81 -7.77
C HIS D 185 -28.14 -24.75 -6.58
N TYR D 186 -26.89 -24.35 -6.80
CA TYR D 186 -25.84 -24.21 -5.81
C TYR D 186 -25.09 -22.88 -5.90
N ARG D 187 -24.39 -22.54 -4.82
CA ARG D 187 -23.48 -21.39 -4.84
C ARG D 187 -22.24 -21.71 -4.05
N LEU D 188 -21.19 -20.92 -4.24
CA LEU D 188 -20.00 -21.16 -3.45
C LEU D 188 -20.33 -20.82 -2.02
N ILE D 189 -19.78 -21.61 -1.10
CA ILE D 189 -20.01 -21.47 0.34
C ILE D 189 -19.83 -20.09 0.94
N ASN D 190 -18.89 -19.29 0.49
CA ASN D 190 -18.73 -17.98 1.12
C ASN D 190 -19.22 -16.75 0.31
N CYS D 191 -20.08 -16.91 -0.72
CA CYS D 191 -20.56 -15.76 -1.54
C CYS D 191 -21.54 -14.84 -0.81
N ASN D 192 -22.07 -15.29 0.31
CA ASN D 192 -22.98 -14.42 1.07
C ASN D 192 -22.26 -13.69 2.23
N THR D 193 -20.91 -13.80 2.31
CA THR D 193 -20.02 -13.19 3.29
C THR D 193 -18.84 -12.64 2.53
N SER D 194 -17.77 -12.31 3.22
CA SER D 194 -16.65 -11.67 2.58
C SER D 194 -16.11 -12.44 1.39
N ALA D 195 -15.72 -11.68 0.37
CA ALA D 195 -15.25 -12.19 -0.90
C ALA D 195 -14.05 -13.11 -0.77
N ILE D 196 -14.07 -14.09 -1.63
CA ILE D 196 -13.06 -15.11 -1.76
C ILE D 196 -12.00 -14.64 -2.75
N THR D 197 -10.73 -14.74 -2.40
CA THR D 197 -9.66 -14.31 -3.31
C THR D 197 -8.65 -15.42 -3.65
N GLN D 198 -8.22 -15.52 -4.91
CA GLN D 198 -7.16 -16.47 -5.27
C GLN D 198 -6.42 -16.11 -6.52
N ALA D 199 -5.13 -16.19 -6.41
CA ALA D 199 -4.21 -16.05 -7.52
C ALA D 199 -2.86 -16.37 -6.89
N CYS D 200 -1.77 -16.06 -7.62
CA CYS D 200 -0.41 -16.11 -7.16
C CYS D 200 0.00 -17.56 -6.84
N PRO D 201 -0.18 -18.51 -7.79
CA PRO D 201 0.17 -19.92 -7.68
C PRO D 201 1.67 -20.11 -7.59
N LYS D 202 2.39 -19.06 -7.96
CA LYS D 202 3.82 -19.03 -7.94
C LYS D 202 4.38 -18.86 -6.54
N VAL D 203 3.53 -18.49 -5.57
CA VAL D 203 3.98 -18.27 -4.21
C VAL D 203 3.93 -19.55 -3.40
N SER D 204 5.05 -19.88 -2.80
CA SER D 204 5.19 -21.05 -1.97
C SER D 204 4.68 -20.88 -0.56
N PHE D 205 4.14 -21.97 -0.03
CA PHE D 205 3.68 -22.02 1.33
C PHE D 205 4.54 -22.98 2.12
N GLU D 206 5.70 -23.27 1.57
CA GLU D 206 6.63 -24.14 2.22
C GLU D 206 7.01 -23.44 3.52
N PRO D 207 6.96 -24.11 4.65
CA PRO D 207 7.24 -23.56 5.96
C PRO D 207 8.72 -23.38 6.22
N ILE D 208 9.30 -22.42 5.53
CA ILE D 208 10.70 -22.11 5.66
C ILE D 208 10.92 -21.54 7.04
N PRO D 209 11.83 -22.06 7.85
CA PRO D 209 12.04 -21.61 9.19
C PRO D 209 12.53 -20.20 9.24
N ILE D 210 11.98 -19.45 10.18
CA ILE D 210 12.35 -18.07 10.43
C ILE D 210 12.93 -17.92 11.80
N HIS D 211 14.00 -17.17 11.90
CA HIS D 211 14.68 -16.91 13.14
C HIS D 211 14.23 -15.56 13.66
N TYR D 212 14.14 -15.38 14.98
CA TYR D 212 13.88 -14.04 15.47
C TYR D 212 15.14 -13.49 16.07
N CYS D 213 15.44 -12.19 15.83
CA CYS D 213 16.64 -11.53 16.34
C CYS D 213 16.30 -10.29 17.16
N ALA D 214 17.03 -10.14 18.26
CA ALA D 214 16.83 -9.02 19.13
C ALA D 214 17.34 -7.73 18.51
N PRO D 215 16.72 -6.59 18.80
CA PRO D 215 17.20 -5.28 18.46
C PRO D 215 18.33 -4.94 19.40
N ALA D 216 19.14 -4.00 19.02
CA ALA D 216 20.20 -3.61 19.92
C ALA D 216 19.57 -3.11 21.20
N GLY D 217 20.23 -3.37 22.31
CA GLY D 217 19.75 -2.99 23.64
C GLY D 217 18.97 -4.11 24.31
N PHE D 218 18.68 -5.16 23.55
CA PHE D 218 17.92 -6.31 24.01
C PHE D 218 18.62 -7.63 23.80
N ALA D 219 18.22 -8.62 24.56
CA ALA D 219 18.78 -9.95 24.42
C ALA D 219 17.76 -11.03 24.65
N ILE D 220 18.02 -12.20 24.10
CA ILE D 220 17.10 -13.30 24.25
C ILE D 220 17.71 -14.38 25.13
N LEU D 221 17.02 -14.72 26.18
CA LEU D 221 17.51 -15.73 27.08
C LEU D 221 17.02 -17.04 26.53
N LYS D 222 17.83 -18.08 26.67
CA LYS D 222 17.50 -19.41 26.15
C LYS D 222 17.64 -20.50 27.22
N CYS D 223 16.59 -21.35 27.42
CA CYS D 223 16.57 -22.42 28.42
C CYS D 223 17.08 -23.73 27.82
N LYS D 224 18.09 -24.29 28.48
CA LYS D 224 18.72 -25.55 28.10
C LYS D 224 18.29 -26.68 29.03
N ASP D 225 17.31 -26.42 29.87
CA ASP D 225 16.85 -27.44 30.78
C ASP D 225 15.91 -28.37 30.05
N LYS D 226 16.37 -29.58 29.81
CA LYS D 226 15.61 -30.52 28.98
C LYS D 226 14.51 -31.19 29.78
N LYS D 227 14.50 -30.89 31.07
CA LYS D 227 13.51 -31.37 32.01
C LYS D 227 12.61 -30.22 32.46
N PHE D 228 12.70 -29.09 31.76
CA PHE D 228 11.94 -27.90 32.11
C PHE D 228 10.46 -28.21 32.15
N ASN D 229 9.77 -27.69 33.19
CA ASN D 229 8.33 -27.84 33.50
C ASN D 229 7.42 -26.76 32.84
N GLY D 230 8.01 -25.77 32.11
CA GLY D 230 7.28 -24.71 31.37
C GLY D 230 7.07 -23.41 32.13
N THR D 231 7.24 -23.45 33.45
CA THR D 231 7.03 -22.27 34.29
C THR D 231 8.11 -21.91 35.30
N GLY D 232 9.02 -22.82 35.59
CA GLY D 232 9.92 -22.64 36.71
C GLY D 232 11.22 -21.86 36.51
N PRO D 233 12.07 -21.86 37.55
CA PRO D 233 13.35 -21.21 37.66
C PRO D 233 14.44 -21.96 36.95
N CYS D 234 14.41 -21.95 35.59
CA CYS D 234 15.34 -22.67 34.72
C CYS D 234 16.81 -22.36 35.16
N PRO D 235 17.54 -23.37 35.67
CA PRO D 235 18.90 -23.28 36.18
C PRO D 235 19.93 -23.30 35.10
N SER D 236 19.50 -23.55 33.88
CA SER D 236 20.42 -23.69 32.80
C SER D 236 20.03 -22.77 31.70
N VAL D 237 20.55 -21.56 31.76
CA VAL D 237 20.18 -20.57 30.79
C VAL D 237 21.37 -19.94 30.12
N SER D 238 21.16 -19.55 28.89
CA SER D 238 22.15 -18.87 28.10
C SER D 238 21.53 -17.68 27.46
N THR D 239 22.28 -17.03 26.59
CA THR D 239 21.82 -15.87 25.88
C THR D 239 22.15 -15.99 24.42
N VAL D 240 21.22 -15.62 23.59
CA VAL D 240 21.47 -15.56 22.19
C VAL D 240 21.03 -14.25 21.63
N GLN D 241 21.56 -13.96 20.47
CA GLN D 241 21.15 -12.77 19.75
C GLN D 241 19.92 -13.06 18.86
N CYS D 242 19.81 -14.31 18.34
CA CYS D 242 18.78 -14.82 17.47
C CYS D 242 18.36 -16.20 17.98
N THR D 243 17.09 -16.52 17.84
CA THR D 243 16.56 -17.82 18.19
C THR D 243 16.90 -18.73 17.05
N HIS D 244 16.72 -20.03 17.21
CA HIS D 244 16.94 -20.89 16.07
C HIS D 244 15.75 -20.71 15.16
N GLY D 245 15.77 -21.32 13.99
CA GLY D 245 14.64 -21.10 13.11
C GLY D 245 13.48 -21.94 13.52
N ILE D 246 12.27 -21.41 13.36
CA ILE D 246 11.05 -22.12 13.61
C ILE D 246 10.20 -22.18 12.37
N LYS D 247 9.79 -23.38 12.02
CA LYS D 247 8.98 -23.59 10.84
C LYS D 247 7.54 -23.17 11.15
N PRO D 248 6.92 -22.26 10.40
CA PRO D 248 5.58 -21.75 10.60
C PRO D 248 4.54 -22.72 10.11
N VAL D 249 4.52 -23.88 10.69
CA VAL D 249 3.56 -24.88 10.27
C VAL D 249 2.28 -24.59 11.00
N VAL D 250 1.20 -24.51 10.27
CA VAL D 250 -0.07 -24.20 10.87
C VAL D 250 -0.94 -25.42 10.83
N SER D 251 -1.38 -25.86 12.00
CA SER D 251 -2.20 -27.05 12.12
C SER D 251 -3.14 -26.94 13.29
N THR D 252 -4.02 -27.93 13.41
CA THR D 252 -4.97 -27.96 14.53
C THR D 252 -4.65 -28.97 15.64
N GLN D 253 -5.16 -30.18 15.52
CA GLN D 253 -5.06 -31.20 16.56
C GLN D 253 -3.68 -31.81 16.85
N LEU D 254 -2.86 -31.95 15.82
CA LEU D 254 -1.53 -32.55 15.95
C LEU D 254 -0.54 -31.54 15.44
N LEU D 255 0.56 -31.39 16.16
CA LEU D 255 1.63 -30.50 15.82
C LEU D 255 2.65 -31.23 15.00
N LEU D 256 2.88 -30.69 13.83
CA LEU D 256 3.78 -31.30 12.90
C LEU D 256 5.06 -30.49 12.71
N ASN D 257 6.17 -31.20 12.55
CA ASN D 257 7.45 -30.68 12.04
C ASN D 257 8.10 -29.68 13.01
N GLY D 258 7.89 -29.82 14.32
CA GLY D 258 8.43 -28.94 15.36
C GLY D 258 9.68 -29.54 15.96
N SER D 259 10.06 -28.99 17.08
CA SER D 259 11.21 -29.47 17.77
C SER D 259 10.80 -30.76 18.43
N LEU D 260 11.73 -31.66 18.58
CA LEU D 260 11.42 -32.91 19.23
C LEU D 260 11.92 -32.85 20.67
N ALA D 261 11.19 -33.45 21.62
CA ALA D 261 11.71 -33.48 22.97
C ALA D 261 12.96 -34.34 22.90
N GLU D 262 14.01 -34.02 23.65
CA GLU D 262 15.21 -34.86 23.51
C GLU D 262 15.33 -36.03 24.46
N GLU D 263 14.78 -35.91 25.65
CA GLU D 263 15.00 -36.98 26.62
C GLU D 263 13.77 -37.82 26.95
N GLU D 264 12.63 -37.15 27.03
CA GLU D 264 11.40 -37.77 27.50
C GLU D 264 10.20 -37.02 26.96
N VAL D 265 9.07 -37.69 26.95
CA VAL D 265 7.81 -37.06 26.60
C VAL D 265 7.47 -36.07 27.70
N ILE D 266 7.11 -34.85 27.34
CA ILE D 266 6.81 -33.88 28.38
C ILE D 266 5.46 -33.25 28.21
N ILE D 267 4.95 -32.73 29.31
CA ILE D 267 3.67 -32.07 29.27
C ILE D 267 3.70 -30.65 29.80
N ARG D 268 2.99 -29.80 29.06
CA ARG D 268 2.83 -28.41 29.37
C ARG D 268 1.38 -27.94 29.45
N SER D 269 1.03 -27.29 30.55
CA SER D 269 -0.30 -26.73 30.66
C SER D 269 -0.20 -25.52 31.55
N GLU D 270 -1.01 -24.51 31.30
CA GLU D 270 -0.96 -23.36 32.19
C GLU D 270 -1.45 -23.71 33.62
N ASN D 271 -2.53 -24.53 33.72
CA ASN D 271 -3.16 -25.02 34.95
C ASN D 271 -3.74 -26.41 34.67
N ILE D 272 -3.19 -27.47 35.32
CA ILE D 272 -3.62 -28.86 35.10
C ILE D 272 -5.07 -29.14 35.52
N THR D 273 -5.62 -28.35 36.44
CA THR D 273 -6.98 -28.60 36.87
C THR D 273 -7.96 -27.74 36.10
N ASN D 274 -7.46 -26.98 35.15
CA ASN D 274 -8.32 -26.13 34.35
C ASN D 274 -8.72 -26.92 33.12
N ASN D 275 -9.98 -27.31 33.04
CA ASN D 275 -10.40 -28.18 31.96
C ASN D 275 -10.89 -27.38 30.76
N ALA D 276 -10.77 -26.06 30.85
CA ALA D 276 -11.13 -25.20 29.74
C ALA D 276 -9.91 -25.01 28.84
N LYS D 277 -8.74 -25.08 29.47
CA LYS D 277 -7.47 -24.87 28.79
C LYS D 277 -6.93 -26.11 28.10
N ASN D 278 -6.04 -25.89 27.13
CA ASN D 278 -5.43 -26.98 26.38
C ASN D 278 -4.17 -27.51 27.02
N ILE D 279 -3.88 -28.76 26.75
CA ILE D 279 -2.69 -29.43 27.18
C ILE D 279 -1.79 -29.76 26.02
N LEU D 280 -0.56 -29.33 26.12
CA LEU D 280 0.42 -29.58 25.11
C LEU D 280 1.33 -30.73 25.46
N VAL D 281 1.41 -31.69 24.56
CA VAL D 281 2.27 -32.82 24.82
C VAL D 281 3.37 -32.87 23.77
N GLN D 282 4.62 -32.85 24.19
CA GLN D 282 5.71 -32.92 23.23
C GLN D 282 6.27 -34.33 23.26
N LEU D 283 6.43 -34.91 22.10
CA LEU D 283 6.88 -36.27 21.97
C LEU D 283 8.39 -36.29 21.87
N ASN D 284 9.05 -37.38 22.31
CA ASN D 284 10.50 -37.45 22.17
C ASN D 284 10.95 -38.32 21.00
N THR D 285 9.99 -38.82 20.25
CA THR D 285 10.26 -39.60 19.06
C THR D 285 9.23 -39.10 18.08
N PRO D 286 9.56 -38.92 16.80
CA PRO D 286 8.64 -38.46 15.79
C PRO D 286 7.70 -39.55 15.39
N VAL D 287 6.51 -39.17 15.00
CA VAL D 287 5.61 -40.16 14.42
C VAL D 287 5.54 -39.88 12.95
N GLN D 288 5.91 -40.83 12.12
CA GLN D 288 5.89 -40.55 10.71
C GLN D 288 4.52 -40.75 10.12
N ILE D 289 4.04 -39.73 9.41
CA ILE D 289 2.75 -39.77 8.76
C ILE D 289 2.87 -39.61 7.24
N ASN D 290 2.28 -40.56 6.47
CA ASN D 290 2.26 -40.57 5.00
C ASN D 290 0.85 -40.24 4.49
N CYS D 291 0.66 -39.03 3.92
CA CYS D 291 -0.62 -38.51 3.43
C CYS D 291 -0.66 -38.46 1.92
N THR D 292 -1.85 -38.65 1.39
CA THR D 292 -2.05 -38.56 -0.04
C THR D 292 -3.43 -38.16 -0.49
N ARG D 293 -3.45 -37.56 -1.66
CA ARG D 293 -4.66 -37.26 -2.39
C ARG D 293 -4.47 -38.02 -3.69
N PRO D 294 -4.78 -39.32 -3.71
CA PRO D 294 -4.39 -40.28 -4.73
C PRO D 294 -5.25 -40.22 -5.95
N ASN D 295 -5.34 -39.06 -6.55
CA ASN D 295 -6.19 -38.86 -7.70
C ASN D 295 -5.43 -37.95 -8.66
N ASN D 296 -5.35 -38.31 -9.97
CA ASN D 296 -4.61 -37.53 -10.96
C ASN D 296 -5.48 -36.37 -11.50
N ASN D 297 -5.15 -35.15 -11.05
CA ASN D 297 -5.86 -33.90 -11.31
C ASN D 297 -5.38 -33.06 -12.49
N THR D 298 -6.28 -32.80 -13.42
CA THR D 298 -5.97 -31.92 -14.54
C THR D 298 -6.29 -30.49 -14.13
N VAL D 299 -5.33 -29.59 -14.32
CA VAL D 299 -5.59 -28.21 -14.00
C VAL D 299 -5.91 -27.38 -15.22
N LYS D 300 -7.01 -26.66 -15.13
CA LYS D 300 -7.45 -25.82 -16.22
C LYS D 300 -7.37 -24.37 -15.84
N SER D 301 -7.25 -23.52 -16.85
CA SER D 301 -7.19 -22.09 -16.64
C SER D 301 -7.97 -21.29 -17.65
N ILE D 302 -8.75 -20.35 -17.13
CA ILE D 302 -9.56 -19.46 -17.92
C ILE D 302 -9.37 -18.03 -17.49
N ARG D 303 -9.80 -17.09 -18.30
CA ARG D 303 -9.70 -15.72 -17.86
C ARG D 303 -11.08 -15.20 -17.57
N ILE D 304 -11.17 -14.51 -16.44
CA ILE D 304 -12.38 -13.92 -15.91
C ILE D 304 -12.47 -12.50 -16.36
N GLY D 305 -11.32 -11.87 -16.41
CA GLY D 305 -11.25 -10.46 -16.76
C GLY D 305 -9.87 -10.08 -17.25
N PRO D 306 -9.48 -8.81 -17.18
CA PRO D 306 -8.27 -8.25 -17.76
C PRO D 306 -7.00 -8.70 -17.06
N GLY D 307 -6.54 -9.88 -17.45
CA GLY D 307 -5.35 -10.49 -16.88
C GLY D 307 -5.69 -11.16 -15.58
N GLN D 308 -6.99 -11.34 -15.40
CA GLN D 308 -7.52 -11.93 -14.19
C GLN D 308 -7.71 -13.40 -14.42
N ALA D 309 -6.65 -14.16 -14.19
CA ALA D 309 -6.65 -15.60 -14.43
C ALA D 309 -7.32 -16.34 -13.30
N PHE D 310 -8.00 -17.41 -13.64
CA PHE D 310 -8.61 -18.29 -12.68
C PHE D 310 -8.22 -19.72 -12.92
N TYR D 311 -7.79 -20.38 -11.85
CA TYR D 311 -7.39 -21.76 -11.97
C TYR D 311 -8.40 -22.62 -11.29
N TYR D 312 -8.68 -23.75 -11.88
CA TYR D 312 -9.64 -24.64 -11.31
C TYR D 312 -9.44 -26.08 -11.66
N THR D 313 -10.13 -26.92 -10.94
CA THR D 313 -10.06 -28.34 -11.17
C THR D 313 -10.82 -28.73 -12.41
N GLY D 314 -10.13 -29.45 -13.26
CA GLY D 314 -10.64 -29.98 -14.49
C GLY D 314 -10.95 -31.43 -14.27
N ASP D 315 -10.80 -32.24 -15.28
CA ASP D 315 -11.14 -33.61 -15.09
C ASP D 315 -10.19 -34.28 -14.14
N ILE D 316 -10.73 -35.20 -13.38
CA ILE D 316 -9.91 -36.06 -12.57
C ILE D 316 -10.01 -37.37 -13.28
N ILE D 317 -8.87 -37.96 -13.57
CA ILE D 317 -8.86 -39.17 -14.35
C ILE D 317 -8.40 -40.33 -13.52
N GLY D 318 -8.68 -41.52 -14.03
CA GLY D 318 -8.42 -42.71 -13.27
C GLY D 318 -9.66 -42.78 -12.40
N ASP D 319 -9.66 -43.57 -11.36
CA ASP D 319 -10.87 -43.66 -10.56
C ASP D 319 -10.81 -42.67 -9.43
N ILE D 320 -11.88 -42.58 -8.63
CA ILE D 320 -11.82 -41.66 -7.50
C ILE D 320 -11.77 -42.37 -6.19
N ARG D 321 -10.74 -42.03 -5.43
CA ARG D 321 -10.48 -42.61 -4.14
C ARG D 321 -10.38 -41.56 -3.06
N GLN D 322 -10.64 -41.99 -1.83
CA GLN D 322 -10.60 -41.11 -0.69
C GLN D 322 -9.19 -40.72 -0.31
N ALA D 323 -9.00 -39.45 0.00
CA ALA D 323 -7.73 -38.95 0.48
C ALA D 323 -7.50 -39.55 1.84
N HIS D 324 -6.27 -39.79 2.19
CA HIS D 324 -6.03 -40.41 3.49
C HIS D 324 -4.60 -40.22 3.99
N CYS D 325 -4.39 -40.50 5.30
CA CYS D 325 -3.09 -40.48 5.97
C CYS D 325 -2.83 -41.78 6.74
N ASN D 326 -1.62 -42.33 6.61
CA ASN D 326 -1.24 -43.54 7.32
C ASN D 326 -0.16 -43.28 8.36
N VAL D 327 -0.30 -43.98 9.51
CA VAL D 327 0.68 -44.01 10.61
C VAL D 327 0.97 -45.44 11.01
N SER D 328 2.21 -45.73 11.38
CA SER D 328 2.49 -47.08 11.85
C SER D 328 1.63 -47.37 13.05
N LYS D 329 0.99 -48.53 13.04
CA LYS D 329 0.11 -48.85 14.13
C LYS D 329 0.92 -49.07 15.37
N ALA D 330 2.03 -49.76 15.20
CA ALA D 330 2.85 -50.04 16.34
C ALA D 330 3.42 -48.79 16.93
N THR D 331 3.84 -47.85 16.10
CA THR D 331 4.46 -46.69 16.69
C THR D 331 3.43 -45.84 17.38
N TRP D 332 2.22 -45.79 16.85
CA TRP D 332 1.23 -44.98 17.49
C TRP D 332 0.94 -45.52 18.87
N ASN D 333 0.82 -46.84 18.99
CA ASN D 333 0.52 -47.40 20.29
C ASN D 333 1.66 -47.18 21.27
N GLU D 334 2.89 -47.23 20.78
CA GLU D 334 4.03 -46.99 21.64
C GLU D 334 4.02 -45.55 22.11
N THR D 335 3.67 -44.64 21.21
CA THR D 335 3.61 -43.24 21.51
C THR D 335 2.60 -42.99 22.58
N LEU D 336 1.43 -43.59 22.46
CA LEU D 336 0.44 -43.35 23.46
C LEU D 336 0.87 -43.93 24.77
N GLY D 337 1.49 -45.10 24.79
CA GLY D 337 1.86 -45.64 26.08
C GLY D 337 2.78 -44.67 26.83
N LYS D 338 3.71 -44.05 26.11
CA LYS D 338 4.59 -43.09 26.74
C LYS D 338 3.82 -41.86 27.23
N VAL D 339 2.86 -41.41 26.45
CA VAL D 339 2.07 -40.25 26.83
C VAL D 339 1.26 -40.53 28.08
N VAL D 340 0.68 -41.72 28.15
CA VAL D 340 -0.12 -42.10 29.29
C VAL D 340 0.72 -42.14 30.53
N LYS D 341 1.92 -42.71 30.46
CA LYS D 341 2.76 -42.72 31.64
C LYS D 341 3.09 -41.30 32.06
N GLN D 342 3.37 -40.43 31.09
CA GLN D 342 3.69 -39.06 31.45
C GLN D 342 2.48 -38.38 32.05
N LEU D 343 1.28 -38.66 31.56
CA LEU D 343 0.08 -38.06 32.13
C LEU D 343 -0.08 -38.53 33.55
N ARG D 344 0.15 -39.80 33.80
CA ARG D 344 -0.01 -40.33 35.15
C ARG D 344 0.88 -39.63 36.14
N LYS D 345 2.06 -39.20 35.72
CA LYS D 345 2.98 -38.51 36.62
C LYS D 345 2.38 -37.22 37.19
N HIS D 346 1.36 -36.67 36.53
CA HIS D 346 0.76 -35.42 36.96
C HIS D 346 -0.61 -35.67 37.62
N PHE D 347 -0.92 -36.95 37.82
CA PHE D 347 -2.16 -37.46 38.40
C PHE D 347 -1.76 -38.51 39.41
N GLY D 348 -2.73 -39.14 40.06
CA GLY D 348 -2.33 -40.16 41.01
C GLY D 348 -1.97 -41.43 40.24
N ASN D 349 -1.53 -42.48 40.96
CA ASN D 349 -1.12 -43.75 40.37
C ASN D 349 -2.37 -44.57 40.01
N ASN D 350 -2.23 -45.39 38.95
CA ASN D 350 -3.24 -46.28 38.36
C ASN D 350 -4.45 -45.52 37.86
N THR D 351 -4.22 -44.29 37.43
CA THR D 351 -5.27 -43.50 36.85
C THR D 351 -5.61 -44.16 35.54
N ILE D 352 -6.90 -44.36 35.32
CA ILE D 352 -7.36 -44.98 34.11
C ILE D 352 -7.68 -43.90 33.11
N ILE D 353 -6.97 -43.97 32.00
CA ILE D 353 -6.98 -43.02 30.93
C ILE D 353 -7.59 -43.54 29.64
N ARG D 354 -8.41 -42.70 29.04
CA ARG D 354 -9.09 -42.96 27.80
C ARG D 354 -8.84 -41.90 26.76
N PHE D 355 -8.73 -42.31 25.51
CA PHE D 355 -8.66 -41.36 24.44
C PHE D 355 -9.95 -41.44 23.65
N ALA D 356 -10.40 -40.31 23.14
CA ALA D 356 -11.67 -40.28 22.42
C ALA D 356 -11.74 -39.19 21.37
N GLN D 357 -12.80 -39.23 20.56
CA GLN D 357 -13.00 -38.26 19.48
C GLN D 357 -13.65 -36.98 19.91
N SER D 358 -13.36 -35.94 19.13
CA SER D 358 -13.77 -34.57 19.36
C SER D 358 -15.26 -34.36 19.29
N SER D 359 -15.68 -33.23 19.86
CA SER D 359 -17.05 -32.81 20.00
C SER D 359 -17.75 -32.33 18.75
N GLY D 360 -17.02 -32.10 17.68
CA GLY D 360 -17.65 -31.59 16.48
C GLY D 360 -17.58 -30.07 16.43
N GLY D 361 -18.52 -29.45 15.74
CA GLY D 361 -18.43 -28.02 15.50
C GLY D 361 -17.80 -27.84 14.14
N ASP D 362 -17.10 -26.74 13.94
CA ASP D 362 -16.56 -26.49 12.63
C ASP D 362 -15.59 -27.60 12.29
N LEU D 363 -15.41 -27.87 11.01
CA LEU D 363 -14.51 -28.91 10.62
C LEU D 363 -13.10 -28.61 11.12
N GLU D 364 -12.72 -27.33 11.20
CA GLU D 364 -11.38 -27.01 11.65
C GLU D 364 -11.09 -27.57 13.02
N VAL D 365 -12.05 -27.51 13.92
CA VAL D 365 -11.83 -28.03 15.26
C VAL D 365 -12.13 -29.52 15.30
N THR D 366 -13.07 -29.96 14.50
CA THR D 366 -13.46 -31.35 14.51
C THR D 366 -12.33 -32.27 14.10
N THR D 367 -11.62 -31.91 13.03
CA THR D 367 -10.57 -32.74 12.46
C THR D 367 -9.18 -32.19 12.49
N HIS D 368 -8.25 -33.08 12.18
CA HIS D 368 -6.91 -32.66 12.06
C HIS D 368 -6.80 -31.87 10.80
N SER D 369 -6.07 -30.78 10.84
CA SER D 369 -5.88 -30.02 9.65
C SER D 369 -4.47 -29.59 9.44
N PHE D 370 -4.09 -29.64 8.17
CA PHE D 370 -2.79 -29.19 7.71
C PHE D 370 -2.82 -28.77 6.27
N ASN D 371 -1.80 -28.04 5.88
CA ASN D 371 -1.62 -27.65 4.51
C ASN D 371 -0.40 -28.36 3.95
N CYS D 372 -0.48 -28.81 2.69
CA CYS D 372 0.63 -29.42 1.99
C CYS D 372 0.55 -29.11 0.50
N GLY D 373 1.51 -28.36 0.02
CA GLY D 373 1.55 -28.01 -1.38
C GLY D 373 0.54 -26.95 -1.74
N GLY D 374 -0.10 -26.35 -0.73
CA GLY D 374 -1.14 -25.39 -0.99
C GLY D 374 -2.51 -26.06 -0.85
N GLU D 375 -2.53 -27.40 -0.72
CA GLU D 375 -3.76 -28.12 -0.56
C GLU D 375 -4.15 -28.14 0.89
N PHE D 376 -5.44 -28.20 1.13
CA PHE D 376 -5.93 -28.25 2.50
C PHE D 376 -6.67 -29.52 2.87
N PHE D 377 -6.09 -30.21 3.83
CA PHE D 377 -6.59 -31.49 4.29
C PHE D 377 -7.26 -31.42 5.63
N TYR D 378 -8.39 -32.07 5.72
CA TYR D 378 -9.13 -32.24 6.97
C TYR D 378 -9.27 -33.75 7.22
N CYS D 379 -8.58 -34.29 8.24
CA CYS D 379 -8.47 -35.73 8.47
C CYS D 379 -9.09 -36.18 9.77
N ASN D 380 -9.78 -37.30 9.71
CA ASN D 380 -10.37 -37.82 10.91
C ASN D 380 -9.28 -38.43 11.77
N THR D 381 -9.52 -38.48 13.08
CA THR D 381 -8.62 -39.02 14.11
C THR D 381 -9.20 -40.22 14.82
N SER D 382 -10.20 -40.84 14.21
CA SER D 382 -10.89 -41.97 14.80
C SER D 382 -9.98 -43.15 15.06
N GLY D 383 -8.95 -43.30 14.26
CA GLY D 383 -8.04 -44.41 14.46
C GLY D 383 -6.93 -44.06 15.43
N LEU D 384 -6.90 -42.83 15.92
CA LEU D 384 -5.83 -42.43 16.80
C LEU D 384 -6.28 -42.31 18.24
N PHE D 385 -7.49 -41.79 18.46
CA PHE D 385 -7.94 -41.55 19.82
C PHE D 385 -9.22 -42.33 20.09
N ASN D 386 -9.05 -43.55 20.64
CA ASN D 386 -10.11 -44.56 20.82
C ASN D 386 -9.87 -45.44 22.06
N SER D 387 -8.62 -45.95 22.23
CA SER D 387 -8.25 -46.92 23.25
C SER D 387 -8.21 -46.42 24.66
N THR D 388 -8.20 -47.37 25.57
CA THR D 388 -8.11 -47.09 26.97
C THR D 388 -6.91 -47.80 27.55
N TRP D 389 -6.50 -47.30 28.68
CA TRP D 389 -5.36 -47.78 29.39
C TRP D 389 -5.76 -48.37 30.70
N ILE D 390 -4.98 -49.32 31.17
CA ILE D 390 -5.25 -50.02 32.39
C ILE D 390 -4.11 -49.85 33.36
N SER D 391 -4.32 -50.16 34.63
CA SER D 391 -3.24 -50.00 35.60
C SER D 391 -2.00 -50.89 35.34
N ASN D 392 -2.20 -52.10 34.75
CA ASN D 392 -1.17 -53.07 34.37
C ASN D 392 -0.44 -52.57 33.12
N ASN D 404 4.06 -54.92 12.18
CA ASN D 404 4.07 -54.38 10.83
C ASN D 404 2.62 -54.21 10.32
N ASP D 405 1.95 -53.13 10.77
CA ASP D 405 0.57 -52.77 10.39
C ASP D 405 0.43 -51.26 10.42
N SER D 406 -0.73 -50.75 10.06
CA SER D 406 -0.94 -49.31 10.02
C SER D 406 -2.38 -48.88 10.28
N ILE D 407 -2.49 -47.62 10.63
CA ILE D 407 -3.76 -47.00 10.86
C ILE D 407 -4.04 -46.01 9.77
N THR D 408 -5.16 -46.19 9.09
CA THR D 408 -5.52 -45.29 8.00
C THR D 408 -6.59 -44.33 8.44
N LEU D 409 -6.33 -43.07 8.26
CA LEU D 409 -7.24 -42.02 8.59
C LEU D 409 -7.83 -41.46 7.31
N PRO D 410 -9.14 -41.46 7.11
CA PRO D 410 -9.79 -40.92 5.93
C PRO D 410 -9.62 -39.42 6.02
N CYS D 411 -9.47 -38.73 4.87
CA CYS D 411 -9.34 -37.28 4.76
C CYS D 411 -10.28 -36.71 3.69
N ARG D 412 -10.70 -35.49 3.94
CA ARG D 412 -11.52 -34.73 3.02
C ARG D 412 -10.77 -33.50 2.60
N ILE D 413 -11.14 -32.96 1.45
CA ILE D 413 -10.46 -31.80 0.90
C ILE D 413 -11.36 -30.58 0.78
N LYS D 414 -10.82 -29.41 1.12
CA LYS D 414 -11.57 -28.16 0.93
C LYS D 414 -10.78 -27.17 0.12
N GLN D 415 -11.48 -26.37 -0.68
CA GLN D 415 -10.80 -25.35 -1.45
C GLN D 415 -11.15 -23.96 -0.96
N ILE D 416 -12.34 -23.76 -0.44
CA ILE D 416 -12.66 -22.40 0.00
C ILE D 416 -12.58 -22.34 1.51
N ILE D 417 -11.56 -21.65 1.98
CA ILE D 417 -11.23 -21.63 3.37
C ILE D 417 -11.09 -20.30 4.06
N ASN D 418 -11.71 -20.21 5.22
CA ASN D 418 -11.56 -19.07 6.07
C ASN D 418 -10.35 -19.46 6.89
N MET D 419 -9.19 -18.92 6.50
CA MET D 419 -7.88 -19.34 7.01
C MET D 419 -7.68 -19.18 8.48
N TRP D 420 -8.19 -18.10 9.02
CA TRP D 420 -8.01 -17.82 10.41
C TRP D 420 -9.36 -17.84 11.07
N GLN D 421 -9.39 -17.59 12.36
CA GLN D 421 -10.64 -17.65 13.09
C GLN D 421 -11.57 -16.48 12.79
N ARG D 422 -11.01 -15.44 12.18
CA ARG D 422 -11.78 -14.28 11.79
C ARG D 422 -12.46 -14.60 10.48
N ILE D 423 -13.53 -13.89 10.15
CA ILE D 423 -14.22 -14.12 8.88
C ILE D 423 -14.18 -12.90 7.98
N GLY D 424 -13.19 -12.05 8.19
CA GLY D 424 -12.97 -10.83 7.41
C GLY D 424 -12.71 -11.08 5.92
N GLN D 425 -12.08 -12.19 5.58
CA GLN D 425 -11.75 -12.54 4.20
C GLN D 425 -11.90 -14.02 4.01
N ALA D 426 -11.67 -14.47 2.79
CA ALA D 426 -11.70 -15.88 2.48
C ALA D 426 -10.71 -16.15 1.37
N MET D 427 -10.10 -17.32 1.38
CA MET D 427 -9.15 -17.64 0.34
C MET D 427 -9.54 -18.91 -0.37
N TYR D 428 -9.30 -18.93 -1.65
CA TYR D 428 -9.52 -20.15 -2.40
C TYR D 428 -8.19 -20.77 -2.70
N ALA D 429 -8.07 -22.04 -2.46
CA ALA D 429 -6.85 -22.71 -2.77
C ALA D 429 -6.80 -22.96 -4.26
N PRO D 430 -5.64 -22.90 -4.91
CA PRO D 430 -5.49 -23.30 -6.26
C PRO D 430 -5.51 -24.81 -6.25
N PRO D 431 -5.84 -25.44 -7.35
CA PRO D 431 -5.74 -26.86 -7.55
C PRO D 431 -4.28 -27.24 -7.73
N ILE D 432 -3.94 -28.48 -7.47
CA ILE D 432 -2.59 -28.94 -7.73
C ILE D 432 -2.58 -29.94 -8.87
N GLN D 433 -1.74 -29.68 -9.86
CA GLN D 433 -1.62 -30.57 -11.02
C GLN D 433 -0.95 -31.88 -10.67
N GLY D 434 -1.55 -32.98 -11.09
CA GLY D 434 -0.98 -34.29 -10.83
C GLY D 434 -1.45 -34.89 -9.51
N VAL D 435 -0.58 -35.68 -8.89
CA VAL D 435 -0.93 -36.40 -7.66
C VAL D 435 -0.02 -35.95 -6.54
N ILE D 436 -0.60 -35.58 -5.43
CA ILE D 436 0.21 -35.12 -4.30
C ILE D 436 0.30 -36.12 -3.17
N ARG D 437 1.55 -36.28 -2.70
CA ARG D 437 1.90 -37.13 -1.58
C ARG D 437 2.72 -36.26 -0.63
N CYS D 438 2.54 -36.44 0.70
CA CYS D 438 3.17 -35.64 1.74
C CYS D 438 3.67 -36.54 2.88
N VAL D 439 4.86 -36.25 3.38
CA VAL D 439 5.34 -36.98 4.55
C VAL D 439 5.73 -35.99 5.62
N SER D 440 5.24 -36.21 6.82
CA SER D 440 5.53 -35.30 7.92
C SER D 440 5.72 -36.03 9.26
N ASN D 441 6.33 -35.31 10.25
CA ASN D 441 6.61 -35.82 11.60
C ASN D 441 5.66 -35.21 12.63
N ILE D 442 4.97 -36.04 13.46
CA ILE D 442 4.17 -35.51 14.58
C ILE D 442 5.18 -35.34 15.67
N THR D 443 5.26 -34.12 16.18
CA THR D 443 6.19 -33.78 17.22
C THR D 443 5.46 -33.47 18.50
N GLY D 444 4.16 -33.29 18.42
CA GLY D 444 3.38 -33.02 19.62
C GLY D 444 1.89 -33.13 19.38
N LEU D 445 1.16 -33.22 20.47
CA LEU D 445 -0.29 -33.36 20.44
C LEU D 445 -0.95 -32.22 21.17
N ILE D 446 -2.14 -31.83 20.75
CA ILE D 446 -2.88 -30.91 21.58
C ILE D 446 -4.13 -31.60 22.07
N LEU D 447 -4.23 -31.75 23.37
CA LEU D 447 -5.33 -32.46 24.02
C LEU D 447 -6.08 -31.64 25.02
N THR D 448 -7.32 -31.97 25.24
CA THR D 448 -8.05 -31.33 26.31
C THR D 448 -8.62 -32.41 27.20
N ARG D 449 -8.87 -32.06 28.45
CA ARG D 449 -9.52 -32.98 29.36
C ARG D 449 -10.99 -32.73 29.27
N ASP D 450 -11.75 -33.78 29.44
CA ASP D 450 -13.18 -33.58 29.53
C ASP D 450 -13.48 -32.81 30.80
N GLY D 451 -14.60 -32.10 30.81
CA GLY D 451 -15.01 -31.30 31.97
C GLY D 451 -15.53 -32.16 33.12
N GLY D 452 -14.63 -32.95 33.67
CA GLY D 452 -14.88 -33.89 34.74
C GLY D 452 -14.46 -35.30 34.33
N SER D 453 -14.14 -36.09 35.34
CA SER D 453 -13.72 -37.47 35.26
C SER D 453 -14.13 -37.98 36.60
N THR D 454 -14.13 -39.29 36.83
CA THR D 454 -14.61 -39.70 38.15
C THR D 454 -13.69 -40.63 38.91
N ASN D 455 -13.33 -40.30 40.18
CA ASN D 455 -12.59 -41.14 41.12
C ASN D 455 -11.32 -41.80 40.51
N SER D 456 -10.51 -40.99 39.80
CA SER D 456 -9.26 -41.35 39.09
C SER D 456 -9.45 -42.37 37.97
N THR D 457 -10.64 -42.41 37.40
CA THR D 457 -10.90 -43.25 36.26
C THR D 457 -11.67 -42.56 35.15
N THR D 458 -11.57 -43.18 33.99
CA THR D 458 -12.12 -42.72 32.74
C THR D 458 -11.71 -41.27 32.52
N GLU D 459 -10.43 -41.01 32.74
CA GLU D 459 -9.91 -39.67 32.53
C GLU D 459 -9.78 -39.58 31.05
N THR D 460 -10.60 -38.76 30.44
CA THR D 460 -10.65 -38.77 29.00
C THR D 460 -10.02 -37.56 28.39
N PHE D 461 -9.17 -37.84 27.42
CA PHE D 461 -8.51 -36.82 26.65
C PHE D 461 -8.98 -36.87 25.23
N ARG D 462 -9.16 -35.70 24.67
CA ARG D 462 -9.60 -35.59 23.30
C ARG D 462 -8.77 -34.57 22.57
N PRO D 463 -8.63 -34.65 21.25
CA PRO D 463 -7.97 -33.66 20.44
C PRO D 463 -8.60 -32.30 20.64
N GLY D 464 -7.74 -31.31 20.75
CA GLY D 464 -8.08 -29.91 20.93
C GLY D 464 -7.71 -29.13 19.68
N GLY D 465 -6.77 -28.20 19.82
CA GLY D 465 -6.34 -27.42 18.66
C GLY D 465 -7.22 -26.20 18.44
N GLY D 466 -8.00 -25.84 19.46
CA GLY D 466 -8.90 -24.68 19.39
C GLY D 466 -8.18 -23.35 19.19
N ASP D 467 -6.97 -23.20 19.76
CA ASP D 467 -6.20 -21.97 19.63
C ASP D 467 -5.24 -22.17 18.49
N MET D 468 -4.75 -21.07 17.94
CA MET D 468 -3.72 -21.16 16.93
C MET D 468 -2.37 -20.93 17.55
N ARG D 469 -2.35 -20.14 18.60
CA ARG D 469 -1.11 -19.68 19.19
C ARG D 469 -0.24 -20.79 19.75
N ASP D 470 -0.82 -21.90 20.16
CA ASP D 470 -0.04 -22.96 20.75
C ASP D 470 0.76 -23.72 19.73
N ASN D 471 0.58 -23.39 18.46
CA ASN D 471 1.38 -23.98 17.42
C ASN D 471 2.77 -23.49 17.54
N TRP D 472 2.93 -22.32 18.14
CA TRP D 472 4.23 -21.75 18.30
C TRP D 472 4.64 -21.68 19.74
N ARG D 473 3.68 -21.73 20.68
CA ARG D 473 4.07 -21.68 22.07
C ARG D 473 4.95 -22.87 22.35
N SER D 474 4.66 -23.97 21.65
CA SER D 474 5.38 -25.22 21.73
C SER D 474 6.83 -25.14 21.24
N GLU D 475 7.17 -24.09 20.51
CA GLU D 475 8.51 -23.89 19.98
C GLU D 475 9.27 -22.77 20.70
N LEU D 476 8.54 -21.75 21.11
CA LEU D 476 9.10 -20.57 21.73
C LEU D 476 9.20 -20.62 23.23
N TYR D 477 8.85 -21.74 23.82
CA TYR D 477 8.85 -21.91 25.26
C TYR D 477 10.22 -21.80 25.85
N LYS D 478 11.23 -22.00 25.03
CA LYS D 478 12.58 -21.96 25.50
C LYS D 478 13.13 -20.55 25.54
N TYR D 479 12.38 -19.56 25.09
CA TYR D 479 12.97 -18.23 25.06
C TYR D 479 12.26 -17.15 25.88
N LYS D 480 13.06 -16.22 26.39
CA LYS D 480 12.57 -15.02 27.09
C LYS D 480 13.26 -13.75 26.60
N VAL D 481 12.54 -12.64 26.56
CA VAL D 481 13.17 -11.40 26.14
C VAL D 481 13.40 -10.40 27.26
N VAL D 482 14.64 -9.92 27.35
CA VAL D 482 14.98 -8.93 28.36
C VAL D 482 15.68 -7.72 27.78
N LYS D 483 15.49 -6.61 28.49
CA LYS D 483 16.15 -5.36 28.19
C LYS D 483 17.43 -5.34 28.96
N ILE D 484 18.43 -4.78 28.35
CA ILE D 484 19.70 -4.62 29.02
C ILE D 484 19.75 -3.25 29.65
N GLU D 485 20.08 -3.21 30.94
CA GLU D 485 20.17 -1.98 31.70
C GLU D 485 21.60 -1.79 32.18
N PRO D 486 22.50 -1.25 31.36
CA PRO D 486 23.91 -1.15 31.60
C PRO D 486 24.29 -0.17 32.68
N LEU D 487 23.38 0.68 33.07
CA LEU D 487 23.77 1.66 34.05
C LEU D 487 23.37 1.26 35.44
N GLY D 488 24.35 1.07 36.31
CA GLY D 488 24.06 0.66 37.67
C GLY D 488 24.85 1.48 38.67
N VAL D 489 24.41 1.44 39.91
CA VAL D 489 25.07 2.15 40.97
C VAL D 489 25.37 1.22 42.12
N ALA D 490 26.59 1.31 42.65
CA ALA D 490 26.98 0.52 43.80
C ALA D 490 28.05 1.32 44.56
N PRO D 491 27.93 1.50 45.89
CA PRO D 491 28.80 2.30 46.72
C PRO D 491 30.17 1.73 46.98
N THR D 492 31.10 2.62 47.31
CA THR D 492 32.43 2.23 47.77
C THR D 492 33.10 3.37 48.55
N ARG D 493 34.37 3.18 48.85
CA ARG D 493 35.18 4.19 49.53
C ARG D 493 36.21 4.76 48.56
N CYS D 494 35.98 5.99 48.05
CA CYS D 494 36.83 6.65 47.08
C CYS D 494 36.68 8.18 47.17
N LYS D 495 37.65 8.87 46.58
CA LYS D 495 37.74 10.34 46.47
C LYS D 495 36.73 10.94 45.46
N LEU E 9 34.99 -14.50 28.48
CA LEU E 9 33.56 -14.30 28.60
C LEU E 9 33.02 -13.46 27.43
N GLY E 10 31.77 -13.73 27.03
CA GLY E 10 31.03 -13.02 25.97
C GLY E 10 30.06 -12.02 26.60
N PHE E 11 29.08 -11.62 25.84
CA PHE E 11 28.12 -10.65 26.32
C PHE E 11 27.34 -11.30 27.44
N LEU E 12 27.24 -10.61 28.56
CA LEU E 12 26.58 -11.08 29.76
C LEU E 12 27.21 -12.31 30.38
N GLY E 13 28.44 -12.64 30.01
CA GLY E 13 29.08 -13.79 30.61
C GLY E 13 29.39 -13.53 32.07
N ALA E 14 29.44 -12.26 32.43
CA ALA E 14 29.74 -11.86 33.78
C ALA E 14 28.48 -11.78 34.63
N ALA E 15 27.32 -12.04 34.04
CA ALA E 15 26.07 -11.87 34.76
C ALA E 15 26.00 -12.72 36.02
N GLY E 16 26.59 -13.91 35.99
CA GLY E 16 26.54 -14.77 37.16
C GLY E 16 27.72 -14.59 38.06
N SER E 17 28.58 -13.64 37.77
CA SER E 17 29.78 -13.53 38.57
C SER E 17 29.75 -12.42 39.58
N THR E 18 30.80 -12.41 40.37
CA THR E 18 31.02 -11.46 41.42
C THR E 18 31.06 -10.04 40.86
N MET E 19 30.35 -9.10 41.51
CA MET E 19 30.34 -7.72 41.04
C MET E 19 31.73 -7.13 40.86
N GLY E 20 32.63 -7.42 41.79
CA GLY E 20 33.98 -6.90 41.74
C GLY E 20 34.80 -7.48 40.59
N ALA E 21 34.36 -8.59 40.02
CA ALA E 21 35.04 -9.21 38.90
C ALA E 21 34.44 -8.68 37.61
N ALA E 22 33.11 -8.54 37.65
CA ALA E 22 32.28 -8.12 36.53
C ALA E 22 32.61 -6.71 36.12
N SER E 23 33.12 -5.93 37.04
CA SER E 23 33.52 -4.57 36.76
C SER E 23 34.64 -4.51 35.72
N MET E 24 35.34 -5.62 35.48
CA MET E 24 36.41 -5.66 34.51
C MET E 24 35.94 -6.02 33.11
N THR E 25 34.64 -6.29 32.95
CA THR E 25 34.07 -6.65 31.67
C THR E 25 33.05 -5.61 31.25
N LEU E 26 33.11 -4.44 31.86
CA LEU E 26 32.11 -3.43 31.55
C LEU E 26 32.15 -3.01 30.08
N THR E 27 33.32 -3.04 29.45
CA THR E 27 33.38 -2.65 28.06
C THR E 27 32.79 -3.72 27.16
N VAL E 28 32.65 -4.94 27.66
CA VAL E 28 32.09 -6.01 26.87
C VAL E 28 30.64 -5.70 26.70
N GLN E 29 30.03 -5.28 27.80
CA GLN E 29 28.63 -4.98 27.73
C GLN E 29 28.38 -3.72 26.94
N ALA E 30 29.22 -2.70 27.13
CA ALA E 30 29.02 -1.44 26.43
C ALA E 30 29.14 -1.59 24.93
N ARG E 31 30.08 -2.43 24.52
CA ARG E 31 30.37 -2.63 23.13
C ARG E 31 29.14 -3.06 22.34
N ASN E 32 28.31 -3.88 22.94
CA ASN E 32 27.18 -4.48 22.29
C ASN E 32 25.86 -3.75 22.47
N LEU E 33 25.90 -2.52 22.96
CA LEU E 33 24.65 -1.78 23.12
C LEU E 33 24.13 -1.20 21.81
N LEU E 34 24.99 -0.95 20.84
CA LEU E 34 24.56 -0.43 19.55
C LEU E 34 24.88 -1.44 18.45
N SER E 35 24.05 -1.48 17.38
CA SER E 35 24.27 -2.32 16.20
C SER E 35 25.11 -1.51 15.22
N GLY E 61 8.07 -4.22 7.10
CA GLY E 61 9.08 -3.33 6.55
C GLY E 61 9.29 -2.00 7.35
N ILE E 62 8.38 -1.69 8.29
CA ILE E 62 8.40 -0.49 9.17
C ILE E 62 9.06 -0.78 10.49
N LYS E 63 8.80 -1.95 11.04
CA LYS E 63 9.27 -2.31 12.36
C LYS E 63 10.75 -2.20 12.50
N GLN E 64 11.47 -2.44 11.41
CA GLN E 64 12.89 -2.36 11.46
C GLN E 64 13.37 -0.96 11.81
N LEU E 65 12.65 0.07 11.37
CA LEU E 65 13.05 1.43 11.71
C LEU E 65 12.63 1.74 13.10
N GLN E 66 11.49 1.20 13.51
CA GLN E 66 11.03 1.50 14.84
C GLN E 66 12.02 0.93 15.84
N ALA E 67 12.53 -0.26 15.54
CA ALA E 67 13.49 -0.94 16.39
C ALA E 67 14.82 -0.22 16.45
N ARG E 68 15.28 0.29 15.33
CA ARG E 68 16.54 0.97 15.31
C ARG E 68 16.44 2.27 16.07
N VAL E 69 15.32 2.95 15.92
CA VAL E 69 15.11 4.20 16.62
C VAL E 69 15.03 3.94 18.09
N LEU E 70 14.35 2.87 18.50
CA LEU E 70 14.23 2.56 19.90
C LEU E 70 15.61 2.37 20.52
N ALA E 71 16.48 1.62 19.84
CA ALA E 71 17.81 1.40 20.39
C ALA E 71 18.55 2.70 20.56
N VAL E 72 18.39 3.59 19.60
CA VAL E 72 19.06 4.86 19.70
C VAL E 72 18.54 5.66 20.85
N GLU E 73 17.23 5.68 21.02
CA GLU E 73 16.66 6.45 22.10
C GLU E 73 17.15 5.95 23.44
N HIS E 74 17.23 4.64 23.62
CA HIS E 74 17.66 4.19 24.92
C HIS E 74 19.11 4.50 25.17
N TYR E 75 19.93 4.34 24.14
CA TYR E 75 21.32 4.62 24.28
C TYR E 75 21.53 6.04 24.72
N LEU E 76 20.87 6.96 24.02
CA LEU E 76 21.08 8.35 24.33
C LEU E 76 20.54 8.74 25.67
N ARG E 77 19.43 8.14 26.13
CA ARG E 77 18.96 8.55 27.45
C ARG E 77 20.02 8.25 28.50
N ASP E 78 20.68 7.10 28.37
CA ASP E 78 21.68 6.78 29.35
C ASP E 78 22.91 7.64 29.20
N GLN E 79 23.29 7.95 27.97
CA GLN E 79 24.47 8.76 27.82
C GLN E 79 24.21 10.15 28.36
N GLN E 80 23.00 10.66 28.18
CA GLN E 80 22.72 11.97 28.68
C GLN E 80 22.83 12.00 30.17
N LEU E 81 22.33 10.97 30.83
CA LEU E 81 22.38 10.99 32.27
C LEU E 81 23.82 10.96 32.76
N LEU E 82 24.65 10.17 32.11
CA LEU E 82 26.05 10.13 32.50
C LEU E 82 26.67 11.50 32.28
N GLY E 83 26.23 12.18 31.24
CA GLY E 83 26.72 13.51 30.90
C GLY E 83 26.25 14.60 31.86
N ILE E 84 25.33 14.29 32.77
CA ILE E 84 24.84 15.24 33.75
C ILE E 84 25.61 15.08 35.02
N TRP E 85 25.92 13.85 35.36
CA TRP E 85 26.66 13.50 36.56
C TRP E 85 28.16 13.74 36.42
N GLY E 86 28.58 14.14 35.24
CA GLY E 86 30.01 14.34 34.97
C GLY E 86 30.80 13.07 34.60
N CYS E 87 30.10 12.08 34.00
CA CYS E 87 30.60 10.77 33.57
C CYS E 87 30.67 10.66 32.05
N SER E 88 30.69 11.77 31.35
CA SER E 88 30.79 11.60 29.92
C SER E 88 32.14 10.98 29.60
N GLY E 89 32.11 9.84 28.91
CA GLY E 89 33.34 9.16 28.53
C GLY E 89 33.96 8.31 29.64
N LYS E 90 33.28 8.23 30.78
CA LYS E 90 33.87 7.48 31.88
C LYS E 90 33.13 6.19 32.08
N LEU E 91 33.88 5.11 32.12
CA LEU E 91 33.30 3.80 32.30
C LEU E 91 32.83 3.63 33.75
N ILE E 92 33.61 4.16 34.68
CA ILE E 92 33.32 4.12 36.12
C ILE E 92 33.56 5.52 36.70
N CYS E 93 32.64 6.05 37.57
CA CYS E 93 32.80 7.37 38.21
C CYS E 93 32.68 7.35 39.72
N CYS E 94 33.63 7.97 40.36
CA CYS E 94 33.56 8.16 41.79
C CYS E 94 32.92 9.53 41.92
N THR E 95 31.80 9.59 42.61
CA THR E 95 31.08 10.85 42.72
C THR E 95 31.45 11.51 44.02
N ASN E 96 30.99 12.72 44.21
CA ASN E 96 31.23 13.46 45.44
C ASN E 96 30.00 13.41 46.32
N VAL E 97 29.14 12.42 46.10
CA VAL E 97 27.90 12.31 46.84
C VAL E 97 27.83 11.14 47.84
N PRO E 98 27.73 11.43 49.15
CA PRO E 98 27.56 10.51 50.24
C PRO E 98 26.17 9.97 50.12
N TRP E 99 25.82 8.93 50.82
CA TRP E 99 24.46 8.44 50.69
C TRP E 99 23.86 7.84 51.97
N ASN E 100 22.54 7.60 51.93
CA ASN E 100 21.72 7.07 53.02
C ASN E 100 21.97 5.56 53.17
N SER E 101 22.66 5.16 54.26
CA SER E 101 23.09 3.77 54.51
C SER E 101 21.94 2.79 54.58
N SER E 102 20.77 3.29 54.92
CA SER E 102 19.56 2.53 55.04
C SER E 102 19.10 1.93 53.73
N TRP E 103 19.62 2.43 52.61
CA TRP E 103 19.24 1.90 51.32
C TRP E 103 19.76 0.50 51.20
N SER E 104 20.86 0.21 51.90
CA SER E 104 21.47 -1.08 51.86
C SER E 104 22.34 -1.30 53.08
N ASN E 105 21.84 -2.06 54.04
CA ASN E 105 22.58 -2.27 55.27
C ASN E 105 23.53 -3.42 55.07
N ARG E 106 24.57 -3.14 54.30
CA ARG E 106 25.52 -4.14 53.86
C ARG E 106 26.97 -3.67 53.98
N ASN E 107 27.88 -4.64 54.20
CA ASN E 107 29.34 -4.43 54.16
C ASN E 107 29.76 -4.31 52.70
N LEU E 108 30.80 -3.49 52.41
CA LEU E 108 31.33 -3.36 51.04
C LEU E 108 31.92 -4.67 50.55
N SER E 109 32.49 -5.45 51.46
CA SER E 109 33.04 -6.73 51.07
C SER E 109 31.92 -7.68 50.68
N GLU E 110 30.75 -7.52 51.28
CA GLU E 110 29.65 -8.40 50.91
C GLU E 110 29.17 -8.02 49.53
N ILE E 111 29.08 -6.71 49.29
CA ILE E 111 28.57 -6.22 48.04
C ILE E 111 29.46 -6.57 46.89
N TRP E 112 30.74 -6.35 47.04
CA TRP E 112 31.62 -6.57 45.95
C TRP E 112 32.13 -7.99 45.77
N ASP E 113 32.28 -8.76 46.85
CA ASP E 113 32.81 -10.10 46.74
C ASP E 113 31.80 -11.26 46.77
N ASN E 114 30.65 -11.12 47.47
CA ASN E 114 29.78 -12.28 47.62
C ASN E 114 28.50 -12.29 46.81
N MET E 115 28.32 -11.33 45.92
CA MET E 115 27.06 -11.27 45.17
C MET E 115 27.23 -10.71 43.77
N THR E 116 26.21 -10.95 42.94
CA THR E 116 26.17 -10.51 41.55
C THR E 116 25.44 -9.20 41.38
N TRP E 117 25.57 -8.61 40.18
CA TRP E 117 24.90 -7.35 39.86
C TRP E 117 23.41 -7.51 39.75
N LEU E 118 22.95 -8.69 39.31
CA LEU E 118 21.52 -8.91 39.21
C LEU E 118 20.92 -8.88 40.62
N GLN E 119 21.62 -9.48 41.56
CA GLN E 119 21.14 -9.51 42.92
C GLN E 119 21.16 -8.12 43.53
N TRP E 120 22.20 -7.37 43.20
CA TRP E 120 22.37 -6.04 43.73
C TRP E 120 21.25 -5.15 43.28
N ASP E 121 20.91 -5.24 42.00
CA ASP E 121 19.85 -4.42 41.47
C ASP E 121 18.56 -4.72 42.19
N LYS E 122 18.30 -5.99 42.48
CA LYS E 122 17.08 -6.29 43.17
C LYS E 122 17.06 -5.66 44.56
N GLU E 123 18.20 -5.69 45.26
CA GLU E 123 18.23 -5.13 46.61
C GLU E 123 17.99 -3.62 46.68
N ILE E 124 18.49 -2.86 45.72
CA ILE E 124 18.35 -1.40 45.81
C ILE E 124 17.47 -0.76 44.75
N SER E 125 16.59 -1.52 44.15
CA SER E 125 15.79 -0.94 43.07
C SER E 125 14.91 0.27 43.45
N ASN E 126 14.48 0.34 44.73
CA ASN E 126 13.62 1.38 45.31
C ASN E 126 14.25 2.78 45.31
N TYR E 127 15.60 2.87 45.22
CA TYR E 127 16.33 4.11 45.37
C TYR E 127 16.86 4.64 44.06
N THR E 128 16.47 4.05 42.95
CA THR E 128 17.05 4.51 41.69
C THR E 128 16.84 6.00 41.43
N GLN E 129 15.64 6.47 41.65
CA GLN E 129 15.31 7.83 41.31
C GLN E 129 15.92 8.84 42.24
N ILE E 130 16.02 8.48 43.51
CA ILE E 130 16.54 9.44 44.45
C ILE E 130 18.03 9.54 44.26
N ILE E 131 18.68 8.44 43.91
CA ILE E 131 20.10 8.49 43.70
C ILE E 131 20.40 9.38 42.55
N TYR E 132 19.65 9.20 41.47
CA TYR E 132 19.92 10.00 40.31
C TYR E 132 19.70 11.46 40.61
N GLY E 133 18.64 11.79 41.35
CA GLY E 133 18.37 13.18 41.69
C GLY E 133 19.47 13.78 42.54
N LEU E 134 19.98 13.01 43.50
CA LEU E 134 21.03 13.50 44.35
C LEU E 134 22.27 13.75 43.56
N LEU E 135 22.57 12.87 42.62
CA LEU E 135 23.76 13.11 41.84
C LEU E 135 23.58 14.30 40.96
N GLU E 136 22.41 14.47 40.38
CA GLU E 136 22.23 15.61 39.50
C GLU E 136 22.52 16.93 40.18
N GLU E 137 21.95 17.10 41.37
CA GLU E 137 22.06 18.33 42.11
C GLU E 137 23.43 18.52 42.75
N SER E 138 24.00 17.45 43.29
CA SER E 138 25.24 17.59 44.01
C SER E 138 26.47 17.47 43.15
N GLN E 139 26.34 16.96 41.93
CA GLN E 139 27.48 16.86 41.05
C GLN E 139 27.54 18.13 40.26
N ASN E 140 27.40 18.06 38.94
CA ASN E 140 27.61 19.23 38.14
C ASN E 140 26.71 20.40 38.43
N GLN E 141 25.47 20.22 38.88
CA GLN E 141 24.73 21.44 39.07
C GLN E 141 25.41 22.32 40.13
N GLN E 142 26.04 21.72 41.15
CA GLN E 142 26.68 22.50 42.20
C GLN E 142 28.18 22.72 41.92
N GLU E 143 28.83 21.71 41.37
CA GLU E 143 30.27 21.75 41.13
C GLU E 143 30.61 22.81 40.13
N LYS E 144 29.71 23.07 39.21
CA LYS E 144 30.02 24.05 38.21
C LYS E 144 29.72 25.45 38.70
N ASN E 145 29.15 25.59 39.89
CA ASN E 145 28.98 26.92 40.39
C ASN E 145 30.37 27.28 40.85
N GLU E 146 31.03 26.28 41.44
CA GLU E 146 32.39 26.46 41.92
C GLU E 146 33.31 26.69 40.75
N GLN E 147 33.10 25.97 39.64
CA GLN E 147 33.96 26.21 38.48
C GLN E 147 33.96 27.68 38.09
N ASP E 148 32.79 28.31 38.02
CA ASP E 148 32.83 29.73 37.68
C ASP E 148 33.42 30.59 38.79
N LEU E 149 33.10 30.29 40.03
CA LEU E 149 33.55 31.12 41.15
C LEU E 149 35.05 31.11 41.32
N LEU E 150 35.65 29.98 41.05
CA LEU E 150 37.07 29.77 41.21
C LEU E 150 37.87 30.17 40.00
N ALA E 151 37.22 30.56 38.91
CA ALA E 151 37.96 30.87 37.70
C ALA E 151 38.47 32.32 37.73
N LEU E 152 39.44 32.59 38.62
CA LEU E 152 39.99 33.92 38.93
C LEU E 152 41.53 33.94 38.86
N LEU F 9 11.68 24.42 41.62
CA LEU F 9 11.29 24.71 40.25
C LEU F 9 11.33 23.46 39.37
N GLY F 10 10.44 23.40 38.37
CA GLY F 10 10.34 22.35 37.35
C GLY F 10 10.89 22.88 36.04
N PHE F 11 10.53 22.22 34.95
CA PHE F 11 11.02 22.57 33.62
C PHE F 11 10.58 23.95 33.24
N LEU F 12 11.52 24.76 32.80
CA LEU F 12 11.33 26.15 32.43
C LEU F 12 10.90 27.01 33.59
N GLY F 13 11.04 26.52 34.80
CA GLY F 13 10.65 27.29 35.97
C GLY F 13 11.42 28.58 36.07
N ALA F 14 12.64 28.57 35.60
CA ALA F 14 13.51 29.72 35.64
C ALA F 14 13.41 30.58 34.39
N ALA F 15 12.49 30.30 33.49
CA ALA F 15 12.45 31.06 32.25
C ALA F 15 12.31 32.57 32.47
N GLY F 16 11.58 33.00 33.49
CA GLY F 16 11.44 34.44 33.71
C GLY F 16 12.46 35.01 34.70
N SER F 17 13.37 34.16 35.18
CA SER F 17 14.36 34.54 36.16
C SER F 17 15.53 35.18 35.50
N THR F 18 16.38 35.82 36.26
CA THR F 18 17.53 36.42 35.63
C THR F 18 18.47 35.33 35.21
N MET F 19 19.38 35.66 34.33
CA MET F 19 20.33 34.71 33.81
C MET F 19 21.13 34.04 34.87
N GLY F 20 21.54 34.81 35.86
CA GLY F 20 22.31 34.28 36.96
C GLY F 20 21.45 33.30 37.72
N ALA F 21 20.26 33.71 38.10
CA ALA F 21 19.39 32.83 38.87
C ALA F 21 19.05 31.56 38.13
N ALA F 22 18.90 31.68 36.83
CA ALA F 22 18.50 30.59 35.99
C ALA F 22 19.62 29.61 35.73
N SER F 23 20.82 29.92 36.16
CA SER F 23 21.93 29.02 35.92
C SER F 23 21.81 27.86 36.87
N MET F 24 20.89 27.97 37.83
CA MET F 24 20.70 26.96 38.83
C MET F 24 19.84 25.79 38.35
N THR F 25 19.30 25.86 37.14
CA THR F 25 18.45 24.78 36.64
C THR F 25 18.93 24.20 35.31
N LEU F 26 20.24 24.17 35.07
CA LEU F 26 20.71 23.72 33.78
C LEU F 26 20.45 22.24 33.58
N THR F 27 20.49 21.49 34.67
CA THR F 27 20.28 20.07 34.56
C THR F 27 18.81 19.75 34.33
N VAL F 28 17.95 20.66 34.75
CA VAL F 28 16.54 20.43 34.60
C VAL F 28 16.21 20.52 33.14
N GLN F 29 16.72 21.56 32.52
CA GLN F 29 16.42 21.73 31.14
C GLN F 29 17.01 20.62 30.32
N ALA F 30 18.20 20.15 30.68
CA ALA F 30 18.82 19.10 29.89
C ALA F 30 18.01 17.82 29.92
N ARG F 31 17.50 17.45 31.08
CA ARG F 31 16.76 16.20 31.18
C ARG F 31 15.49 16.18 30.37
N ASN F 32 14.88 17.32 30.14
CA ASN F 32 13.64 17.33 29.41
C ASN F 32 13.81 17.47 27.90
N LEU F 33 15.04 17.40 27.40
CA LEU F 33 15.26 17.46 25.96
C LEU F 33 14.99 16.14 25.28
N LEU F 34 15.12 15.03 25.99
CA LEU F 34 14.88 13.73 25.40
C LEU F 34 13.52 13.22 25.89
N SER F 35 12.88 12.33 25.09
CA SER F 35 11.60 11.69 25.42
C SER F 35 11.61 10.99 26.81
N GLY F 61 0.45 7.60 11.35
CA GLY F 61 1.28 6.86 12.27
C GLY F 61 2.78 7.17 12.12
N ILE F 62 3.29 7.11 10.88
CA ILE F 62 4.71 7.30 10.51
C ILE F 62 5.22 8.66 10.88
N LYS F 63 4.40 9.68 10.78
CA LYS F 63 4.88 11.01 11.12
C LYS F 63 5.35 11.08 12.58
N GLN F 64 4.90 10.16 13.44
CA GLN F 64 5.33 10.19 14.82
C GLN F 64 6.74 9.62 14.91
N LEU F 65 7.06 8.71 14.00
CA LEU F 65 8.38 8.11 13.94
C LEU F 65 9.31 9.20 13.46
N GLN F 66 8.82 10.00 12.51
CA GLN F 66 9.61 11.09 11.99
C GLN F 66 9.87 12.11 13.09
N ALA F 67 8.87 12.38 13.94
CA ALA F 67 9.07 13.32 15.02
C ALA F 67 10.13 12.81 16.00
N ARG F 68 10.13 11.51 16.29
CA ARG F 68 11.12 10.97 17.19
C ARG F 68 12.51 11.06 16.60
N VAL F 69 12.63 10.79 15.32
CA VAL F 69 13.93 10.86 14.68
C VAL F 69 14.43 12.28 14.69
N LEU F 70 13.56 13.25 14.43
CA LEU F 70 13.99 14.63 14.45
C LEU F 70 14.46 15.02 15.83
N ALA F 71 13.76 14.61 16.88
CA ALA F 71 14.23 15.00 18.19
C ALA F 71 15.65 14.51 18.41
N VAL F 72 15.95 13.30 17.93
CA VAL F 72 17.28 12.79 18.07
C VAL F 72 18.26 13.60 17.27
N GLU F 73 17.91 13.91 16.03
CA GLU F 73 18.81 14.67 15.19
C GLU F 73 19.15 16.01 15.79
N HIS F 74 18.16 16.68 16.35
CA HIS F 74 18.41 17.98 16.92
C HIS F 74 19.36 17.85 18.10
N TYR F 75 19.07 16.89 18.98
CA TYR F 75 19.89 16.68 20.15
C TYR F 75 21.32 16.44 19.78
N LEU F 76 21.53 15.55 18.82
CA LEU F 76 22.88 15.24 18.45
C LEU F 76 23.59 16.42 17.86
N ARG F 77 22.92 17.28 17.10
CA ARG F 77 23.67 18.43 16.62
C ARG F 77 24.22 19.26 17.75
N ASP F 78 23.44 19.46 18.80
CA ASP F 78 23.99 20.25 19.89
C ASP F 78 25.11 19.52 20.59
N GLN F 79 24.98 18.21 20.74
CA GLN F 79 26.04 17.49 21.43
C GLN F 79 27.32 17.53 20.63
N GLN F 80 27.21 17.47 19.31
CA GLN F 80 28.37 17.51 18.46
C GLN F 80 29.03 18.86 18.55
N LEU F 81 28.25 19.93 18.62
CA LEU F 81 28.85 21.24 18.69
C LEU F 81 29.58 21.40 20.01
N LEU F 82 28.99 20.92 21.07
CA LEU F 82 29.63 21.02 22.35
C LEU F 82 30.90 20.20 22.33
N GLY F 83 30.87 19.03 21.72
CA GLY F 83 32.07 18.22 21.65
C GLY F 83 33.18 18.95 20.90
N ILE F 84 32.80 19.65 19.83
CA ILE F 84 33.76 20.40 19.03
C ILE F 84 34.45 21.44 19.85
N TRP F 85 33.72 22.10 20.74
CA TRP F 85 34.23 23.14 21.63
C TRP F 85 34.91 22.60 22.89
N GLY F 86 34.96 21.28 23.06
CA GLY F 86 35.52 20.70 24.28
C GLY F 86 34.60 20.76 25.51
N CYS F 87 33.26 20.75 25.28
CA CYS F 87 32.19 20.85 26.27
C CYS F 87 31.44 19.53 26.45
N SER F 88 32.02 18.43 26.03
CA SER F 88 31.27 17.21 26.24
C SER F 88 31.19 16.95 27.73
N GLY F 89 29.98 16.76 28.23
CA GLY F 89 29.77 16.49 29.65
C GLY F 89 29.78 17.71 30.54
N LYS F 90 29.86 18.91 29.96
CA LYS F 90 29.91 20.08 30.80
C LYS F 90 28.65 20.90 30.72
N LEU F 91 28.23 21.45 31.84
CA LEU F 91 27.08 22.34 31.80
C LEU F 91 27.55 23.73 31.47
N ILE F 92 28.74 24.05 31.95
CA ILE F 92 29.32 25.36 31.75
C ILE F 92 30.76 25.24 31.22
N CYS F 93 31.10 25.97 30.14
CA CYS F 93 32.46 26.01 29.55
C CYS F 93 33.03 27.42 29.52
N CYS F 94 34.34 27.47 29.48
CA CYS F 94 35.10 28.67 29.31
C CYS F 94 36.11 28.36 28.21
N THR F 95 36.25 29.31 27.33
CA THR F 95 37.15 29.25 26.18
C THR F 95 38.32 30.20 26.37
N ASN F 96 39.12 30.36 25.34
CA ASN F 96 40.32 31.19 25.36
C ASN F 96 40.10 32.47 24.57
N VAL F 97 38.85 32.80 24.38
CA VAL F 97 38.42 33.89 23.56
C VAL F 97 37.69 34.99 24.32
N PRO F 98 38.25 36.20 24.39
CA PRO F 98 37.62 37.41 24.92
C PRO F 98 36.46 37.69 24.03
N TRP F 99 35.37 38.25 24.54
CA TRP F 99 34.29 38.50 23.60
C TRP F 99 34.44 39.92 23.06
N ASN F 100 33.90 40.16 21.85
CA ASN F 100 33.89 41.44 21.16
C ASN F 100 32.72 42.29 21.66
N SER F 101 33.02 43.40 22.37
CA SER F 101 32.07 44.30 23.04
C SER F 101 31.14 44.99 22.05
N SER F 102 31.49 44.95 20.79
CA SER F 102 30.65 45.54 19.77
C SER F 102 29.32 44.80 19.69
N TRP F 103 29.28 43.56 20.19
CA TRP F 103 28.07 42.74 20.16
C TRP F 103 27.07 43.20 21.22
N SER F 104 27.56 43.86 22.26
CA SER F 104 26.76 44.35 23.38
C SER F 104 27.55 45.31 24.25
N ASN F 105 26.93 46.40 24.63
CA ASN F 105 27.65 47.36 25.46
C ASN F 105 27.19 47.41 26.91
N ARG F 106 26.50 46.37 27.36
CA ARG F 106 26.10 46.31 28.76
C ARG F 106 27.27 45.71 29.53
N ASN F 107 27.43 46.04 30.84
CA ASN F 107 28.48 45.47 31.70
C ASN F 107 28.03 44.12 32.30
N LEU F 108 28.95 43.46 33.07
CA LEU F 108 28.79 42.11 33.61
C LEU F 108 27.61 41.86 34.56
N SER F 109 27.45 42.69 35.60
CA SER F 109 26.35 42.42 36.53
C SER F 109 25.05 42.97 35.98
N GLU F 110 25.14 43.96 35.13
CA GLU F 110 23.95 44.53 34.56
C GLU F 110 23.24 43.49 33.73
N ILE F 111 23.97 42.65 33.01
CA ILE F 111 23.32 41.60 32.28
C ILE F 111 22.91 40.47 33.19
N TRP F 112 23.87 39.94 33.95
CA TRP F 112 23.59 38.73 34.70
C TRP F 112 22.56 38.82 35.80
N ASP F 113 22.43 39.97 36.44
CA ASP F 113 21.49 40.10 37.51
C ASP F 113 20.17 40.76 37.10
N ASN F 114 19.98 41.08 35.82
CA ASN F 114 18.73 41.73 35.45
C ASN F 114 18.03 41.13 34.26
N MET F 115 18.77 40.63 33.29
CA MET F 115 18.17 40.11 32.09
C MET F 115 17.85 38.67 32.28
N THR F 116 16.82 38.20 31.58
CA THR F 116 16.48 36.79 31.53
C THR F 116 17.20 36.20 30.34
N TRP F 117 17.24 34.87 30.23
CA TRP F 117 17.89 34.28 29.07
C TRP F 117 17.11 34.54 27.80
N LEU F 118 15.80 34.68 27.90
CA LEU F 118 15.01 34.95 26.70
C LEU F 118 15.37 36.32 26.15
N GLN F 119 15.55 37.28 27.05
CA GLN F 119 15.89 38.62 26.62
C GLN F 119 17.28 38.71 26.06
N TRP F 120 18.20 38.03 26.71
CA TRP F 120 19.57 38.04 26.29
C TRP F 120 19.73 37.41 24.94
N ASP F 121 19.06 36.28 24.73
CA ASP F 121 19.18 35.64 23.46
C ASP F 121 18.71 36.58 22.37
N LYS F 122 17.63 37.33 22.60
CA LYS F 122 17.22 38.23 21.56
C LYS F 122 18.26 39.33 21.33
N GLU F 123 18.81 39.86 22.42
CA GLU F 123 19.75 40.97 22.32
C GLU F 123 20.96 40.70 21.48
N ILE F 124 21.48 39.48 21.53
CA ILE F 124 22.67 39.16 20.75
C ILE F 124 22.41 38.10 19.70
N SER F 125 21.16 37.98 19.27
CA SER F 125 20.79 36.91 18.35
C SER F 125 21.61 36.79 17.06
N ASN F 126 21.94 37.92 16.39
CA ASN F 126 22.61 37.94 15.09
C ASN F 126 24.10 37.61 15.15
N TYR F 127 24.68 37.37 16.35
CA TYR F 127 26.10 37.07 16.52
C TYR F 127 26.29 35.60 16.85
N THR F 128 25.22 34.84 16.86
CA THR F 128 25.35 33.45 17.26
C THR F 128 26.31 32.65 16.40
N GLN F 129 26.21 32.85 15.09
CA GLN F 129 27.00 32.06 14.18
C GLN F 129 28.45 32.46 14.15
N ILE F 130 28.72 33.74 14.37
CA ILE F 130 30.10 34.16 14.30
C ILE F 130 30.80 33.72 15.56
N ILE F 131 30.08 33.72 16.67
CA ILE F 131 30.67 33.29 17.91
C ILE F 131 30.96 31.84 17.82
N TYR F 132 30.01 31.06 17.32
CA TYR F 132 30.25 29.65 17.27
C TYR F 132 31.42 29.31 16.35
N GLY F 133 31.52 29.96 15.18
CA GLY F 133 32.62 29.65 14.28
C GLY F 133 33.95 30.00 14.92
N LEU F 134 33.95 31.12 15.64
CA LEU F 134 35.14 31.57 16.29
C LEU F 134 35.57 30.55 17.30
N LEU F 135 34.65 30.07 18.12
CA LEU F 135 35.02 29.12 19.14
C LEU F 135 35.57 27.83 18.56
N GLU F 136 34.95 27.36 17.48
CA GLU F 136 35.35 26.09 16.91
C GLU F 136 36.80 26.05 16.49
N GLU F 137 37.30 27.11 15.88
CA GLU F 137 38.68 27.03 15.48
C GLU F 137 39.65 27.72 16.42
N SER F 138 39.26 28.87 16.97
CA SER F 138 40.22 29.62 17.76
C SER F 138 40.58 28.91 19.04
N GLN F 139 39.71 28.04 19.56
CA GLN F 139 40.10 27.33 20.73
C GLN F 139 40.80 26.05 20.40
N ASN F 140 40.15 25.18 19.64
CA ASN F 140 40.71 23.87 19.51
C ASN F 140 41.73 23.64 18.45
N GLN F 141 41.82 24.45 17.40
CA GLN F 141 42.91 24.12 16.51
C GLN F 141 44.19 24.49 17.26
N GLN F 142 44.12 25.59 17.98
CA GLN F 142 45.28 26.02 18.71
C GLN F 142 45.58 25.06 19.86
N GLU F 143 44.56 24.63 20.61
CA GLU F 143 44.85 23.75 21.71
C GLU F 143 45.35 22.39 21.28
N LYS F 144 44.82 21.83 20.19
CA LYS F 144 45.29 20.52 19.84
C LYS F 144 46.72 20.57 19.37
N ASN F 145 47.14 21.70 18.77
CA ASN F 145 48.54 21.75 18.39
C ASN F 145 49.42 21.89 19.63
N GLU F 146 48.97 22.69 20.59
CA GLU F 146 49.78 22.90 21.79
C GLU F 146 49.96 21.60 22.56
N GLN F 147 48.95 20.74 22.52
CA GLN F 147 49.01 19.48 23.23
C GLN F 147 49.74 18.40 22.45
N ASP F 148 50.08 18.67 21.20
CA ASP F 148 50.77 17.70 20.36
C ASP F 148 52.25 17.91 20.59
N LEU F 149 52.60 19.16 20.82
CA LEU F 149 53.97 19.60 21.01
C LEU F 149 54.50 19.17 22.37
N LEU F 150 53.62 18.64 23.21
CA LEU F 150 54.02 18.17 24.52
C LEU F 150 54.75 16.85 24.38
N ALA F 151 54.70 16.29 23.17
CA ALA F 151 55.40 15.07 22.83
C ALA F 151 56.90 15.30 22.45
N LEU F 152 57.37 16.58 22.41
CA LEU F 152 58.72 16.99 21.99
C LEU F 152 59.52 17.59 23.17
N SER G 50 -47.69 -36.63 -38.72
CA SER G 50 -46.32 -36.14 -38.64
C SER G 50 -46.24 -34.66 -39.12
N ALA G 51 -46.63 -34.41 -40.38
CA ALA G 51 -46.62 -33.10 -41.06
C ALA G 51 -47.68 -32.16 -40.52
N LEU G 52 -47.46 -30.87 -40.68
CA LEU G 52 -48.45 -29.90 -40.25
C LEU G 52 -49.54 -29.79 -41.33
N THR G 53 -50.77 -29.55 -40.90
CA THR G 53 -51.88 -29.42 -41.85
C THR G 53 -51.82 -28.08 -42.50
N GLN G 54 -51.89 -28.04 -43.80
CA GLN G 54 -51.80 -26.79 -44.49
C GLN G 54 -52.61 -26.94 -45.78
N PRO G 55 -53.33 -25.92 -46.28
CA PRO G 55 -54.10 -26.01 -47.50
C PRO G 55 -53.18 -26.26 -48.67
N ALA G 56 -53.64 -27.06 -49.64
CA ALA G 56 -52.83 -27.35 -50.82
C ALA G 56 -52.58 -26.10 -51.62
N SER G 57 -53.57 -25.22 -51.66
CA SER G 57 -53.47 -23.99 -52.38
C SER G 57 -54.40 -22.94 -51.81
N VAL G 58 -54.05 -21.71 -52.06
CA VAL G 58 -54.85 -20.55 -51.74
C VAL G 58 -54.86 -19.63 -52.95
N SER G 59 -55.82 -18.74 -53.02
CA SER G 59 -55.80 -17.79 -54.11
C SER G 59 -56.53 -16.52 -53.79
N GLY G 60 -56.24 -15.50 -54.59
CA GLY G 60 -56.93 -14.23 -54.50
C GLY G 60 -56.46 -13.31 -55.60
N SER G 61 -57.08 -12.15 -55.74
CA SER G 61 -56.70 -11.22 -56.79
C SER G 61 -55.52 -10.37 -56.35
N PRO G 62 -54.79 -9.73 -57.29
CA PRO G 62 -53.72 -8.82 -57.00
C PRO G 62 -54.20 -7.68 -56.14
N GLY G 63 -53.36 -7.31 -55.21
CA GLY G 63 -53.61 -6.20 -54.31
C GLY G 63 -54.42 -6.58 -53.07
N GLN G 64 -54.89 -7.82 -52.98
CA GLN G 64 -55.72 -8.21 -51.85
C GLN G 64 -54.92 -8.83 -50.74
N SER G 65 -55.49 -8.85 -49.54
CA SER G 65 -54.83 -9.49 -48.41
C SER G 65 -55.37 -10.89 -48.23
N ILE G 66 -54.44 -11.85 -48.21
CA ILE G 66 -54.80 -13.25 -48.08
C ILE G 66 -54.02 -13.86 -46.93
N THR G 67 -54.58 -14.86 -46.28
CA THR G 67 -53.81 -15.52 -45.26
C THR G 67 -53.71 -16.99 -45.56
N ILE G 68 -52.62 -17.59 -45.10
CA ILE G 68 -52.43 -19.01 -45.23
C ILE G 68 -52.38 -19.62 -43.84
N SER G 69 -53.32 -20.50 -43.53
CA SER G 69 -53.34 -21.12 -42.22
C SER G 69 -52.47 -22.37 -42.23
N CYS G 70 -52.08 -22.85 -41.03
CA CYS G 70 -51.36 -24.09 -40.79
C CYS G 70 -51.68 -24.63 -39.40
N THR G 71 -52.00 -25.92 -39.29
CA THR G 71 -52.36 -26.45 -37.97
C THR G 71 -51.46 -27.57 -37.46
N GLY G 72 -51.00 -27.36 -36.24
CA GLY G 72 -50.15 -28.31 -35.56
C GLY G 72 -50.86 -28.85 -34.33
N THR G 73 -50.07 -29.15 -33.32
CA THR G 73 -50.52 -29.70 -32.06
C THR G 73 -49.91 -29.01 -30.86
N SER G 74 -50.27 -29.42 -29.64
CA SER G 74 -49.51 -28.96 -28.46
C SER G 74 -48.02 -28.80 -28.79
N SER G 75 -47.38 -29.81 -29.40
CA SER G 75 -45.90 -29.89 -29.55
C SER G 75 -45.41 -28.86 -30.56
N ASP G 76 -46.31 -28.08 -31.14
CA ASP G 76 -45.87 -26.84 -31.81
C ASP G 76 -46.55 -25.65 -31.15
N VAL G 77 -47.57 -25.07 -31.80
CA VAL G 77 -47.94 -23.64 -31.63
C VAL G 77 -48.47 -23.45 -30.22
N GLY G 78 -49.21 -24.44 -29.74
CA GLY G 78 -49.63 -24.48 -28.33
C GLY G 78 -48.61 -25.21 -27.48
N GLY G 79 -47.32 -24.95 -27.70
CA GLY G 79 -46.25 -25.56 -26.89
C GLY G 79 -44.97 -24.73 -26.97
N TYR G 80 -44.81 -23.96 -28.06
CA TYR G 80 -43.63 -23.10 -28.23
C TYR G 80 -43.98 -21.94 -29.16
N ASN G 81 -43.15 -20.90 -29.17
CA ASN G 81 -43.37 -19.80 -30.14
C ASN G 81 -42.51 -20.11 -31.36
N TYR G 82 -41.76 -21.22 -31.31
CA TYR G 82 -40.88 -21.61 -32.44
C TYR G 82 -41.74 -21.95 -33.66
N VAL G 83 -42.31 -20.94 -34.31
CA VAL G 83 -43.26 -21.17 -35.43
C VAL G 83 -42.88 -20.22 -36.54
N SER G 84 -42.58 -20.78 -37.70
CA SER G 84 -42.03 -20.02 -38.82
C SER G 84 -42.67 -20.31 -40.16
N TRP G 85 -42.51 -19.34 -41.07
CA TRP G 85 -42.96 -19.46 -42.45
C TRP G 85 -41.87 -19.12 -43.46
N TYR G 86 -41.86 -19.87 -44.55
CA TYR G 86 -40.95 -19.73 -45.67
C TYR G 86 -41.66 -19.57 -47.00
N GLN G 87 -41.01 -18.86 -47.93
CA GLN G 87 -41.49 -18.67 -49.29
C GLN G 87 -40.54 -19.32 -50.27
N GLN G 88 -41.05 -20.22 -51.10
CA GLN G 88 -40.19 -20.91 -52.04
C GLN G 88 -40.55 -20.70 -53.49
N HIS G 89 -39.75 -19.90 -54.17
CA HIS G 89 -39.99 -19.69 -55.57
C HIS G 89 -39.60 -21.01 -56.20
N PRO G 90 -40.34 -21.54 -57.18
CA PRO G 90 -39.99 -22.78 -57.82
C PRO G 90 -38.56 -22.72 -58.36
N GLY G 91 -37.84 -23.82 -58.16
CA GLY G 91 -36.47 -23.95 -58.62
C GLY G 91 -35.43 -23.46 -57.62
N LYS G 92 -35.87 -22.85 -56.51
CA LYS G 92 -34.95 -22.31 -55.53
C LYS G 92 -35.12 -22.87 -54.13
N ALA G 93 -34.07 -22.76 -53.31
CA ALA G 93 -34.16 -23.12 -51.90
C ALA G 93 -35.14 -22.10 -51.30
N PRO G 94 -35.91 -22.45 -50.27
CA PRO G 94 -36.85 -21.57 -49.60
C PRO G 94 -36.16 -20.49 -48.81
N LYS G 95 -36.84 -19.38 -48.59
CA LYS G 95 -36.31 -18.31 -47.76
C LYS G 95 -37.29 -17.97 -46.66
N LEU G 96 -36.77 -17.54 -45.53
CA LEU G 96 -37.59 -17.19 -44.39
C LEU G 96 -38.37 -15.91 -44.60
N MET G 97 -39.65 -15.94 -44.29
CA MET G 97 -40.49 -14.74 -44.39
C MET G 97 -40.89 -14.22 -43.03
N ILE G 98 -41.27 -15.16 -42.16
CA ILE G 98 -41.70 -14.88 -40.80
C ILE G 98 -41.12 -15.90 -39.85
N TYR G 99 -40.71 -15.45 -38.66
CA TYR G 99 -40.25 -16.44 -37.67
C TYR G 99 -40.89 -16.02 -36.35
N GLU G 100 -40.75 -16.82 -35.30
CA GLU G 100 -41.28 -16.39 -33.99
C GLU G 100 -42.70 -15.88 -34.17
N VAL G 101 -43.55 -16.62 -34.90
CA VAL G 101 -44.95 -16.25 -35.14
C VAL G 101 -45.14 -15.01 -35.99
N SER G 102 -44.57 -13.88 -35.59
CA SER G 102 -44.75 -12.63 -36.31
C SER G 102 -43.47 -11.83 -36.62
N ASN G 103 -42.34 -12.49 -36.41
CA ASN G 103 -41.06 -11.79 -36.61
C ASN G 103 -40.78 -11.54 -38.08
N ARG G 104 -40.18 -10.40 -38.37
CA ARG G 104 -39.86 -9.92 -39.72
C ARG G 104 -38.35 -10.10 -39.96
N PRO G 105 -37.86 -11.00 -40.85
CA PRO G 105 -36.44 -11.01 -41.13
C PRO G 105 -36.06 -9.73 -41.81
N SER G 106 -34.82 -9.28 -41.62
CA SER G 106 -34.35 -8.08 -42.33
C SER G 106 -34.40 -8.34 -43.84
N GLY G 107 -35.00 -7.42 -44.60
CA GLY G 107 -35.11 -7.58 -46.05
C GLY G 107 -36.52 -7.98 -46.47
N VAL G 108 -37.35 -8.40 -45.52
CA VAL G 108 -38.72 -8.79 -45.82
C VAL G 108 -39.61 -7.57 -45.69
N SER G 109 -40.47 -7.37 -46.68
CA SER G 109 -41.39 -6.24 -46.71
C SER G 109 -42.40 -6.24 -45.59
N ASN G 110 -42.79 -5.05 -45.17
CA ASN G 110 -43.71 -4.82 -44.07
C ASN G 110 -45.14 -5.19 -44.39
N ARG G 111 -45.37 -5.61 -45.62
CA ARG G 111 -46.70 -6.06 -46.00
C ARG G 111 -46.86 -7.54 -45.59
N PHE G 112 -45.78 -8.15 -45.09
CA PHE G 112 -45.83 -9.52 -44.62
C PHE G 112 -45.93 -9.53 -43.10
N SER G 113 -46.86 -10.33 -42.60
CA SER G 113 -47.07 -10.44 -41.17
C SER G 113 -47.51 -11.85 -40.77
N GLY G 114 -48.04 -11.99 -39.57
CA GLY G 114 -48.47 -13.30 -39.10
C GLY G 114 -48.97 -13.27 -37.66
N SER G 115 -49.57 -14.38 -37.27
CA SER G 115 -50.16 -14.58 -35.96
C SER G 115 -50.30 -16.05 -35.60
N LYS G 116 -50.60 -16.29 -34.33
CA LYS G 116 -50.90 -17.66 -33.86
C LYS G 116 -52.17 -17.56 -33.02
N SER G 117 -52.88 -18.68 -32.94
CA SER G 117 -53.94 -18.87 -31.95
C SER G 117 -54.18 -20.36 -31.70
N GLY G 118 -54.01 -20.79 -30.45
CA GLY G 118 -54.17 -22.21 -30.18
C GLY G 118 -53.11 -22.96 -30.95
N ASN G 119 -53.52 -23.95 -31.74
CA ASN G 119 -52.57 -24.75 -32.51
C ASN G 119 -52.54 -24.28 -33.96
N THR G 120 -53.15 -23.13 -34.25
CA THR G 120 -53.18 -22.64 -35.62
C THR G 120 -52.29 -21.44 -35.87
N ALA G 121 -51.43 -21.60 -36.85
CA ALA G 121 -50.51 -20.58 -37.27
C ALA G 121 -51.10 -19.91 -38.49
N SER G 122 -50.81 -18.64 -38.67
CA SER G 122 -51.27 -17.93 -39.86
C SER G 122 -50.29 -16.92 -40.43
N LEU G 123 -50.07 -17.05 -41.73
CA LEU G 123 -49.20 -16.15 -42.49
C LEU G 123 -50.02 -15.12 -43.22
N THR G 124 -49.70 -13.84 -43.05
CA THR G 124 -50.47 -12.82 -43.74
C THR G 124 -49.67 -12.19 -44.86
N ILE G 125 -50.24 -12.20 -46.06
CA ILE G 125 -49.62 -11.57 -47.20
C ILE G 125 -50.53 -10.47 -47.70
N SER G 126 -50.19 -9.22 -47.40
CA SER G 126 -51.07 -8.12 -47.77
C SER G 126 -50.66 -7.43 -49.07
N GLY G 127 -51.57 -7.34 -50.04
CA GLY G 127 -51.20 -6.66 -51.25
C GLY G 127 -50.54 -7.62 -52.20
N LEU G 128 -51.21 -8.74 -52.47
CA LEU G 128 -50.65 -9.78 -53.33
C LEU G 128 -50.15 -9.34 -54.68
N GLN G 129 -48.93 -9.76 -54.99
CA GLN G 129 -48.31 -9.45 -56.26
C GLN G 129 -47.94 -10.71 -57.03
N ALA G 130 -47.44 -10.55 -58.25
CA ALA G 130 -46.99 -11.71 -59.05
C ALA G 130 -45.81 -12.42 -58.37
N GLU G 131 -44.99 -11.67 -57.65
CA GLU G 131 -43.81 -12.20 -56.97
C GLU G 131 -44.16 -13.17 -55.86
N ASP G 132 -45.44 -13.20 -55.45
CA ASP G 132 -45.88 -14.06 -54.39
C ASP G 132 -46.27 -15.44 -54.86
N GLU G 133 -46.23 -15.69 -56.18
CA GLU G 133 -46.59 -17.02 -56.65
C GLU G 133 -45.43 -17.98 -56.44
N ALA G 134 -45.41 -18.46 -55.22
CA ALA G 134 -44.42 -19.31 -54.60
C ALA G 134 -45.12 -20.24 -53.64
N ASP G 135 -44.48 -21.35 -53.33
CA ASP G 135 -45.05 -22.23 -52.35
C ASP G 135 -44.80 -21.66 -50.97
N TYR G 136 -45.71 -21.84 -50.05
CA TYR G 136 -45.44 -21.41 -48.70
C TYR G 136 -45.37 -22.58 -47.80
N TYR G 137 -44.46 -22.50 -46.87
CA TYR G 137 -44.33 -23.55 -45.92
C TYR G 137 -44.35 -23.00 -44.53
N CYS G 138 -44.99 -23.75 -43.64
CA CYS G 138 -45.03 -23.53 -42.22
C CYS G 138 -44.14 -24.58 -41.63
N SER G 139 -43.52 -24.25 -40.54
CA SER G 139 -42.71 -25.22 -39.85
C SER G 139 -42.58 -24.89 -38.39
N SER G 140 -42.13 -25.87 -37.64
CA SER G 140 -41.90 -25.67 -36.23
C SER G 140 -40.81 -26.48 -35.60
N TYR G 141 -40.13 -25.85 -34.65
CA TYR G 141 -39.21 -26.58 -33.77
C TYR G 141 -40.08 -27.26 -32.73
N THR G 142 -40.02 -28.57 -32.72
CA THR G 142 -40.88 -29.38 -31.86
C THR G 142 -40.30 -29.68 -30.49
N SER G 143 -41.17 -30.17 -29.61
CA SER G 143 -40.72 -30.63 -28.29
C SER G 143 -39.49 -31.50 -28.48
N SER G 144 -39.64 -32.46 -29.39
CA SER G 144 -38.72 -33.57 -29.61
C SER G 144 -37.44 -33.12 -30.29
N SER G 145 -37.29 -31.80 -30.43
CA SER G 145 -36.16 -31.11 -31.05
C SER G 145 -35.93 -31.45 -32.51
N THR G 146 -37.01 -31.58 -33.25
CA THR G 146 -36.98 -31.86 -34.67
C THR G 146 -37.71 -30.75 -35.38
N VAL G 147 -37.63 -30.72 -36.69
CA VAL G 147 -38.36 -29.70 -37.39
C VAL G 147 -39.45 -30.31 -38.21
N VAL G 148 -40.64 -29.84 -37.97
CA VAL G 148 -41.77 -30.35 -38.69
C VAL G 148 -42.19 -29.34 -39.71
N PHE G 149 -42.44 -29.79 -40.92
CA PHE G 149 -42.93 -28.93 -41.98
C PHE G 149 -44.36 -29.28 -42.32
N GLY G 150 -45.10 -28.31 -42.82
CA GLY G 150 -46.41 -28.59 -43.33
C GLY G 150 -46.35 -29.08 -44.76
N GLY G 151 -47.51 -29.44 -45.27
CA GLY G 151 -47.61 -29.94 -46.64
C GLY G 151 -47.11 -29.01 -47.75
N GLY G 152 -47.30 -27.70 -47.58
CA GLY G 152 -46.90 -26.71 -48.58
C GLY G 152 -48.10 -26.16 -49.32
N THR G 153 -48.22 -24.84 -49.39
CA THR G 153 -49.36 -24.18 -50.03
C THR G 153 -48.99 -23.44 -51.29
N LYS G 154 -49.69 -23.70 -52.38
CA LYS G 154 -49.43 -22.95 -53.59
C LYS G 154 -50.33 -21.73 -53.68
N LEU G 155 -49.73 -20.56 -53.77
CA LEU G 155 -50.50 -19.32 -53.89
C LEU G 155 -50.60 -18.81 -55.31
N THR G 156 -51.83 -18.63 -55.77
CA THR G 156 -52.11 -18.12 -57.11
C THR G 156 -52.70 -16.71 -57.01
N VAL G 157 -52.13 -15.76 -57.76
CA VAL G 157 -52.61 -14.39 -57.69
C VAL G 157 -53.22 -13.95 -59.05
N LEU G 158 -54.57 -13.89 -59.13
CA LEU G 158 -55.36 -13.63 -60.34
C LEU G 158 -56.70 -12.92 -60.04
N VAL H 22 -21.05 -15.81 -46.98
CA VAL H 22 -22.34 -16.22 -46.36
C VAL H 22 -23.00 -17.24 -47.26
N GLN H 23 -22.37 -18.39 -47.47
CA GLN H 23 -22.87 -19.40 -48.41
C GLN H 23 -22.77 -20.83 -47.93
N LEU H 24 -23.72 -21.63 -48.37
CA LEU H 24 -23.74 -23.05 -48.11
C LEU H 24 -23.76 -23.78 -49.44
N VAL H 25 -22.69 -24.49 -49.78
CA VAL H 25 -22.69 -25.15 -51.08
C VAL H 25 -22.68 -26.67 -51.04
N GLU H 26 -23.78 -27.26 -51.46
CA GLU H 26 -23.93 -28.71 -51.44
C GLU H 26 -23.23 -29.40 -52.60
N SER H 27 -22.66 -30.56 -52.31
CA SER H 27 -22.08 -31.43 -53.32
C SER H 27 -22.28 -32.90 -52.91
N GLY H 28 -22.05 -33.82 -53.86
CA GLY H 28 -22.21 -35.25 -53.60
C GLY H 28 -23.56 -35.81 -54.08
N GLY H 29 -24.35 -34.97 -54.74
CA GLY H 29 -25.67 -35.35 -55.24
C GLY H 29 -25.59 -36.22 -56.49
N GLY H 30 -25.10 -37.43 -56.30
CA GLY H 30 -24.95 -38.42 -57.36
C GLY H 30 -26.15 -39.35 -57.44
N VAL H 31 -25.95 -40.46 -58.17
CA VAL H 31 -27.02 -41.42 -58.37
C VAL H 31 -26.53 -42.79 -57.92
N VAL H 32 -27.33 -43.48 -57.14
CA VAL H 32 -26.98 -44.81 -56.66
C VAL H 32 -28.07 -45.83 -56.90
N GLN H 33 -27.70 -47.08 -56.87
CA GLN H 33 -28.65 -48.18 -56.96
C GLN H 33 -29.36 -48.33 -55.61
N PRO H 34 -30.55 -48.92 -55.54
CA PRO H 34 -31.24 -49.16 -54.29
C PRO H 34 -30.37 -49.93 -53.35
N GLY H 35 -30.38 -49.53 -52.09
CA GLY H 35 -29.61 -50.17 -51.04
C GLY H 35 -28.20 -49.63 -50.87
N ARG H 36 -27.77 -48.75 -51.76
CA ARG H 36 -26.41 -48.22 -51.67
C ARG H 36 -26.32 -46.94 -50.83
N SER H 37 -25.12 -46.66 -50.34
CA SER H 37 -24.87 -45.47 -49.56
C SER H 37 -24.41 -44.27 -50.39
N LEU H 38 -24.57 -43.09 -49.83
CA LEU H 38 -24.14 -41.84 -50.47
C LEU H 38 -23.72 -40.77 -49.47
N ARG H 39 -22.63 -40.06 -49.74
CA ARG H 39 -22.21 -38.99 -48.85
C ARG H 39 -22.38 -37.59 -49.43
N LEU H 40 -23.12 -36.75 -48.71
CA LEU H 40 -23.23 -35.35 -49.10
C LEU H 40 -22.30 -34.54 -48.24
N SER H 41 -21.87 -33.43 -48.79
CA SER H 41 -21.00 -32.50 -48.12
C SER H 41 -21.38 -31.04 -48.44
N CYS H 42 -21.52 -30.19 -47.40
CA CYS H 42 -21.86 -28.78 -47.52
C CYS H 42 -20.63 -27.92 -47.26
N ALA H 43 -20.14 -27.32 -48.31
CA ALA H 43 -18.95 -26.50 -48.22
C ALA H 43 -19.36 -25.15 -47.74
N ALA H 44 -19.45 -25.00 -46.43
CA ALA H 44 -19.89 -23.73 -45.88
C ALA H 44 -18.74 -22.74 -45.96
N SER H 45 -19.07 -21.48 -46.23
CA SER H 45 -18.04 -20.46 -46.23
C SER H 45 -18.59 -19.08 -45.93
N GLY H 46 -17.72 -18.22 -45.37
CA GLY H 46 -18.10 -16.82 -45.07
C GLY H 46 -18.78 -16.66 -43.72
N PHE H 47 -18.82 -17.69 -42.89
CA PHE H 47 -19.39 -17.52 -41.52
C PHE H 47 -18.62 -18.42 -40.53
N THR H 48 -18.77 -18.16 -39.22
CA THR H 48 -18.10 -19.03 -38.23
C THR H 48 -18.90 -20.33 -38.14
N PHE H 49 -18.84 -21.14 -39.19
CA PHE H 49 -19.54 -22.41 -39.27
C PHE H 49 -19.49 -23.14 -37.96
N SER H 50 -18.33 -23.14 -37.35
CA SER H 50 -18.08 -23.84 -36.11
C SER H 50 -18.89 -23.34 -34.92
N SER H 51 -19.47 -22.15 -35.02
CA SER H 51 -20.27 -21.59 -33.95
C SER H 51 -21.77 -21.75 -34.19
N TYR H 52 -22.17 -22.27 -35.37
CA TYR H 52 -23.60 -22.44 -35.70
C TYR H 52 -24.07 -23.88 -35.83
N GLY H 53 -25.32 -24.11 -35.45
CA GLY H 53 -25.92 -25.43 -35.61
C GLY H 53 -26.29 -25.57 -37.06
N MET H 54 -26.48 -26.80 -37.52
CA MET H 54 -26.82 -27.02 -38.92
C MET H 54 -27.91 -28.06 -39.16
N HIS H 55 -28.61 -27.92 -40.29
CA HIS H 55 -29.64 -28.86 -40.71
C HIS H 55 -29.55 -29.36 -42.13
N TRP H 56 -30.09 -30.56 -42.34
CA TRP H 56 -30.35 -31.04 -43.69
C TRP H 56 -31.86 -31.15 -43.85
N VAL H 57 -32.34 -30.71 -45.00
CA VAL H 57 -33.75 -30.73 -45.41
C VAL H 57 -33.83 -31.31 -46.81
N ARG H 58 -34.87 -32.06 -47.13
CA ARG H 58 -34.96 -32.56 -48.49
C ARG H 58 -36.31 -32.27 -49.11
N GLN H 59 -36.34 -32.22 -50.43
CA GLN H 59 -37.61 -32.03 -51.11
C GLN H 59 -37.70 -32.85 -52.38
N ALA H 60 -38.56 -33.84 -52.39
CA ALA H 60 -38.71 -34.66 -53.56
C ALA H 60 -39.39 -33.80 -54.61
N PRO H 61 -39.16 -33.99 -55.90
CA PRO H 61 -39.84 -33.22 -56.92
C PRO H 61 -41.34 -33.35 -56.74
N GLY H 62 -42.04 -32.21 -56.75
CA GLY H 62 -43.49 -32.16 -56.60
C GLY H 62 -43.97 -32.26 -55.16
N LYS H 63 -43.04 -32.34 -54.21
CA LYS H 63 -43.35 -32.50 -52.80
C LYS H 63 -42.90 -31.31 -51.98
N GLY H 64 -43.41 -31.20 -50.77
CA GLY H 64 -43.04 -30.14 -49.87
C GLY H 64 -41.73 -30.44 -49.17
N LEU H 65 -41.34 -29.59 -48.26
CA LEU H 65 -40.07 -29.72 -47.55
C LEU H 65 -40.18 -30.75 -46.45
N GLU H 66 -39.17 -31.60 -46.32
CA GLU H 66 -39.12 -32.57 -45.26
C GLU H 66 -37.82 -32.41 -44.50
N TRP H 67 -37.90 -32.28 -43.20
CA TRP H 67 -36.67 -32.14 -42.44
C TRP H 67 -35.98 -33.47 -42.32
N VAL H 68 -34.67 -33.50 -42.41
CA VAL H 68 -33.95 -34.75 -42.23
C VAL H 68 -33.22 -34.82 -40.90
N ALA H 69 -32.33 -33.86 -40.64
CA ALA H 69 -31.52 -33.96 -39.42
C ALA H 69 -30.92 -32.64 -38.96
N VAL H 70 -30.63 -32.56 -37.66
CA VAL H 70 -29.95 -31.40 -37.05
C VAL H 70 -28.76 -31.82 -36.22
N ILE H 71 -27.69 -31.01 -36.28
CA ILE H 71 -26.50 -31.26 -35.49
C ILE H 71 -25.94 -30.05 -34.72
N SER H 72 -25.52 -30.31 -33.47
CA SER H 72 -24.82 -29.34 -32.60
C SER H 72 -23.32 -29.26 -32.90
N TYR H 73 -22.66 -28.19 -32.39
CA TYR H 73 -21.20 -27.93 -32.59
C TYR H 73 -20.37 -29.16 -32.24
N ASP H 74 -20.62 -29.74 -31.08
CA ASP H 74 -19.88 -30.95 -30.65
C ASP H 74 -20.55 -32.19 -31.25
N GLY H 75 -21.80 -32.07 -31.69
CA GLY H 75 -22.55 -33.22 -32.25
C GLY H 75 -23.31 -33.81 -31.10
N SER H 76 -22.99 -33.32 -29.89
CA SER H 76 -23.63 -33.74 -28.63
C SER H 76 -25.12 -33.91 -28.72
N ASN H 77 -25.70 -33.31 -29.73
CA ASN H 77 -27.10 -33.31 -29.99
C ASN H 77 -27.38 -33.54 -31.46
N LYS H 78 -27.95 -34.71 -31.73
CA LYS H 78 -28.28 -35.09 -33.09
C LYS H 78 -29.69 -35.63 -33.14
N TYR H 79 -30.51 -35.05 -33.99
CA TYR H 79 -31.89 -35.50 -34.07
C TYR H 79 -32.22 -35.78 -35.50
N TYR H 80 -33.08 -36.77 -35.69
CA TYR H 80 -33.47 -37.19 -37.02
C TYR H 80 -34.95 -37.33 -37.17
N ALA H 81 -35.44 -37.12 -38.38
CA ALA H 81 -36.83 -37.40 -38.70
C ALA H 81 -37.05 -38.89 -38.56
N ASP H 82 -38.24 -39.32 -38.17
CA ASP H 82 -38.45 -40.74 -38.00
C ASP H 82 -38.33 -41.48 -39.32
N SER H 83 -38.72 -40.80 -40.38
CA SER H 83 -38.72 -41.29 -41.74
C SER H 83 -37.34 -41.58 -42.30
N VAL H 84 -36.30 -41.03 -41.68
CA VAL H 84 -34.93 -41.20 -42.14
C VAL H 84 -34.13 -41.96 -41.10
N LYS H 85 -34.79 -42.32 -40.01
CA LYS H 85 -34.07 -42.89 -38.92
C LYS H 85 -33.54 -44.25 -39.28
N GLY H 86 -32.26 -44.43 -39.01
CA GLY H 86 -31.55 -45.65 -39.28
C GLY H 86 -30.91 -45.64 -40.66
N ARG H 87 -31.25 -44.66 -41.48
CA ARG H 87 -30.69 -44.59 -42.83
C ARG H 87 -29.79 -43.38 -42.93
N PHE H 88 -30.08 -42.35 -42.16
CA PHE H 88 -29.33 -41.11 -42.25
C PHE H 88 -28.56 -40.77 -40.98
N THR H 89 -27.30 -40.38 -41.18
CA THR H 89 -26.42 -39.91 -40.09
C THR H 89 -25.89 -38.52 -40.39
N ILE H 90 -25.99 -37.63 -39.40
CA ILE H 90 -25.51 -36.28 -39.60
C ILE H 90 -24.21 -36.14 -38.81
N SER H 91 -23.22 -35.50 -39.44
CA SER H 91 -21.91 -35.25 -38.84
C SER H 91 -21.36 -33.94 -39.37
N ARG H 92 -20.22 -33.51 -38.83
CA ARG H 92 -19.74 -32.18 -39.28
C ARG H 92 -18.23 -32.06 -39.05
N ASP H 93 -17.62 -31.03 -39.63
CA ASP H 93 -16.19 -30.75 -39.32
C ASP H 93 -16.15 -29.26 -38.99
N ASN H 94 -15.85 -28.92 -37.73
CA ASN H 94 -15.89 -27.49 -37.33
C ASN H 94 -14.82 -26.73 -38.12
N SER H 95 -13.66 -27.34 -38.34
CA SER H 95 -12.55 -26.64 -39.03
C SER H 95 -12.77 -26.58 -40.54
N LYS H 96 -13.04 -27.70 -41.20
CA LYS H 96 -13.14 -27.67 -42.64
C LYS H 96 -14.38 -26.90 -43.05
N ASN H 97 -15.07 -26.36 -42.05
CA ASN H 97 -16.35 -25.67 -42.33
C ASN H 97 -17.20 -26.59 -43.20
N THR H 98 -17.30 -27.87 -42.83
CA THR H 98 -18.11 -28.74 -43.66
C THR H 98 -19.13 -29.58 -42.92
N LEU H 99 -20.35 -29.55 -43.44
CA LEU H 99 -21.44 -30.36 -42.90
C LEU H 99 -21.56 -31.62 -43.72
N TYR H 100 -21.80 -32.75 -43.08
CA TYR H 100 -21.94 -33.97 -43.84
C TYR H 100 -23.26 -34.69 -43.58
N LEU H 101 -23.71 -35.42 -44.60
CA LEU H 101 -24.84 -36.32 -44.40
C LEU H 101 -24.51 -37.66 -45.02
N GLN H 102 -24.51 -38.69 -44.20
CA GLN H 102 -24.19 -40.01 -44.70
C GLN H 102 -25.46 -40.82 -44.82
N MET H 103 -25.79 -41.17 -46.03
CA MET H 103 -26.99 -41.91 -46.31
C MET H 103 -26.64 -43.36 -46.47
N ASN H 104 -27.45 -44.26 -45.91
CA ASN H 104 -27.22 -45.68 -46.06
C ASN H 104 -28.49 -46.35 -46.53
N SER H 105 -28.34 -47.47 -47.23
CA SER H 105 -29.49 -48.25 -47.65
C SER H 105 -30.54 -47.39 -48.33
N LEU H 106 -30.14 -46.55 -49.28
CA LEU H 106 -31.09 -45.65 -49.90
C LEU H 106 -32.24 -46.34 -50.64
N ARG H 107 -33.42 -45.82 -50.36
CA ARG H 107 -34.69 -46.28 -50.87
C ARG H 107 -35.13 -45.44 -52.06
N ALA H 108 -36.03 -45.94 -52.90
CA ALA H 108 -36.50 -45.12 -54.02
C ALA H 108 -37.13 -43.82 -53.50
N GLU H 109 -37.76 -43.92 -52.34
CA GLU H 109 -38.46 -42.84 -51.66
C GLU H 109 -37.52 -41.73 -51.17
N ASP H 110 -36.22 -41.99 -51.15
CA ASP H 110 -35.24 -41.03 -50.70
C ASP H 110 -34.77 -40.13 -51.83
N THR H 111 -35.29 -40.33 -53.05
CA THR H 111 -34.88 -39.42 -54.11
C THR H 111 -35.44 -38.05 -53.79
N ALA H 112 -34.56 -37.07 -53.73
CA ALA H 112 -34.97 -35.74 -53.36
C ALA H 112 -33.86 -34.75 -53.59
N VAL H 113 -34.21 -33.48 -53.60
CA VAL H 113 -33.16 -32.48 -53.58
C VAL H 113 -32.83 -32.26 -52.14
N TYR H 114 -31.57 -32.35 -51.79
CA TYR H 114 -31.16 -32.16 -50.42
C TYR H 114 -30.56 -30.79 -50.29
N TYR H 115 -30.89 -30.12 -49.21
CA TYR H 115 -30.43 -28.80 -48.94
C TYR H 115 -29.71 -28.72 -47.60
N CYS H 116 -28.68 -27.87 -47.56
CA CYS H 116 -27.91 -27.48 -46.41
C CYS H 116 -28.51 -26.17 -45.92
N ALA H 117 -28.83 -26.12 -44.64
CA ALA H 117 -29.38 -24.91 -44.06
C ALA H 117 -28.79 -24.68 -42.70
N ARG H 118 -28.60 -23.43 -42.34
CA ARG H 118 -28.03 -23.09 -41.07
C ARG H 118 -29.08 -22.83 -40.03
N GLU H 119 -28.83 -23.28 -38.81
CA GLU H 119 -29.74 -22.95 -37.73
C GLU H 119 -29.45 -21.53 -37.32
N ALA H 120 -30.45 -20.68 -37.27
CA ALA H 120 -30.14 -19.33 -36.76
C ALA H 120 -29.90 -19.39 -35.25
N GLY H 121 -29.82 -18.25 -34.60
CA GLY H 121 -29.48 -18.26 -33.17
C GLY H 121 -28.59 -17.10 -32.91
N GLY H 122 -27.63 -17.26 -32.01
CA GLY H 122 -26.65 -16.18 -31.78
C GLY H 122 -26.39 -16.07 -30.32
N PRO H 123 -26.09 -14.87 -29.81
CA PRO H 123 -25.95 -14.72 -28.41
C PRO H 123 -27.37 -14.52 -27.87
N ASP H 124 -27.56 -14.57 -26.55
CA ASP H 124 -28.90 -14.28 -25.99
C ASP H 124 -28.78 -12.97 -25.23
N TYR H 125 -29.43 -11.92 -25.72
CA TYR H 125 -29.31 -10.59 -25.08
C TYR H 125 -30.28 -10.56 -23.92
N ARG H 126 -29.81 -10.95 -22.73
CA ARG H 126 -30.69 -10.98 -21.55
C ARG H 126 -30.02 -10.28 -20.40
N ASN H 127 -30.78 -9.48 -19.67
CA ASN H 127 -30.33 -8.83 -18.45
C ASN H 127 -29.10 -7.96 -18.69
N GLY H 128 -29.01 -7.33 -19.86
CA GLY H 128 -27.89 -6.46 -20.18
C GLY H 128 -26.63 -7.12 -20.80
N TYS H 129 -26.50 -8.45 -20.73
CA TYS H 129 -25.24 -9.07 -21.23
CB TYS H 129 -24.33 -9.41 -20.05
CG TYS H 129 -23.97 -8.22 -19.19
CD1 TYS H 129 -24.76 -7.83 -18.13
CD2 TYS H 129 -22.83 -7.47 -19.45
CE1 TYS H 129 -24.45 -6.74 -17.35
CE2 TYS H 129 -22.50 -6.37 -18.67
CZ TYS H 129 -23.31 -6.04 -17.63
OH TYS H 129 -22.98 -4.90 -16.84
S TYS H 129 -22.41 -5.04 -15.34
O1 TYS H 129 -22.61 -3.72 -14.79
O2 TYS H 129 -23.21 -6.07 -14.71
O3 TYS H 129 -21.03 -5.40 -15.54
C TYS H 129 -25.49 -10.26 -22.13
O TYS H 129 -26.40 -11.06 -21.86
N ASN H 130 -24.74 -10.30 -23.24
CA ASN H 130 -24.82 -11.42 -24.21
C ASN H 130 -24.40 -12.69 -23.48
N TYR H 131 -25.13 -13.78 -23.66
CA TYR H 131 -24.70 -15.06 -23.04
C TYR H 131 -24.36 -16.04 -24.14
N TYS H 132 -23.30 -16.83 -23.96
CA TYS H 132 -22.85 -17.74 -25.03
CB TYS H 132 -21.50 -17.31 -25.57
CG TYS H 132 -21.50 -16.00 -26.31
CD1 TYS H 132 -21.44 -14.79 -25.63
CD2 TYS H 132 -21.55 -15.95 -27.69
CE1 TYS H 132 -21.44 -13.58 -26.30
CE2 TYS H 132 -21.55 -14.75 -28.38
CZ TYS H 132 -21.48 -13.59 -27.66
OH TYS H 132 -21.49 -12.34 -28.35
S TYS H 132 -20.16 -11.86 -29.09
O1 TYS H 132 -20.26 -12.43 -30.41
O2 TYS H 132 -20.25 -10.42 -29.06
O3 TYS H 132 -19.10 -12.41 -28.28
C TYS H 132 -22.75 -19.17 -24.48
O TYS H 132 -22.71 -19.32 -23.25
N ASP H 133 -22.74 -20.17 -25.37
CA ASP H 133 -22.67 -21.59 -24.94
C ASP H 133 -21.21 -21.96 -24.72
N PHE H 134 -20.90 -23.25 -24.64
CA PHE H 134 -19.51 -23.63 -24.29
C PHE H 134 -18.66 -23.40 -25.53
N TRP H 135 -17.37 -23.01 -25.37
CA TRP H 135 -16.46 -22.66 -26.49
C TRP H 135 -17.09 -21.55 -27.32
N SER H 136 -17.86 -20.66 -26.67
CA SER H 136 -18.45 -19.43 -27.27
C SER H 136 -19.41 -19.74 -28.41
N GLY H 137 -19.90 -20.98 -28.49
CA GLY H 137 -20.88 -21.34 -29.53
C GLY H 137 -22.17 -20.57 -29.35
N TYR H 138 -22.84 -20.22 -30.45
CA TYR H 138 -24.09 -19.43 -30.35
C TYR H 138 -25.22 -20.33 -29.84
N TYR H 139 -26.34 -19.81 -29.36
CA TYR H 139 -27.47 -20.69 -28.94
C TYR H 139 -28.44 -20.76 -30.12
N TYR H 140 -29.59 -21.42 -29.96
CA TYR H 140 -30.49 -21.58 -31.13
C TYR H 140 -31.66 -20.59 -31.02
N TYR H 141 -32.04 -19.94 -32.13
CA TYR H 141 -33.23 -19.03 -32.16
C TYR H 141 -34.41 -19.85 -32.67
N TYR H 142 -34.18 -21.10 -33.09
CA TYR H 142 -35.18 -22.08 -33.52
C TYR H 142 -35.90 -21.88 -34.85
N TYR H 143 -35.13 -21.51 -35.88
CA TYR H 143 -35.65 -21.33 -37.26
C TYR H 143 -34.47 -21.21 -38.21
N MET H 144 -34.56 -21.83 -39.38
CA MET H 144 -33.44 -21.81 -40.31
C MET H 144 -33.40 -20.49 -41.03
N ASP H 145 -32.20 -19.97 -41.25
CA ASP H 145 -32.04 -18.70 -41.94
C ASP H 145 -31.25 -18.80 -43.25
N VAL H 146 -30.00 -19.21 -43.19
CA VAL H 146 -29.21 -19.31 -44.38
C VAL H 146 -29.44 -20.63 -45.09
N TRP H 147 -29.77 -20.56 -46.36
CA TRP H 147 -30.00 -21.75 -47.18
C TRP H 147 -29.00 -21.83 -48.31
N GLY H 148 -28.70 -23.06 -48.71
CA GLY H 148 -27.84 -23.32 -49.85
C GLY H 148 -28.67 -23.40 -51.13
N LYS H 149 -28.18 -24.15 -52.12
CA LYS H 149 -28.89 -24.20 -53.40
C LYS H 149 -29.53 -25.55 -53.59
N GLY H 150 -28.91 -26.54 -52.99
CA GLY H 150 -29.36 -27.91 -53.03
C GLY H 150 -28.66 -28.74 -54.10
N THR H 151 -28.69 -30.05 -53.89
CA THR H 151 -28.11 -30.97 -54.86
C THR H 151 -29.06 -32.13 -54.99
N THR H 152 -29.04 -32.86 -56.09
CA THR H 152 -30.03 -33.92 -56.22
C THR H 152 -29.48 -35.29 -55.96
N VAL H 153 -30.15 -36.00 -55.09
CA VAL H 153 -29.79 -37.36 -54.78
C VAL H 153 -30.80 -38.29 -55.38
N THR H 154 -30.35 -39.19 -56.25
CA THR H 154 -31.28 -40.07 -56.91
C THR H 154 -30.98 -41.54 -56.72
N VAL H 155 -32.05 -42.28 -56.49
CA VAL H 155 -31.93 -43.72 -56.39
C VAL H 155 -32.50 -44.28 -57.69
N SER H 156 -31.66 -45.00 -58.42
CA SER H 156 -31.99 -45.52 -59.74
C SER H 156 -32.90 -46.75 -59.67
N SER H 157 -33.48 -47.13 -60.84
CA SER H 157 -34.35 -48.29 -61.06
C SER H 157 -34.37 -48.51 -62.59
C1 NAG I . -43.78 1.63 -0.18
C2 NAG I . -44.28 1.07 1.22
C3 NAG I . -44.40 -0.49 1.11
C4 NAG I . -45.37 -0.88 -0.05
C5 NAG I . -44.86 -0.24 -1.39
C6 NAG I . -45.78 -0.51 -2.57
C7 NAG I . -43.53 2.28 3.25
C8 NAG I . -42.43 2.55 4.23
N2 NAG I . -43.29 1.43 2.24
O3 NAG I . -44.90 -1.02 2.35
O4 NAG I . -45.25 -2.32 -0.25
O5 NAG I . -44.73 1.23 -1.23
O6 NAG I . -47.13 -0.09 -2.35
O7 NAG I . -44.63 2.83 3.39
C1 NAG I . -46.46 -3.15 0.03
C2 NAG I . -46.16 -4.61 -0.51
C3 NAG I . -47.42 -5.49 -0.23
C4 NAG I . -47.75 -5.49 1.30
C5 NAG I . -48.00 -4.01 1.78
C6 NAG I . -48.24 -3.90 3.28
C7 NAG I . -44.63 -4.70 -2.49
C8 NAG I . -44.44 -4.60 -3.98
N2 NAG I . -45.87 -4.53 -1.97
O3 NAG I . -47.17 -6.84 -0.67
O4 NAG I . -48.92 -6.30 1.54
O5 NAG I . -46.80 -3.18 1.46
O6 NAG I . -48.84 -2.65 3.64
O7 NAG I . -43.65 -4.93 -1.77
C1 NAG J . -36.82 -4.04 -13.17
C2 NAG J . -37.63 -2.69 -13.42
C3 NAG J . -38.96 -3.04 -14.19
C4 NAG J . -38.63 -3.74 -15.54
C5 NAG J . -37.78 -5.04 -15.24
C6 NAG J . -37.31 -5.76 -16.52
C7 NAG J . -37.27 -1.16 -11.47
C8 NAG J . -37.74 -0.63 -10.15
N2 NAG J . -38.00 -2.09 -12.10
O3 NAG J . -39.63 -1.79 -14.47
O4 NAG J . -39.88 -4.19 -16.17
O5 NAG J . -36.57 -4.69 -14.47
O6 NAG J . -36.72 -4.87 -17.48
O7 NAG J . -36.21 -0.74 -11.97
C1 NAG J . -40.19 -3.69 -17.56
C2 NAG J . -41.32 -2.58 -17.46
C3 NAG J . -41.63 -2.08 -18.93
C4 NAG J . -40.32 -1.54 -19.61
C5 NAG J . -39.27 -2.71 -19.66
C6 NAG J . -37.93 -2.30 -20.26
C7 NAG J . -43.05 -3.01 -15.70
C8 NAG J . -44.33 -3.71 -15.31
N2 NAG J . -42.57 -3.20 -16.94
O3 NAG J . -42.59 -1.00 -18.86
O4 NAG J . -40.62 -1.10 -20.94
O5 NAG J . -39.01 -3.18 -18.28
O6 NAG J . -37.08 -3.43 -20.46
O7 NAG J . -42.49 -2.30 -14.86
C1 NAG K . -23.72 15.98 -12.98
C2 NAG K . -25.18 15.40 -12.68
C3 NAG K . -26.21 16.58 -12.70
C4 NAG K . -25.82 17.67 -11.65
C5 NAG K . -24.36 18.18 -11.98
C6 NAG K . -23.84 19.23 -10.98
C7 NAG K . -26.27 13.33 -13.52
C8 NAG K . -26.62 12.41 -14.65
N2 NAG K . -25.56 14.44 -13.76
O3 NAG K . -27.49 16.03 -12.30
O4 NAG K . -26.89 18.67 -11.56
O5 NAG K . -23.41 17.02 -11.96
O6 NAG K . -24.02 18.86 -9.62
O7 NAG K . -26.65 13.05 -12.38
C1 NAG K . -27.04 19.79 -12.58
C2 NAG K . -28.47 19.71 -13.28
C3 NAG K . -28.60 20.93 -14.26
C4 NAG K . -28.41 22.28 -13.48
C5 NAG K . -26.98 22.27 -12.81
C6 NAG K . -26.72 23.51 -11.95
C7 NAG K . -29.18 17.46 -14.73
C8 NAG K . -28.41 16.43 -15.51
N2 NAG K . -28.61 18.48 -14.10
O3 NAG K . -29.91 20.92 -14.86
O4 NAG K . -28.52 23.38 -14.39
O5 NAG K . -26.87 21.08 -11.93
O6 NAG K . -27.56 23.56 -10.79
O7 NAG K . -30.43 17.36 -14.69
C1 NAG L . -8.01 42.26 22.05
C2 NAG L . -6.41 42.12 22.11
C3 NAG L . -5.74 43.53 21.88
C4 NAG L . -6.21 44.05 20.48
C5 NAG L . -7.78 44.17 20.47
C6 NAG L . -8.36 44.67 19.15
C7 NAG L . -6.23 41.62 24.58
C8 NAG L . -5.61 40.80 25.68
N2 NAG L . -5.87 41.42 23.31
O3 NAG L . -4.31 43.38 21.93
O4 NAG L . -5.60 45.34 20.17
O5 NAG L . -8.38 42.82 20.74
O6 NAG L . -7.97 43.90 18.01
O7 NAG L . -7.07 42.47 24.89
C1 NAG L . -4.56 45.30 19.06
C2 NAG L . -4.28 46.78 18.57
C3 NAG L . -3.21 46.71 17.42
C4 NAG L . -1.91 46.01 17.95
C5 NAG L . -2.27 44.55 18.44
C6 NAG L . -1.06 43.78 19.02
C7 NAG L . -6.11 48.48 18.44
C8 NAG L . -7.41 48.92 17.83
N2 NAG L . -5.56 47.33 18.04
O3 NAG L . -2.89 48.05 17.00
O4 NAG L . -0.95 45.94 16.88
O5 NAG L . -3.31 44.67 19.50
O6 NAG L . -1.20 42.36 18.88
O7 NAG L . -5.57 49.19 19.30
C1 NAG M . -34.24 19.59 27.38
C2 NAG M . -34.84 20.92 28.02
C3 NAG M . -34.65 20.84 29.57
C4 NAG M . -35.37 19.56 30.14
C5 NAG M . -34.76 18.29 29.43
C6 NAG M . -35.45 16.98 29.82
C7 NAG M . -34.49 22.85 26.45
C8 NAG M . -33.65 23.98 25.95
N2 NAG M . -34.08 22.09 27.49
O3 NAG M . -35.23 22.02 30.18
O4 NAG M . -35.03 19.43 31.55
O5 NAG M . -34.93 18.42 27.96
O6 NAG M . -34.77 15.85 29.33
O7 NAG M . -35.57 22.62 25.88
C1 NAG M . -36.16 19.63 32.54
C2 NAG M . -35.70 19.04 33.93
C3 NAG M . -36.87 19.27 34.97
C4 NAG M . -37.21 20.81 35.06
C5 NAG M . -37.62 21.32 33.63
C6 NAG M . -37.88 22.82 33.57
C7 NAG M . -34.24 17.02 33.77
C8 NAG M . -34.09 15.52 33.59
N2 NAG M . -35.46 17.57 33.78
O3 NAG M . -36.45 18.80 36.25
O4 NAG M . -38.28 21.00 35.99
O5 NAG M . -36.52 21.04 32.66
O6 NAG M . -39.09 23.20 34.23
O7 NAG M . -33.20 17.70 33.91
C1 NAG N . -41.14 2.92 18.91
C2 NAG N . -42.28 1.82 18.70
C3 NAG N . -42.12 0.74 19.84
C4 NAG N . -40.67 0.10 19.72
C5 NAG N . -39.60 1.23 19.88
C6 NAG N . -38.15 0.76 19.74
C7 NAG N . -44.75 2.06 18.30
C8 NAG N . -45.95 2.96 18.26
N2 NAG N . -43.56 2.57 18.64
O3 NAG N . -43.11 -0.29 19.72
O4 NAG N . -40.46 -0.92 20.76
O5 NAG N . -39.82 2.28 18.85
O6 NAG N . -37.81 0.37 18.40
O7 NAG N . -44.92 0.86 18.03
C1 NAG N . -40.88 -2.35 20.44
C2 NAG N . -39.70 -3.32 20.88
C3 NAG N . -40.16 -4.80 20.56
C4 NAG N . -41.52 -5.12 21.30
C5 NAG N . -42.60 -4.09 20.83
C6 NAG N . -43.95 -4.25 21.54
C7 NAG N . -37.24 -3.01 20.61
C8 NAG N . -36.05 -2.66 19.74
N2 NAG N . -38.48 -3.00 20.10
O3 NAG N . -39.16 -5.74 21.01
O4 NAG N . -41.93 -6.45 20.98
O5 NAG N . -42.12 -2.70 21.10
O6 NAG N . -44.98 -3.51 20.93
O7 NAG N . -37.04 -3.31 21.80
C1 NAG O . -40.33 22.31 21.48
C2 NAG O . -40.62 20.81 21.96
C3 NAG O . -42.03 20.40 21.45
C4 NAG O . -43.11 21.41 22.01
C5 NAG O . -42.74 22.86 21.54
C6 NAG O . -43.71 23.94 22.04
C7 NAG O . -38.55 19.41 22.07
C8 NAG O . -37.51 18.56 21.38
N2 NAG O . -39.56 19.93 21.37
O3 NAG O . -42.33 19.06 21.91
O4 NAG O . -44.42 21.08 21.46
O5 NAG O . -41.37 23.21 22.01
O6 NAG O . -43.94 23.88 23.45
O7 NAG O . -38.44 19.62 23.29
C1 NAG O . -45.43 20.56 22.47
C2 NAG O . -46.85 20.55 21.81
C3 NAG O . -47.88 20.01 22.87
C4 NAG O . -47.43 18.59 23.39
C5 NAG O . -45.99 18.70 24.01
C6 NAG O . -45.41 17.35 24.46
C7 NAG O . -47.51 22.29 20.14
C8 NAG O . -47.86 23.72 19.85
N2 NAG O . -47.22 21.93 21.40
O3 NAG O . -49.19 19.92 22.28
O4 NAG O . -48.35 18.13 24.38
O5 NAG O . -45.06 19.25 22.98
O6 NAG O . -44.32 17.53 25.37
O7 NAG O . -47.49 21.47 19.22
C1 NAG P . -36.09 29.79 7.25
C2 NAG P . -35.85 29.60 5.69
C3 NAG P . -36.01 31.00 5.01
C4 NAG P . -37.45 31.57 5.29
C5 NAG P . -37.69 31.62 6.84
C6 NAG P . -39.13 32.00 7.20
C7 NAG P . -33.45 28.50 5.03
C8 NAG P . -32.39 27.98 5.96
N2 NAG P . -34.54 28.99 5.54
O3 NAG P . -35.80 30.86 3.60
O4 NAG P . -37.45 32.96 4.87
O5 NAG P . -37.45 30.29 7.46
O6 NAG P . -39.24 32.39 8.56
O7 NAG P . -33.30 28.46 3.80
C1 NAG P . -38.16 33.34 3.60
C2 NAG P . -38.58 34.86 3.74
C3 NAG P . -39.26 35.31 2.40
C4 NAG P . -38.28 35.08 1.19
C5 NAG P . -37.91 33.56 1.13
C6 NAG P . -36.88 33.24 0.03
C7 NAG P . -39.40 35.79 5.91
C8 NAG P . -40.45 35.85 6.99
N2 NAG P . -39.56 34.98 4.85
O3 NAG P . -39.59 36.71 2.48
O4 NAG P . -38.91 35.48 -0.02
O5 NAG P . -37.30 33.14 2.43
O6 NAG P . -36.76 31.84 -0.20
O7 NAG P . -38.39 36.51 6.05
C1 NAG Q . -39.42 38.38 12.28
C2 NAG Q . -40.15 37.37 11.28
C3 NAG Q . -41.29 38.15 10.54
C4 NAG Q . -42.31 38.75 11.58
C5 NAG Q . -41.52 39.68 12.58
C6 NAG Q . -42.38 40.23 13.73
C7 NAG Q . -38.52 35.66 10.44
C8 NAG Q . -37.49 35.21 9.43
N2 NAG Q . -39.13 36.85 10.30
O3 NAG Q . -41.97 37.25 9.66
O4 NAG Q . -43.27 39.54 10.80
O5 NAG Q . -40.42 38.91 13.23
O6 NAG Q . -41.61 40.98 14.67
O7 NAG Q . -38.79 34.92 11.40
C1 NAG Q . -44.73 39.49 11.21
C2 NAG Q . -45.61 39.86 9.94
C3 NAG Q . -47.13 39.87 10.38
C4 NAG Q . -47.52 38.46 10.98
C5 NAG Q . -46.57 38.14 12.20
C6 NAG Q . -46.83 36.76 12.81
C7 NAG Q . -45.15 41.55 8.15
C8 NAG Q . -44.74 42.94 7.77
N2 NAG Q . -45.22 41.22 9.46
O3 NAG Q . -47.97 40.14 9.25
O4 NAG Q . -48.88 38.49 11.40
O5 NAG Q . -45.15 38.18 11.75
O6 NAG Q . -46.14 36.60 14.04
O7 NAG Q . -45.41 40.72 7.26
C1 NAG R . -24.29 22.11 29.64
C2 NAG R . -23.24 20.92 29.82
C3 NAG R . -23.66 20.10 31.08
C4 NAG R . -23.63 21.04 32.35
C5 NAG R . -24.66 22.20 32.11
C6 NAG R . -24.67 23.23 33.25
C7 NAG R . -22.16 19.97 27.80
C8 NAG R . -22.23 19.05 26.61
N2 NAG R . -23.21 20.04 28.63
O3 NAG R . -22.84 18.94 31.23
O4 NAG R . -23.94 20.23 33.54
O5 NAG R . -24.29 22.94 30.85
O6 NAG R . -25.67 24.23 33.07
O7 NAG R . -21.13 20.65 27.96
C1 NAG R . -22.96 20.12 34.71
C2 NAG R . -21.40 20.44 34.43
C3 NAG R . -20.61 20.13 35.76
C4 NAG R . -21.19 20.99 36.94
C5 NAG R . -22.72 20.66 37.12
C6 NAG R . -23.39 21.51 38.19
C7 NAG R . -20.25 20.08 32.23
C8 NAG R . -19.73 19.16 31.16
N2 NAG R . -20.86 19.58 33.34
O3 NAG R . -19.21 20.47 35.58
O4 NAG R . -20.48 20.69 38.15
O5 NAG R . -23.44 20.92 35.84
O6 NAG R . -24.76 21.14 38.39
O7 NAG R . -20.10 21.30 32.07
C1 NAG S . -22.52 17.39 23.29
C2 NAG S . -22.85 16.53 22.10
C3 NAG S . -24.04 15.65 22.41
C4 NAG S . -23.75 14.81 23.65
C5 NAG S . -23.39 15.74 24.79
C6 NAG S . -22.95 14.97 26.02
C7 NAG S . -22.36 17.67 20.06
C8 NAG S . -22.12 16.61 19.04
N2 NAG S . -23.24 17.36 20.99
O3 NAG S . -24.23 14.79 21.29
O4 NAG S . -24.93 14.09 23.98
O5 NAG S . -22.30 16.55 24.41
O6 NAG S . -21.81 14.18 25.64
O7 NAG S . -21.78 18.74 20.05
C1 NAG S . -24.62 12.68 24.01
C2 NAG S . -25.62 11.98 24.91
C3 NAG S . -25.28 10.52 24.98
C4 NAG S . -25.32 9.98 23.57
C5 NAG S . -24.33 10.74 22.71
C6 NAG S . -24.37 10.27 21.26
C7 NAG S . -26.53 13.36 26.67
C8 NAG S . -27.54 12.74 27.58
N2 NAG S . -25.57 12.53 26.24
O3 NAG S . -26.25 9.87 25.79
O4 NAG S . -25.02 8.59 23.60
O5 NAG S . -24.69 12.11 22.72
O6 NAG S . -25.67 10.55 20.75
O7 NAG S . -26.56 14.53 26.32
C1 BMA S . -26.18 7.91 23.11
C2 BMA S . -25.82 6.51 22.66
C3 BMA S . -27.04 5.88 22.01
C4 BMA S . -28.19 5.92 23.00
C5 BMA S . -28.46 7.35 23.44
C6 BMA S . -29.55 7.38 24.50
O2 BMA S . -25.43 5.73 23.79
O3 BMA S . -26.75 4.52 21.68
O4 BMA S . -29.36 5.38 22.38
O5 BMA S . -27.28 7.90 24.01
O6 BMA S . -28.98 6.97 25.74
C1 MAN S . -26.39 4.49 20.30
C2 MAN S . -26.97 3.22 19.68
C3 MAN S . -26.29 2.01 20.32
C4 MAN S . -24.79 2.12 20.12
C5 MAN S . -24.30 3.43 20.72
C6 MAN S . -22.80 3.60 20.54
O2 MAN S . -26.70 3.24 18.27
O3 MAN S . -26.78 0.81 19.72
O4 MAN S . -24.14 1.02 20.76
O5 MAN S . -24.97 4.52 20.10
O6 MAN S . -22.42 4.87 21.08
C1 MAN S . -29.76 5.92 26.34
C2 MAN S . -29.75 6.11 27.86
C3 MAN S . -28.33 5.95 28.39
C4 MAN S . -27.82 4.57 27.99
C5 MAN S . -27.90 4.44 26.47
C6 MAN S . -27.42 3.07 26.00
O2 MAN S . -30.60 5.14 28.47
O3 MAN S . -28.33 6.08 29.82
O4 MAN S . -26.46 4.42 28.41
O5 MAN S . -29.24 4.63 26.03
O6 MAN S . -27.46 3.02 24.57
C1 NAG T . -4.37 -11.41 -26.69
C2 NAG T . -3.34 -12.58 -26.39
C3 NAG T . -2.23 -12.54 -27.49
C4 NAG T . -2.86 -12.72 -28.92
C5 NAG T . -3.94 -11.59 -29.13
C6 NAG T . -4.79 -11.76 -30.41
C7 NAG T . -3.26 -13.02 -23.94
C8 NAG T . -2.67 -12.74 -22.59
N2 NAG T . -2.79 -12.37 -25.03
O3 NAG T . -1.33 -13.66 -27.24
O4 NAG T . -1.78 -12.47 -29.86
O5 NAG T . -4.94 -11.61 -28.03
O6 NAG T . -5.55 -12.98 -30.45
O7 NAG T . -4.18 -13.85 -24.04
C1 NAG T . -1.71 -13.33 -31.10
C2 NAG T . -0.38 -14.18 -31.07
C3 NAG T . -0.30 -15.00 -32.41
C4 NAG T . -1.57 -15.91 -32.57
C5 NAG T . -2.85 -14.99 -32.56
C6 NAG T . -4.17 -15.77 -32.63
C7 NAG T . 1.49 -13.05 -29.86
C8 NAG T . 2.67 -12.10 -29.89
N2 NAG T . 0.79 -13.26 -30.98
O3 NAG T . 0.88 -15.84 -32.38
O4 NAG T . -1.49 -16.62 -33.81
O5 NAG T . -2.88 -14.20 -31.29
O6 NAG T . -5.28 -14.91 -32.84
O7 NAG T . 1.22 -13.61 -28.79
C1 NAG U . 13.86 18.87 -24.64
C2 NAG U . 12.47 18.31 -24.42
C3 NAG U . 11.37 19.19 -24.93
C4 NAG U . 11.46 20.56 -24.31
C5 NAG U . 12.86 21.07 -24.54
C6 NAG U . 13.09 22.41 -23.86
C7 NAG U . 12.09 16.04 -24.59
C8 NAG U . 12.68 14.82 -25.21
N2 NAG U . 12.35 17.14 -25.23
O3 NAG U . 10.15 18.57 -24.54
O4 NAG U . 10.54 21.38 -25.01
O5 NAG U . 13.86 20.17 -24.06
O6 NAG U . 14.38 22.89 -24.27
O7 NAG U . 11.43 16.05 -23.58
C1 NAG U . 9.41 21.77 -24.21
C2 NAG U . 8.83 22.94 -24.97
C3 NAG U . 7.56 23.44 -24.35
C4 NAG U . 6.53 22.34 -24.28
C5 NAG U . 7.19 21.18 -23.55
C6 NAG U . 6.27 19.97 -23.54
C7 NAG U . 10.34 24.29 -26.16
C8 NAG U . 11.45 25.30 -26.12
N2 NAG U . 9.80 24.00 -25.00
O3 NAG U . 7.13 24.46 -25.24
O4 NAG U . 5.45 22.73 -23.43
O5 NAG U . 8.41 20.77 -24.17
O6 NAG U . 5.13 20.17 -22.71
O7 NAG U . 9.94 23.78 -27.20
C1 BMA U . 4.33 23.42 -24.02
C2 BMA U . 3.19 23.13 -23.07
C3 BMA U . 2.02 24.09 -23.20
C4 BMA U . 2.49 25.53 -23.13
C5 BMA U . 3.65 25.78 -24.08
C6 BMA U . 4.29 27.13 -23.83
O2 BMA U . 3.68 23.17 -21.72
O3 BMA U . 1.17 23.79 -22.07
O4 BMA U . 1.47 26.47 -23.46
O5 BMA U . 4.67 24.80 -23.92
O6 BMA U . 3.46 28.20 -24.31
C1 MAN U . -0.22 24.01 -22.38
C2 MAN U . -0.87 24.77 -21.23
C3 MAN U . -0.98 23.84 -20.04
C4 MAN U . -1.77 22.62 -20.45
C5 MAN U . -1.09 21.93 -21.62
C6 MAN U . -1.89 20.73 -22.11
O2 MAN U . -2.17 25.18 -21.65
O3 MAN U . -1.65 24.49 -18.96
O4 MAN U . -1.88 21.74 -19.33
O5 MAN U . -0.98 22.86 -22.70
O6 MAN U . -1.75 19.64 -21.18
C1 NAG V . 9.79 18.65 -42.41
C2 NAG V . 8.60 19.63 -42.00
C3 NAG V . 7.49 19.55 -43.11
C4 NAG V . 8.12 19.92 -44.51
C5 NAG V . 9.31 18.94 -44.81
C6 NAG V . 10.04 19.25 -46.12
C7 NAG V . 8.53 19.68 -39.51
C8 NAG V . 8.03 19.15 -38.19
N2 NAG V . 8.10 19.16 -40.68
O3 NAG V . 6.45 20.49 -42.79
O4 NAG V . 7.13 19.70 -45.54
O5 NAG V . 10.32 19.02 -43.73
O6 NAG V . 10.61 20.56 -46.13
O7 NAG V . 9.35 20.61 -39.49
C1 NAG V . 6.63 20.92 -46.27
C2 NAG V . 5.95 20.45 -47.61
C3 NAG V . 5.42 21.73 -48.37
C4 NAG V . 4.43 22.54 -47.45
C5 NAG V . 5.18 22.93 -46.12
C6 NAG V . 4.27 23.64 -45.11
C7 NAG V . 6.75 18.53 -48.98
C8 NAG V . 7.84 17.89 -49.79
N2 NAG V . 6.95 19.74 -48.45
O3 NAG V . 4.75 21.34 -49.58
O4 NAG V . 4.01 23.72 -48.13
O5 NAG V . 5.71 21.69 -45.45
O6 NAG V . 3.11 22.89 -44.76
O7 NAG V . 5.70 17.90 -48.80
C1 NAG W . 11.29 2.09 -41.89
C2 NAG W . 10.96 0.65 -41.25
C3 NAG W . 11.75 -0.42 -42.09
C4 NAG W . 11.35 -0.36 -43.59
C5 NAG W . 11.59 1.10 -44.13
C6 NAG W . 11.12 1.26 -45.58
C7 NAG W . 10.69 0.91 -38.80
C8 NAG W . 11.29 0.90 -37.42
N2 NAG W . 11.47 0.65 -39.86
O3 NAG W . 11.42 -1.74 -41.58
O4 NAG W . 12.29 -1.21 -44.30
O5 NAG W . 10.86 2.09 -43.29
O6 NAG W . 11.38 2.57 -46.10
O7 NAG W . 9.49 1.17 -38.92
C1 NAG W . 11.73 -2.36 -45.06
C2 NAG W . 12.90 -3.06 -45.85
C3 NAG W . 12.32 -4.28 -46.68
C4 NAG W . 11.60 -5.27 -45.70
C5 NAG W . 10.47 -4.50 -44.91
C6 NAG W . 9.76 -5.35 -43.85
C7 NAG W . 13.39 -1.43 -47.78
C8 NAG W . 12.10 -1.49 -48.57
N2 NAG W . 13.72 -2.10 -46.65
O3 NAG W . 13.39 -4.94 -47.38
O4 NAG W . 11.03 -6.35 -46.45
O5 NAG W . 11.06 -3.33 -44.19
O6 NAG W . 8.89 -6.31 -44.44
O7 NAG W . 14.29 -0.70 -48.20
C1 NAG X . 20.19 4.39 -48.39
C2 NAG X . 18.63 4.19 -48.70
C3 NAG X . 18.50 3.62 -50.16
C4 NAG X . 19.15 4.60 -51.19
C5 NAG X . 20.66 4.81 -50.81
C6 NAG X . 21.36 5.83 -51.71
C7 NAG X . 17.32 3.55 -46.63
C8 NAG X . 17.01 4.94 -46.13
N2 NAG X . 18.02 3.21 -47.74
O3 NAG X . 17.11 3.42 -50.48
O4 NAG X . 19.13 4.02 -52.54
O5 NAG X . 20.76 5.31 -49.40
O6 NAG X . 22.73 5.99 -51.38
O7 NAG X . 16.88 2.59 -46.00
C1 NAG X . 17.91 4.25 -53.42
C2 NAG X . 18.41 4.65 -54.88
C3 NAG X . 17.14 4.85 -55.79
C4 NAG X . 16.27 3.53 -55.81
C5 NAG X . 15.84 3.20 -54.33
C6 NAG X . 15.07 1.88 -54.21
C7 NAG X . 20.27 6.19 -55.53
C8 NAG X . 20.98 7.50 -55.37
N2 NAG X . 19.17 5.93 -54.79
O3 NAG X . 17.55 5.15 -57.14
O4 NAG X . 15.12 3.73 -56.61
O5 NAG X . 17.06 3.06 -53.46
O6 NAG X . 15.85 0.74 -54.60
O7 NAG X . 20.71 5.35 -56.34
C1 NAG Y . 20.26 22.57 -27.74
C2 NAG Y . 19.15 23.31 -26.86
C3 NAG Y . 19.37 24.85 -26.99
C4 NAG Y . 20.82 25.25 -26.52
C5 NAG Y . 21.85 24.45 -27.40
C6 NAG Y . 23.33 24.62 -27.03
C7 NAG Y . 16.95 22.13 -26.73
C8 NAG Y . 15.62 21.80 -27.34
N2 NAG Y . 17.80 22.94 -27.38
O3 NAG Y . 18.38 25.52 -26.17
O4 NAG Y . 20.94 26.69 -26.74
O5 NAG Y . 21.59 22.99 -27.30
O6 NAG Y . 23.62 24.48 -25.63
O7 NAG Y . 17.26 21.63 -25.63
C1 NAG Y . 21.84 27.46 -25.79
C2 NAG Y . 21.44 28.99 -25.82
C3 NAG Y . 22.44 29.78 -24.90
C4 NAG Y . 22.41 29.19 -23.45
C5 NAG Y . 22.78 27.66 -23.51
C6 NAG Y . 22.69 26.97 -22.14
C7 NAG Y . 20.61 30.31 -27.78
C8 NAG Y . 20.77 30.75 -29.21
N2 NAG Y . 21.53 29.48 -27.23
O3 NAG Y . 22.08 31.17 -24.86
O4 NAG Y . 23.35 29.89 -22.63
O5 NAG Y . 21.82 26.95 -24.41
O6 NAG Y . 23.22 25.64 -22.19
O7 NAG Y . 19.63 30.71 -27.14
C1 NAG Z . -25.07 -3.16 -28.11
C2 NAG Z . -24.60 -4.04 -29.24
C3 NAG Z . -25.46 -3.69 -30.43
C4 NAG Z . -26.89 -4.01 -30.00
C5 NAG Z . -27.25 -3.13 -28.82
C6 NAG Z . -28.66 -3.39 -28.34
C7 NAG Z . -22.50 -4.96 -29.72
C8 NAG Z . -22.10 -5.69 -28.47
N2 NAG Z . -23.21 -3.87 -29.54
O3 NAG Z . -24.98 -4.41 -31.56
O4 NAG Z . -27.85 -3.81 -31.04
O5 NAG Z . -26.40 -3.47 -27.74
O6 NAG Z . -28.65 -4.65 -27.67
O7 NAG Z . -22.21 -5.37 -30.83
C1 NAG Z . -27.94 -5.02 -31.79
C2 NAG Z . -29.35 -5.59 -31.77
C3 NAG Z . -29.37 -6.86 -32.59
C4 NAG Z . -28.85 -6.59 -33.99
C5 NAG Z . -27.46 -5.97 -33.92
C6 NAG Z . -26.88 -5.63 -35.28
C7 NAG Z . -29.27 -6.99 -29.73
C8 NAG Z . -30.28 -7.99 -29.28
N2 NAG Z . -29.75 -5.94 -30.41
O3 NAG Z . -30.72 -7.34 -32.67
O4 NAG Z . -28.79 -7.83 -34.68
O5 NAG Z . -27.49 -4.79 -33.12
O6 NAG Z . -26.47 -6.85 -35.92
O7 NAG Z . -28.08 -7.14 -29.44
C1 BMA Z . -29.74 -7.81 -35.76
C2 BMA Z . -29.19 -8.69 -36.87
C3 BMA Z . -30.12 -8.65 -38.06
C4 BMA Z . -31.49 -9.11 -37.58
C5 BMA Z . -31.97 -8.21 -36.44
C6 BMA Z . -33.30 -8.69 -35.91
O2 BMA Z . -29.05 -10.03 -36.39
O3 BMA Z . -29.65 -9.52 -39.09
O4 BMA Z . -32.44 -9.06 -38.64
O5 BMA Z . -31.03 -8.26 -35.37
O6 BMA Z . -33.36 -8.34 -34.53
C1 MAN Z . -34.37 -9.20 -33.98
C2 MAN Z . -35.37 -8.38 -33.18
C3 MAN Z . -34.69 -7.86 -31.93
C4 MAN Z . -34.11 -9.04 -31.16
C5 MAN Z . -33.15 -9.83 -32.03
C6 MAN Z . -32.53 -11.05 -31.34
O2 MAN Z . -36.47 -9.21 -32.81
O3 MAN Z . -35.64 -7.16 -31.13
O4 MAN Z . -33.48 -8.58 -29.97
O5 MAN Z . -33.84 -10.26 -33.20
O6 MAN Z . -33.14 -11.37 -30.07
C1 MAN Z . -33.98 -12.53 -30.21
C2 MAN Z . -35.33 -12.20 -29.58
C3 MAN Z . -35.18 -12.02 -28.09
C4 MAN Z . -34.58 -13.28 -27.51
C5 MAN Z . -33.26 -13.57 -28.19
C6 MAN Z . -32.80 -14.92 -27.67
O2 MAN Z . -36.22 -13.30 -29.83
O3 MAN Z . -36.44 -11.77 -27.49
O4 MAN Z . -34.37 -13.13 -26.10
O5 MAN Z . -33.47 -13.70 -29.59
O6 MAN Z . -33.90 -15.81 -27.82
C1 MAN Z . -28.36 -9.05 -39.54
C2 MAN Z . -28.25 -9.21 -41.05
C3 MAN Z . -28.32 -10.68 -41.42
C4 MAN Z . -27.18 -11.41 -40.71
C5 MAN Z . -27.34 -11.19 -39.21
C6 MAN Z . -26.29 -11.88 -38.36
O2 MAN Z . -27.00 -8.66 -41.50
O3 MAN Z . -28.14 -10.84 -42.83
O4 MAN Z . -27.24 -12.81 -41.01
O5 MAN Z . -27.30 -9.78 -38.93
O6 MAN Z . -26.54 -11.53 -36.99
C1 NAG AA . -17.63 7.60 -37.07
C2 NAG AA . -17.56 8.91 -37.84
C3 NAG AA . -18.50 9.88 -37.17
C4 NAG AA . -19.89 9.28 -37.23
C5 NAG AA . -19.84 7.94 -36.48
C6 NAG AA . -21.20 7.25 -36.35
C7 NAG AA . -15.36 9.23 -38.76
C8 NAG AA . -14.19 10.17 -38.78
N2 NAG AA . -16.23 9.43 -37.78
O3 NAG AA . -18.47 11.13 -37.86
O4 NAG AA . -20.80 10.18 -36.60
O5 NAG AA . -18.94 7.06 -37.13
O6 NAG AA . -21.07 6.19 -35.40
O7 NAG AA . -15.49 8.35 -39.59
C1 NAG AA . -21.83 10.54 -37.55
C2 NAG AA . -23.02 11.08 -36.78
C3 NAG AA . -24.14 11.40 -37.77
C4 NAG AA . -23.61 12.40 -38.78
C5 NAG AA . -22.39 11.81 -39.47
C6 NAG AA . -21.84 12.82 -40.48
C7 NAG AA . -23.19 10.19 -34.54
C8 NAG AA . -23.75 9.11 -33.67
N2 NAG AA . -23.49 10.10 -35.84
O3 NAG AA . -25.25 11.99 -37.08
O4 NAG AA . -24.63 12.66 -39.75
O5 NAG AA . -21.38 11.50 -38.51
O6 NAG AA . -20.77 12.23 -41.22
O7 NAG AA . -22.52 11.11 -34.09
C1 NAG BA . -24.80 -17.94 4.30
C2 NAG BA . -25.15 -17.30 5.71
C3 NAG BA . -24.98 -18.43 6.79
C4 NAG BA . -25.95 -19.64 6.49
C5 NAG BA . -25.65 -20.15 5.03
C6 NAG BA . -26.63 -21.20 4.49
C7 NAG BA . -24.46 -14.91 5.66
C8 NAG BA . -23.45 -13.84 5.90
N2 NAG BA . -24.19 -16.19 5.96
O3 NAG BA . -25.30 -17.88 8.08
O4 NAG BA . -25.57 -20.68 7.44
O5 NAG BA . -25.74 -19.05 4.05
O6 NAG BA . -28.00 -20.78 4.61
O7 NAG BA . -25.56 -14.59 5.16
C1 NAG BA . -26.65 -21.58 7.97
C2 NAG BA . -25.98 -22.95 8.37
C3 NAG BA . -27.10 -23.91 8.89
C4 NAG BA . -27.85 -23.26 10.10
C5 NAG BA . -28.46 -21.88 9.64
C6 NAG BA . -29.15 -21.11 10.78
C7 NAG BA . -24.54 -24.34 6.46
C8 NAG BA . -24.32 -24.10 4.99
N2 NAG BA . -25.29 -23.52 7.20
O3 NAG BA . -26.50 -25.15 9.31
O4 NAG BA . -28.89 -24.12 10.55
O5 NAG BA . -27.36 -21.00 9.11
O6 NAG BA . -29.84 -19.96 10.29
O7 NAG BA . -24.02 -25.33 7.00
C1 NAG CA . 7.33 -31.51 7.16
C2 NAG CA . 6.35 -30.90 6.21
C3 NAG CA . 6.39 -31.55 4.86
C4 NAG CA . 7.76 -31.37 4.25
C5 NAG CA . 8.72 -31.98 5.26
C6 NAG CA . 10.16 -31.81 4.82
C7 NAG CA . 4.44 -29.98 7.03
C8 NAG CA . 3.14 -30.13 7.73
N2 NAG CA . 5.04 -31.10 6.72
O3 NAG CA . 5.44 -30.83 4.07
O4 NAG CA . 7.83 -32.10 3.05
O5 NAG CA . 8.58 -31.35 6.52
O6 NAG CA . 10.96 -32.81 5.45
O7 NAG CA . 4.93 -28.92 6.73
C1 NAG CA . 8.15 -31.28 1.92
C2 NAG CA . 8.67 -32.21 0.85
C3 NAG CA . 9.00 -31.45 -0.40
C4 NAG CA . 7.78 -30.72 -0.89
C5 NAG CA . 7.30 -29.84 0.25
C6 NAG CA . 6.04 -29.10 -0.15
C7 NAG CA . 9.94 -34.07 1.60
C8 NAG CA . 11.18 -34.54 2.29
N2 NAG CA . 9.90 -32.78 1.33
O3 NAG CA . 9.40 -32.44 -1.34
O4 NAG CA . 8.13 -29.84 -1.96
O5 NAG CA . 7.02 -30.61 1.41
O6 NAG CA . 5.12 -30.09 -0.63
O7 NAG CA . 9.02 -34.80 1.30
C1 BMA CA . 7.74 -30.34 -3.25
C2 BMA CA . 7.62 -29.12 -4.15
C3 BMA CA . 7.42 -29.56 -5.59
C4 BMA CA . 8.56 -30.46 -6.01
C5 BMA CA . 8.63 -31.64 -5.06
C6 BMA CA . 9.87 -32.44 -5.40
O2 BMA CA . 8.84 -28.38 -4.08
O3 BMA CA . 7.49 -28.41 -6.43
O4 BMA CA . 8.33 -30.93 -7.34
O5 BMA CA . 8.79 -31.16 -3.73
O6 BMA CA . 11.00 -31.59 -5.19
C1 MAN CA . 6.15 -28.16 -6.87
C2 MAN CA . 6.14 -27.92 -8.38
C3 MAN CA . 6.94 -26.67 -8.69
C4 MAN CA . 6.34 -25.50 -7.93
C5 MAN CA . 6.35 -25.83 -6.45
C6 MAN CA . 5.75 -24.74 -5.60
O2 MAN CA . 4.79 -27.78 -8.85
O3 MAN CA . 6.85 -26.40 -10.09
O4 MAN CA . 7.13 -24.33 -8.16
O5 MAN CA . 5.62 -27.02 -6.20
O6 MAN CA . 5.69 -25.27 -4.28
C1 MAN CA . 12.01 -32.34 -4.49
C2 MAN CA . 12.69 -31.41 -3.48
C3 MAN CA . 13.51 -30.38 -4.22
C4 MAN CA . 14.46 -31.06 -5.18
C5 MAN CA . 13.71 -32.00 -6.12
C6 MAN CA . 14.67 -32.76 -7.02
O2 MAN CA . 13.56 -32.18 -2.63
O3 MAN CA . 14.26 -29.65 -3.26
O4 MAN CA . 15.14 -30.07 -5.97
O5 MAN CA . 12.95 -32.93 -5.38
O6 MAN CA . 13.92 -33.58 -7.92
C1 NAG DA . -1.66 -37.81 -15.10
C2 NAG DA . -0.28 -38.60 -14.95
C3 NAG DA . 0.71 -38.04 -16.02
C4 NAG DA . 0.11 -38.18 -17.47
C5 NAG DA . -1.26 -37.41 -17.52
C6 NAG DA . -1.97 -37.56 -18.86
C7 NAG DA . 0.12 -39.13 -12.54
C8 NAG DA . 0.74 -38.74 -11.23
N2 NAG DA . 0.29 -38.33 -13.60
O3 NAG DA . 1.94 -38.81 -15.95
O4 NAG DA . 1.01 -37.57 -18.43
O5 NAG DA . -2.16 -37.95 -16.47
O6 NAG DA . -3.13 -36.72 -18.93
O7 NAG DA . -0.55 -40.17 -12.61
C1 NAG DA . 1.65 -38.51 -19.42
C2 NAG DA . 2.53 -37.66 -20.42
C3 NAG DA . 3.18 -38.67 -21.45
C4 NAG DA . 4.02 -39.76 -20.67
C5 NAG DA . 3.07 -40.52 -19.68
C6 NAG DA . 3.78 -41.56 -18.81
C7 NAG DA . 1.68 -35.36 -20.91
C8 NAG DA . 0.78 -34.46 -21.70
N2 NAG DA . 1.67 -36.69 -21.14
O3 NAG DA . 4.05 -37.94 -22.34
O4 NAG DA . 4.58 -40.68 -21.62
O5 NAG DA . 2.45 -39.54 -18.76
O6 NAG DA . 2.87 -42.44 -18.16
O7 NAG DA . 2.44 -34.86 -20.06
C1 NAG EA . -2.52 -46.90 3.72
C2 NAG EA . -1.86 -46.62 2.31
C3 NAG EA . -2.82 -47.18 1.20
C4 NAG EA . -3.09 -48.72 1.41
C5 NAG EA . -3.70 -48.92 2.85
C6 NAG EA . -3.96 -50.38 3.23
C7 NAG EA . -0.60 -44.47 2.39
C8 NAG EA . -0.58 -42.97 2.20
N2 NAG EA . -1.72 -45.16 2.13
O3 NAG EA . -2.20 -46.95 -0.07
O4 NAG EA . -4.07 -49.07 0.37
O5 NAG EA . -2.77 -48.35 3.87
O6 NAG EA . -4.33 -50.53 4.59
O7 NAG EA . 0.42 -45.04 2.77
C1 NAG EA . -3.96 -50.39 -0.40
C2 NAG EA . -2.55 -50.63 -1.10
C3 NAG EA . -2.65 -51.97 -1.93
C4 NAG EA . -3.05 -53.16 -0.98
C5 NAG EA . -4.42 -52.83 -0.29
C6 NAG EA . -4.85 -53.88 0.73
C7 NAG EA . -1.02 -48.94 -2.11
C8 NAG EA . -0.78 -47.78 -3.04
N2 NAG EA . -2.24 -49.48 -2.00
O3 NAG EA . -1.39 -52.26 -2.55
O4 NAG EA . -3.17 -54.36 -1.75
O5 NAG EA . -4.31 -51.53 0.45
O6 NAG EA . -6.21 -53.69 1.15
O7 NAG EA . -0.06 -49.38 -1.44
C1 NAG FA . -14.67 -39.95 12.61
C2 NAG FA . -15.99 -39.12 12.26
C3 NAG FA . -17.00 -39.32 13.44
C4 NAG FA . -17.33 -40.84 13.65
C5 NAG FA . -15.98 -41.62 13.89
C6 NAG FA . -16.15 -43.14 13.99
C7 NAG FA . -15.30 -37.09 11.00
C8 NAG FA . -14.95 -35.65 10.97
N2 NAG FA . -15.63 -37.68 12.15
O3 NAG FA . -18.21 -38.61 13.08
O4 NAG FA . -18.06 -40.91 14.92
O5 NAG FA . -15.03 -41.36 12.77
O6 NAG FA . -16.58 -43.73 12.76
O7 NAG FA . -15.27 -37.73 9.93
C1 NAG FA . -19.32 -41.73 15.01
C2 NAG FA . -20.55 -40.77 15.23
C3 NAG FA . -21.83 -41.67 15.42
C4 NAG FA . -22.02 -42.59 14.17
C5 NAG FA . -20.74 -43.48 13.99
C6 NAG FA . -20.78 -44.37 12.74
C7 NAG FA . -19.60 -38.84 16.37
C8 NAG FA . -18.47 -38.60 17.33
N2 NAG FA . -20.37 -39.95 16.48
O3 NAG FA . -22.98 -40.82 15.58
O4 NAG FA . -23.17 -43.42 14.37
O5 NAG FA . -19.54 -42.60 13.86
O6 NAG FA . -19.82 -45.42 12.81
O7 NAG FA . -19.84 -38.02 15.47
C1 NAG GA . -12.61 -48.24 18.29
C2 NAG GA . -13.87 -47.53 17.60
C3 NAG GA . -15.04 -48.57 17.54
C4 NAG GA . -14.59 -49.83 16.70
C5 NAG GA . -13.29 -50.45 17.37
C6 NAG GA . -12.66 -51.58 16.53
C7 NAG GA . -14.10 -45.06 17.93
C8 NAG GA . -14.48 -43.89 18.79
N2 NAG GA . -14.26 -46.32 18.39
O3 NAG GA . -16.18 -47.94 16.91
O4 NAG GA . -15.73 -50.75 16.50
O5 NAG GA . -12.23 -49.40 17.48
O6 NAG GA . -11.85 -52.44 17.33
O7 NAG GA . -13.64 -44.84 16.79
C1 NAG GA . -16.07 -51.78 17.59
C2 NAG GA . -17.63 -52.09 17.56
C3 NAG GA . -17.91 -53.16 18.68
C4 NAG GA . -17.04 -54.45 18.44
C5 NAG GA . -15.52 -54.04 18.46
C6 NAG GA . -14.58 -55.21 18.14
C7 NAG GA . -19.54 -50.53 17.24
C8 NAG GA . -20.27 -49.26 17.60
N2 NAG GA . -18.40 -50.84 17.86
O3 NAG GA . -19.31 -53.54 18.66
O4 NAG GA . -17.30 -55.40 19.48
O5 NAG GA . -15.29 -53.01 17.41
O6 NAG GA . -13.25 -54.94 18.57
O7 NAG GA . -20.04 -51.27 16.36
C1 NAG HA . 11.55 -36.97 11.10
C2 NAG HA . 12.38 -35.77 10.47
C3 NAG HA . 13.65 -36.35 9.78
C4 NAG HA . 14.51 -37.13 10.83
C5 NAG HA . 13.63 -38.28 11.44
C6 NAG HA . 14.36 -39.07 12.54
C7 NAG HA . 11.05 -33.83 9.68
C8 NAG HA . 10.15 -33.23 8.66
N2 NAG HA . 11.50 -35.08 9.50
O3 NAG HA . 14.42 -35.26 9.22
O4 NAG HA . 15.65 -37.75 10.17
O5 NAG HA . 12.40 -37.70 12.05
O6 NAG HA . 13.63 -40.24 12.93
O7 NAG HA . 11.35 -33.17 10.70
C1 NAG HA . 17.00 -37.19 10.56
C2 NAG HA . 18.13 -38.12 9.97
C3 NAG HA . 19.52 -37.51 10.39
C4 NAG HA . 19.63 -36.03 9.87
C5 NAG HA . 18.46 -35.19 10.48
C6 NAG HA . 18.41 -33.73 10.00
C7 NAG HA . 17.64 -40.57 9.84
C8 NAG HA . 17.50 -41.90 10.53
N2 NAG HA . 17.98 -39.49 10.56
O3 NAG HA . 20.58 -38.31 9.81
O4 NAG HA . 20.89 -35.48 10.28
O5 NAG HA . 17.16 -35.82 10.11
O6 NAG HA . 17.62 -32.91 10.84
O7 NAG HA . 17.42 -40.50 8.62
C1 NAG IA . -26.42 -19.09 -18.38
C2 NAG IA . -27.38 -19.90 -17.56
C3 NAG IA . -28.31 -20.65 -18.46
C4 NAG IA . -29.07 -19.70 -19.33
C5 NAG IA . -28.04 -18.90 -20.09
C6 NAG IA . -28.73 -17.88 -20.97
C7 NAG IA . -26.98 -21.28 -15.65
C8 NAG IA . -25.87 -21.76 -14.78
N2 NAG IA . -26.61 -20.87 -16.85
O3 NAG IA . -29.23 -21.36 -17.66
O4 NAG IA . -29.78 -20.45 -20.31
O5 NAG IA . -27.19 -18.22 -19.19
O6 NAG IA . -30.04 -17.64 -20.44
O7 NAG IA . -28.14 -21.24 -15.29
C1 NAG IA . -31.21 -20.53 -20.16
C2 NAG IA . -31.61 -21.01 -21.53
C3 NAG IA . -33.05 -21.44 -21.54
C4 NAG IA . -33.27 -22.51 -20.48
C5 NAG IA . -32.82 -21.99 -19.12
C6 NAG IA . -32.86 -23.05 -18.04
C7 NAG IA . -30.43 -19.83 -23.28
C8 NAG IA . -30.57 -18.88 -24.43
N2 NAG IA . -31.48 -19.93 -22.47
O3 NAG IA . -33.32 -22.00 -22.82
O4 NAG IA . -34.60 -23.08 -20.53
O5 NAG IA . -31.47 -21.56 -19.22
O6 NAG IA . -32.57 -22.43 -16.79
O7 NAG IA . -29.41 -20.47 -23.09
C1 BMA IA . -35.64 -22.28 -19.94
C2 BMA IA . -36.60 -21.86 -21.05
C3 BMA IA . -37.80 -21.10 -20.50
C4 BMA IA . -38.50 -21.97 -19.47
C5 BMA IA . -37.49 -22.39 -18.41
C6 BMA IA . -38.09 -23.41 -17.45
O2 BMA IA . -37.04 -23.07 -21.68
O3 BMA IA . -38.59 -20.63 -21.62
O4 BMA IA . -39.46 -21.15 -18.81
O5 BMA IA . -36.38 -23.05 -19.01
O6 BMA IA . -39.29 -22.89 -16.88
C1 MAN IA . -39.84 -21.32 -21.86
C2 MAN IA . -39.83 -21.98 -23.23
C3 MAN IA . -39.73 -20.91 -24.32
C4 MAN IA . -40.91 -19.97 -24.17
C5 MAN IA . -40.88 -19.36 -22.78
C6 MAN IA . -42.05 -18.40 -22.56
O2 MAN IA . -41.05 -22.73 -23.41
O3 MAN IA . -39.77 -21.53 -25.60
O4 MAN IA . -40.82 -18.94 -25.16
O5 MAN IA . -40.94 -20.41 -21.80
O6 MAN IA . -41.91 -17.25 -23.38
C1 MAN IA . -39.32 -23.12 -15.46
C2 MAN IA . -40.76 -22.92 -14.99
C3 MAN IA . -41.12 -21.44 -15.14
C4 MAN IA . -40.11 -20.57 -14.39
C5 MAN IA . -38.71 -20.87 -14.89
C6 MAN IA . -37.69 -20.11 -14.06
O2 MAN IA . -40.88 -23.31 -13.63
O3 MAN IA . -42.42 -21.22 -14.61
O4 MAN IA . -40.43 -19.20 -14.62
O5 MAN IA . -38.44 -22.26 -14.75
O6 MAN IA . -36.38 -20.56 -14.42
C1 NAG JA . -18.59 -31.98 -16.01
C2 NAG JA . -17.81 -33.18 -16.54
C3 NAG JA . -17.14 -32.79 -17.84
C4 NAG JA . -18.23 -32.37 -18.82
C5 NAG JA . -19.00 -31.21 -18.21
C6 NAG JA . -20.14 -30.74 -19.10
C7 NAG JA . -17.05 -34.68 -14.79
C8 NAG JA . -16.40 -35.96 -15.21
N2 NAG JA . -16.82 -33.63 -15.58
O3 NAG JA . -16.42 -33.91 -18.34
O4 NAG JA . -17.64 -31.98 -20.07
O5 NAG JA . -19.57 -31.62 -16.98
O6 NAG JA . -21.12 -31.78 -19.14
O7 NAG JA . -17.74 -34.60 -13.79
C1 NAG JA . -18.07 -32.89 -21.11
C2 NAG JA . -17.69 -32.32 -22.47
C3 NAG JA . -18.16 -33.24 -23.56
C4 NAG JA . -17.57 -34.63 -23.35
C5 NAG JA . -17.95 -35.11 -21.96
C6 NAG JA . -17.34 -36.47 -21.62
C7 NAG JA . -17.64 -29.94 -22.46
C8 NAG JA . -18.43 -28.68 -22.49
N2 NAG JA . -18.32 -31.04 -22.66
O3 NAG JA . -17.73 -32.70 -24.81
O4 NAG JA . -18.16 -35.48 -24.33
O5 NAG JA . -17.50 -34.19 -20.97
O6 NAG JA . -18.05 -37.51 -22.31
O7 NAG JA . -16.44 -29.96 -22.24
C1 BMA JA . -17.18 -36.00 -25.24
C2 BMA JA . -17.87 -36.39 -26.54
C3 BMA JA . -16.88 -37.09 -27.45
C4 BMA JA . -15.69 -36.17 -27.65
C5 BMA JA . -15.07 -35.79 -26.31
C6 BMA JA . -13.89 -34.84 -26.52
O2 BMA JA . -18.37 -35.23 -27.19
O3 BMA JA . -17.51 -37.32 -28.71
O4 BMA JA . -14.69 -36.83 -28.44
O5 BMA JA . -16.05 -35.16 -25.49
O6 BMA JA . -14.27 -33.76 -27.38
C1 MAN JA . -13.25 -33.57 -28.38
C2 MAN JA . -12.95 -32.09 -28.56
C3 MAN JA . -14.08 -31.39 -29.28
C4 MAN JA . -14.40 -32.12 -30.56
C5 MAN JA . -14.65 -33.60 -30.33
C6 MAN JA . -14.80 -34.27 -31.68
O2 MAN JA . -11.75 -31.95 -29.33
O3 MAN JA . -13.57 -30.12 -29.68
O4 MAN JA . -15.58 -31.53 -31.14
O5 MAN JA . -13.57 -34.18 -29.62
O6 MAN JA . -13.89 -33.62 -32.59
C1 MAN JA . -14.23 -29.04 -29.02
C2 MAN JA . -14.41 -27.98 -30.10
C3 MAN JA . -13.04 -27.60 -30.64
C4 MAN JA . -12.18 -27.10 -29.49
C5 MAN JA . -12.10 -28.19 -28.44
C6 MAN JA . -11.25 -27.74 -27.25
O2 MAN JA . -15.05 -26.81 -29.56
O3 MAN JA . -13.18 -26.58 -31.63
O4 MAN JA . -10.88 -26.81 -29.98
O5 MAN JA . -13.40 -28.52 -27.99
O6 MAN JA . -11.76 -26.50 -26.76
C1 MAN JA . -14.24 -34.00 -33.94
C2 MAN JA . -13.09 -33.68 -34.89
C3 MAN JA . -12.97 -32.19 -35.08
C4 MAN JA . -14.29 -31.62 -35.57
C5 MAN JA . -15.40 -31.99 -34.60
C6 MAN JA . -16.75 -31.51 -35.10
O2 MAN JA . -13.34 -34.32 -36.14
O3 MAN JA . -11.95 -31.89 -36.05
O4 MAN JA . -14.19 -30.21 -35.68
O5 MAN JA . -15.46 -33.41 -34.43
O6 MAN JA . -17.77 -31.82 -34.13
C1 MAN JA . -17.43 -38.71 -29.04
C2 MAN JA . -17.54 -38.86 -30.56
C3 MAN JA . -18.94 -38.46 -31.00
C4 MAN JA . -19.95 -39.32 -30.26
C5 MAN JA . -19.77 -39.16 -28.75
C6 MAN JA . -20.72 -40.05 -27.97
O2 MAN JA . -17.27 -40.22 -30.93
O3 MAN JA . -19.06 -38.66 -32.41
O4 MAN JA . -21.27 -38.92 -30.64
O5 MAN JA . -18.43 -39.51 -28.41
O6 MAN JA . -22.05 -39.56 -28.07
C1 NAG KA . 10.21 38.22 39.30
C2 NAG KA . 9.60 37.14 40.30
C3 NAG KA . 9.84 37.62 41.78
C4 NAG KA . 11.37 37.85 42.04
C5 NAG KA . 11.88 38.92 41.01
C6 NAG KA . 13.39 39.20 41.13
C7 NAG KA . 6.87 37.34 39.94
C8 NAG KA . 5.83 36.37 39.49
N2 NAG KA . 8.16 37.00 40.03
O3 NAG KA . 9.36 36.60 42.68
O4 NAG KA . 11.56 38.33 43.37
O5 NAG KA . 11.63 38.44 39.62
O6 NAG KA . 13.77 40.33 40.36
O7 NAG KA . 6.53 38.51 40.22
C1 NAG LA . -54.35 9.17 10.29
C2 NAG LA . -54.74 8.53 8.87
C3 NAG LA . -56.29 8.21 8.89
C4 NAG LA . -56.61 7.23 10.07
C5 NAG LA . -56.17 7.90 11.42
C6 NAG LA . -56.40 7.00 12.65
C7 NAG LA . -53.40 9.41 6.95
C8 NAG LA . -53.17 10.47 5.90
N2 NAG LA . -54.45 9.52 7.79
O3 NAG LA . -56.65 7.59 7.64
O4 NAG LA . -58.01 6.96 10.09
O5 NAG LA . -54.72 8.22 11.36
O6 NAG LA . -56.21 7.72 13.86
O7 NAG LA . -52.62 8.46 7.01
C1 NAG MA . -20.34 53.36 26.07
C2 NAG MA . -18.76 53.47 25.94
C3 NAG MA . -18.11 52.75 27.17
C4 NAG MA . -18.62 53.39 28.51
C5 NAG MA . -20.19 53.28 28.56
C6 NAG MA . -20.80 53.94 29.80
C7 NAG MA . -18.11 53.46 23.51
C8 NAG MA . -17.72 52.70 22.28
N2 NAG MA . -18.34 52.80 24.67
O3 NAG MA . -16.67 52.89 27.11
O4 NAG MA . -18.05 52.71 29.62
O5 NAG MA . -20.77 53.95 27.35
O6 NAG MA . -22.19 53.63 29.92
O7 NAG MA . -18.23 54.69 23.44
C1 NAG NA . -8.18 45.14 8.26
C2 NAG NA . -7.30 46.01 9.28
C3 NAG NA . -7.20 47.46 8.71
C4 NAG NA . -6.54 47.43 7.28
C5 NAG NA . -7.42 46.52 6.34
C6 NAG NA . -6.83 46.34 4.94
C7 NAG NA . -7.60 45.42 11.68
C8 NAG NA . -8.42 45.50 12.94
N2 NAG NA . -8.02 46.04 10.57
O3 NAG NA . -6.37 48.25 9.59
O4 NAG NA . -6.49 48.76 6.76
O5 NAG NA . -7.54 45.16 6.94
O6 NAG NA . -6.95 47.51 4.14
O7 NAG NA . -6.54 44.76 11.69
C1 NAG OA . -46.54 14.87 -3.55
C2 NAG OA . -47.97 14.97 -4.25
C3 NAG OA . -47.98 16.23 -5.19
C4 NAG OA . -47.66 17.52 -4.36
C5 NAG OA . -46.25 17.35 -3.67
C6 NAG OA . -45.87 18.52 -2.75
C7 NAG OA . -48.89 12.67 -4.58
C8 NAG OA . -49.04 11.45 -5.44
N2 NAG OA . -48.19 13.73 -5.05
O3 NAG OA . -49.28 16.37 -5.80
O4 NAG OA . -47.64 18.66 -5.23
O5 NAG OA . -46.28 16.13 -2.82
O6 NAG OA . -44.48 18.50 -2.42
O7 NAG OA . -49.41 12.68 -3.46
C1 NAG PA . -10.54 1.72 -45.09
C2 NAG PA . -10.51 0.26 -44.47
C3 NAG PA . -9.14 -0.41 -44.82
C4 NAG PA . -8.96 -0.45 -46.38
C5 NAG PA . -9.02 1.01 -46.94
C6 NAG PA . -8.92 1.07 -48.46
C7 NAG PA . -11.81 0.05 -42.34
C8 NAG PA . -11.87 0.17 -40.84
N2 NAG PA . -10.67 0.35 -42.99
O3 NAG PA . -9.10 -1.75 -44.29
O4 NAG PA . -7.69 -1.03 -46.69
O5 NAG PA . -10.33 1.64 -46.55
O6 NAG PA . -8.79 2.42 -48.93
O7 NAG PA . -12.83 -0.33 -42.95
C1 NAG QA . 13.06 23.74 -35.99
C2 NAG QA . 13.82 23.76 -37.38
C3 NAG QA . 14.80 24.98 -37.41
C4 NAG QA . 13.96 26.30 -37.22
C5 NAG QA . 13.18 26.21 -35.85
C6 NAG QA . 12.26 27.42 -35.62
C7 NAG QA . 15.05 21.42 -38.15
C8 NAG QA . 15.61 20.29 -37.32
N2 NAG QA . 14.49 22.47 -37.57
O3 NAG QA . 15.50 25.00 -38.66
O4 NAG QA . 14.86 27.41 -37.19
O5 NAG QA . 12.31 25.01 -35.83
O6 NAG QA . 11.24 27.54 -36.60
O7 NAG QA . 15.12 21.37 -39.39
C1 NAG RA . 45.09 5.99 -37.59
C2 NAG RA . 46.65 6.24 -37.42
C3 NAG RA . 46.86 7.52 -36.54
C4 NAG RA . 46.17 8.75 -37.21
C5 NAG RA . 44.65 8.43 -37.40
C6 NAG RA . 43.88 9.55 -38.13
C7 NAG RA . 47.77 3.83 -36.66
C8 NAG RA . 48.30 3.37 -35.34
N2 NAG RA . 47.27 5.05 -36.80
O3 NAG RA . 48.28 7.77 -36.40
O4 NAG RA . 46.34 9.90 -36.39
O5 NAG RA . 44.48 7.19 -38.20
O6 NAG RA . 44.38 9.81 -39.44
O7 NAG RA . 47.79 3.07 -37.64
C1 NAG SA . 35.50 -9.14 -23.85
C2 NAG SA . 35.83 -10.14 -22.75
C3 NAG SA . 36.66 -11.28 -23.29
C4 NAG SA . 36.01 -11.91 -24.50
C5 NAG SA . 35.67 -10.85 -25.53
C6 NAG SA . 34.89 -11.42 -26.70
C7 NAG SA . 36.16 -8.65 -20.86
C8 NAG SA . 37.05 -7.52 -20.44
N2 NAG SA . 36.66 -9.47 -21.77
O3 NAG SA . 36.78 -12.27 -22.27
O4 NAG SA . 36.90 -12.86 -25.08
O5 NAG SA . 34.90 -9.78 -24.97
O6 NAG SA . 33.50 -11.45 -26.36
O7 NAG SA . 35.04 -8.81 -20.40
C1 NAG TA . 38.70 3.41 -21.86
C2 NAG TA . 39.79 3.93 -20.95
C3 NAG TA . 40.98 3.00 -20.94
C4 NAG TA . 40.55 1.61 -20.55
C5 NAG TA . 39.44 1.17 -21.48
C6 NAG TA . 38.96 -0.22 -21.07
C7 NAG TA . 39.95 6.32 -20.87
C8 NAG TA . 40.75 7.52 -21.23
N2 NAG TA . 40.29 5.19 -21.45
O3 NAG TA . 41.91 3.48 -19.95
O4 NAG TA . 41.65 0.71 -20.65
O5 NAG TA . 38.35 2.09 -21.48
O6 NAG TA . 38.20 -0.78 -22.14
O7 NAG TA . 39.03 6.36 -20.07
C1 NAG UA . -8.79 23.68 -34.82
C2 NAG UA . -8.06 25.01 -34.73
C3 NAG UA . -8.76 25.89 -33.73
C4 NAG UA . -10.20 26.07 -34.18
C5 NAG UA . -10.84 24.70 -34.29
C6 NAG UA . -12.30 24.80 -34.72
C7 NAG UA . -5.72 24.67 -35.13
C8 NAG UA . -4.43 24.12 -34.57
N2 NAG UA . -6.71 24.80 -34.27
O3 NAG UA . -8.12 27.17 -33.70
O4 NAG UA . -10.92 26.86 -33.23
O5 NAG UA . -10.13 23.89 -35.22
O6 NAG UA . -12.35 25.24 -36.08
O7 NAG UA . -5.85 24.96 -36.31
C1 NAG VA . 49.81 18.77 -4.86
C2 NAG VA . 49.09 20.00 -4.28
C3 NAG VA . 50.08 20.99 -3.72
C4 NAG VA . 51.11 20.37 -2.80
C5 NAG VA . 51.75 19.15 -3.43
C6 NAG VA . 52.70 18.44 -2.48
C7 NAG VA . 47.52 20.58 -6.14
C8 NAG VA . 46.94 21.83 -6.75
N2 NAG VA . 48.58 20.79 -5.36
O3 NAG VA . 49.35 21.96 -2.97
O4 NAG VA . 52.11 21.34 -2.51
O5 NAG VA . 50.78 18.25 -3.95
O6 NAG VA . 53.90 19.20 -2.37
O7 NAG VA . 47.07 19.48 -6.38
C1 NAG WA . 53.01 -8.59 16.42
C2 NAG WA . 53.49 -8.76 17.92
C3 NAG WA . 54.16 -10.17 18.08
C4 NAG WA . 53.14 -11.28 17.68
C5 NAG WA . 52.67 -11.05 16.19
C6 NAG WA . 51.61 -12.05 15.72
C7 NAG WA . 55.08 -6.71 18.82
C8 NAG WA . 56.15 -5.91 18.12
N2 NAG WA . 54.43 -7.66 18.20
O3 NAG WA . 54.55 -10.33 19.45
O4 NAG WA . 53.77 -12.56 17.79
O5 NAG WA . 52.08 -9.68 16.07
O6 NAG WA . 51.36 -11.92 14.32
O7 NAG WA . 54.80 -6.45 20.00
C1 NAG XA . 63.71 7.83 7.12
C2 NAG XA . 64.14 6.35 6.74
C3 NAG XA . 65.15 6.41 5.53
C4 NAG XA . 64.44 7.12 4.32
C5 NAG XA . 63.98 8.56 4.76
C6 NAG XA . 63.21 9.35 3.67
C7 NAG XA . 65.25 4.82 8.74
C8 NAG XA . 65.69 5.21 10.13
N2 NAG XA . 64.73 5.72 7.93
O3 NAG XA . 65.51 5.07 5.15
O4 NAG XA . 65.38 7.22 3.24
O5 NAG XA . 63.08 8.47 5.95
O6 NAG XA . 62.46 8.55 2.76
O7 NAG XA . 65.36 3.65 8.36
C1 NAG YA . 45.76 -7.63 3.42
C2 NAG YA . 47.29 -7.27 3.22
C3 NAG YA . 47.63 -7.34 1.70
C4 NAG YA . 47.32 -8.77 1.15
C5 NAG YA . 45.80 -9.10 1.41
C6 NAG YA . 45.41 -10.52 0.98
C7 NAG YA . 48.07 -4.90 4.39
C8 NAG YA . 47.28 -3.65 4.68
N2 NAG YA . 47.51 -5.94 3.81
O3 NAG YA . 49.04 -7.05 1.52
O4 NAG YA . 47.59 -8.82 -0.24
O5 NAG YA . 45.50 -8.97 2.87
O6 NAG YA . 44.00 -10.73 1.03
O7 NAG YA . 49.28 -4.96 4.70
C1 NAG ZA . -26.05 -38.01 -6.81
C2 NAG ZA . -26.64 -39.48 -6.86
C3 NAG ZA . -27.75 -39.62 -5.77
C4 NAG ZA . -27.15 -39.31 -4.35
C5 NAG ZA . -26.55 -37.85 -4.37
C6 NAG ZA . -25.88 -37.46 -3.05
C7 NAG ZA . -27.29 -40.08 -9.46
C8 NAG ZA . -28.55 -39.82 -10.23
N2 NAG ZA . -27.20 -39.70 -8.20
O3 NAG ZA . -28.26 -40.97 -5.77
O4 NAG ZA . -28.18 -39.41 -3.36
O5 NAG ZA . -25.53 -37.75 -5.46
O6 NAG ZA . -25.75 -36.04 -2.93
O7 NAG ZA . -26.33 -40.64 -10.00
C1 NAG AB . -6.48 -23.87 38.70
C2 NAG AB . -6.30 -22.51 39.49
C3 NAG AB . -6.87 -22.68 40.94
C4 NAG AB . -8.39 -23.08 40.85
C5 NAG AB . -8.53 -24.40 40.02
C6 NAG AB . -9.97 -24.85 39.83
C7 NAG AB . -4.25 -21.32 38.71
C8 NAG AB . -2.78 -21.07 38.82
N2 NAG AB . -4.84 -22.20 39.54
O3 NAG AB . -6.74 -21.44 41.65
O4 NAG AB . -8.90 -23.28 42.18
O5 NAG AB . -7.92 -24.22 38.67
O6 NAG AB . -10.80 -23.84 39.24
O7 NAG AB . -4.89 -20.70 37.85
C1 NAG BB . 6.28 -43.49 3.98
C2 NAG BB . 6.29 -44.80 4.90
C3 NAG BB . 7.77 -45.31 5.02
C4 NAG BB . 8.35 -45.60 3.60
C5 NAG BB . 8.29 -44.29 2.74
C6 NAG BB . 8.77 -44.48 1.30
C7 NAG BB . 4.55 -44.70 6.71
C8 NAG BB . 4.12 -44.24 8.07
N2 NAG BB . 5.79 -44.42 6.26
O3 NAG BB . 7.79 -46.51 5.80
O4 NAG BB . 9.72 -46.03 3.72
O5 NAG BB . 6.87 -43.82 2.67
O6 NAG BB . 8.88 -43.23 0.61
O7 NAG BB . 3.74 -45.32 6.00
C1 NAG CB . 3.66 -44.04 41.64
C2 NAG CB . 4.26 -43.37 42.96
C3 NAG CB . 5.76 -42.99 42.68
C4 NAG CB . 6.57 -44.27 42.27
C5 NAG CB . 5.90 -44.91 41.00
C6 NAG CB . 6.59 -46.20 40.52
C7 NAG CB . 2.88 -41.13 43.78
C8 NAG CB . 1.66 -40.49 43.15
N2 NAG CB . 3.40 -42.21 43.24
O3 NAG CB . 6.31 -42.43 43.88
O4 NAG CB . 7.92 -43.90 41.98
O5 NAG CB . 4.47 -45.22 41.27
O6 NAG CB . 6.72 -47.18 41.55
O7 NAG CB . 3.38 -40.67 44.81
C1 NAG DB . -16.54 -40.20 43.36
C2 NAG DB . -16.80 -38.78 42.70
C3 NAG DB . -17.69 -37.93 43.68
C4 NAG DB . -19.05 -38.68 43.93
C5 NAG DB . -18.74 -40.11 44.52
C6 NAG DB . -20.01 -40.95 44.70
C7 NAG DB . -15.21 -37.33 41.40
C8 NAG DB . -16.18 -36.90 40.32
N2 NAG DB . -15.47 -38.15 42.43
O3 NAG DB . -17.95 -36.64 43.12
O4 NAG DB . -19.84 -37.93 44.84
O5 NAG DB . -17.85 -40.86 43.59
O6 NAG DB . -19.75 -42.17 45.41
O7 NAG DB . -14.05 -36.93 41.35
C1 NAG EB . 29.68 -19.16 40.23
C2 NAG EB . 30.64 -20.25 40.89
C3 NAG EB . 32.03 -19.58 41.19
C4 NAG EB . 32.65 -18.99 39.88
C5 NAG EB . 31.64 -17.94 39.27
C6 NAG EB . 32.08 -17.36 37.93
C7 NAG EB . 29.94 -22.00 42.52
C8 NAG EB . 29.28 -22.37 43.82
N2 NAG EB . 30.00 -20.71 42.15
O3 NAG EB . 32.92 -20.56 41.75
O4 NAG EB . 33.90 -18.37 40.17
O5 NAG EB . 30.33 -18.61 39.03
O6 NAG EB . 33.15 -16.43 38.08
O7 NAG EB . 30.43 -22.90 41.81
C1 NAG FB . 8.08 -25.18 32.03
C2 NAG FB . 7.36 -26.46 32.40
C3 NAG FB . 8.39 -27.40 32.95
C4 NAG FB . 9.44 -27.67 31.88
C5 NAG FB . 10.06 -26.35 31.54
C6 NAG FB . 11.21 -26.57 30.58
C7 NAG FB . 6.38 -27.11 34.48
C8 NAG FB . 5.27 -26.99 35.46
N2 NAG FB . 6.41 -26.23 33.47
O3 NAG FB . 7.75 -28.60 33.38
O4 NAG FB . 10.47 -28.56 32.34
O5 NAG FB . 9.07 -25.46 31.04
O6 NAG FB . 11.95 -27.66 31.14
O7 NAG FB . 7.23 -27.96 34.57
C1 NAG GB . 17.44 9.10 54.85
C2 NAG GB . 18.01 9.20 56.34
C3 NAG GB . 17.12 10.22 57.13
C4 NAG GB . 17.11 11.61 56.41
C5 NAG GB . 16.57 11.43 54.95
C6 NAG GB . 16.61 12.71 54.11
C7 NAG GB . 18.87 6.93 57.13
C8 NAG GB . 20.26 6.92 56.53
N2 NAG GB . 17.92 7.88 57.04
O3 NAG GB . 17.63 10.38 58.46
O4 NAG GB . 16.26 12.51 57.14
O5 NAG GB . 17.41 10.43 54.23
O6 NAG GB . 15.59 13.64 54.49
O7 NAG GB . 18.52 5.96 57.81
C1 NAG HB . 28.40 -7.47 57.73
C2 NAG HB . 29.63 -8.45 58.00
C3 NAG HB . 29.31 -9.30 59.28
C4 NAG HB . 29.09 -8.32 60.49
C5 NAG HB . 27.91 -7.34 60.15
C6 NAG HB . 27.66 -6.29 61.25
C7 NAG HB . 30.98 -9.32 56.07
C8 NAG HB . 31.09 -10.16 54.82
N2 NAG HB . 29.82 -9.29 56.78
O3 NAG HB . 30.42 -10.18 59.56
O4 NAG HB . 28.76 -9.09 61.65
O5 NAG HB . 28.20 -6.59 58.89
O6 NAG HB . 28.82 -5.50 61.55
O7 NAG HB . 31.97 -8.65 56.42
C1 NAG IB . 10.91 -2.08 46.89
C2 NAG IB . 11.05 -2.36 48.44
C3 NAG IB . 10.03 -3.48 48.86
C4 NAG IB . 8.58 -2.99 48.50
C5 NAG IB . 8.50 -2.66 46.97
C6 NAG IB . 7.13 -2.08 46.57
C7 NAG IB . 13.30 -1.99 49.46
C8 NAG IB . 14.74 -2.40 49.64
N2 NAG IB . 12.47 -2.74 48.70
O3 NAG IB . 10.13 -3.73 50.27
O4 NAG IB . 7.65 -4.02 48.83
O5 NAG IB . 9.53 -1.65 46.60
O6 NAG IB . 7.00 -1.97 45.16
O7 NAG IB . 12.93 -0.96 50.03
C1 NAG JB . 34.48 43.40 16.48
C2 NAG JB . 35.99 43.12 16.04
C3 NAG JB . 36.43 44.20 15.00
C4 NAG JB . 35.46 44.18 13.77
C5 NAG JB . 33.98 44.42 14.25
C6 NAG JB . 32.96 44.33 13.12
C7 NAG JB . 37.30 42.09 17.91
C8 NAG JB . 38.13 42.25 19.15
N2 NAG JB . 36.85 43.19 17.27
O3 NAG JB . 37.77 43.94 14.57
O4 NAG JB . 35.85 45.20 12.84
O5 NAG JB . 33.62 43.39 15.28
O6 NAG JB . 31.65 44.61 13.57
O7 NAG JB . 37.03 40.94 17.51
C1 NAG KB . 27.05 49.83 33.20
C2 NAG KB . 28.08 50.53 34.19
C3 NAG KB . 27.55 51.97 34.53
C4 NAG KB . 27.40 52.78 33.19
C5 NAG KB . 26.41 52.03 32.21
C6 NAG KB . 26.29 52.72 30.86
C7 NAG KB . 29.41 49.46 36.00
C8 NAG KB . 29.47 48.54 37.19
N2 NAG KB . 28.25 49.65 35.38
O3 NAG KB . 28.48 52.63 35.40
O4 NAG KB . 26.88 54.08 33.49
O5 NAG KB . 26.92 50.64 31.97
O6 NAG KB . 25.33 52.06 30.02
O7 NAG KB . 30.45 50.04 35.64
C1 NAG LB . 19.55 41.83 13.79
C2 NAG LB . 19.84 42.95 14.90
C3 NAG LB . 18.56 43.82 15.08
C4 NAG LB . 18.18 44.48 13.70
C5 NAG LB . 17.96 43.35 12.63
C6 NAG LB . 17.65 43.90 11.23
C7 NAG LB . 21.50 42.11 16.58
C8 NAG LB . 21.84 41.37 17.83
N2 NAG LB . 20.21 42.25 16.16
O3 NAG LB . 18.81 44.85 16.06
O4 NAG LB . 16.98 45.24 13.86
O5 NAG LB . 19.17 42.50 12.52
O6 NAG LB . 18.69 44.74 10.73
O7 NAG LB . 22.42 42.59 15.91
#